data_1HBK
# 
_entry.id   1HBK 
# 
_audit_conform.dict_name       mmcif_pdbx.dic 
_audit_conform.dict_version    5.391 
_audit_conform.dict_location   http://mmcif.pdb.org/dictionaries/ascii/mmcif_pdbx.dic 
# 
loop_
_database_2.database_id 
_database_2.database_code 
_database_2.pdbx_database_accession 
_database_2.pdbx_DOI 
PDB   1HBK         pdb_00001hbk 10.2210/pdb1hbk/pdb 
PDBE  EBI-6106     ?            ?                   
WWPDB D_1290006106 ?            ?                   
# 
loop_
_pdbx_audit_revision_history.ordinal 
_pdbx_audit_revision_history.data_content_type 
_pdbx_audit_revision_history.major_revision 
_pdbx_audit_revision_history.minor_revision 
_pdbx_audit_revision_history.revision_date 
1 'Structure model' 1 0 2001-05-15 
2 'Structure model' 1 1 2011-05-07 
3 'Structure model' 1 2 2011-07-13 
4 'Structure model' 1 3 2018-01-31 
5 'Structure model' 1 4 2019-07-24 
6 'Structure model' 1 5 2019-10-09 
7 'Structure model' 1 6 2024-05-08 
# 
_pdbx_audit_revision_details.ordinal             1 
_pdbx_audit_revision_details.revision_ordinal    1 
_pdbx_audit_revision_details.data_content_type   'Structure model' 
_pdbx_audit_revision_details.provider            repository 
_pdbx_audit_revision_details.type                'Initial release' 
_pdbx_audit_revision_details.description         ? 
_pdbx_audit_revision_details.details             ? 
# 
loop_
_pdbx_audit_revision_group.ordinal 
_pdbx_audit_revision_group.revision_ordinal 
_pdbx_audit_revision_group.data_content_type 
_pdbx_audit_revision_group.group 
1  2 'Structure model' 'Version format compliance' 
2  3 'Structure model' 'Version format compliance' 
3  4 'Structure model' Advisory                    
4  4 'Structure model' 'Database references'       
5  4 'Structure model' 'Structure summary'         
6  5 'Structure model' 'Data collection'           
7  6 'Structure model' 'Data collection'           
8  6 'Structure model' Other                       
9  7 'Structure model' Advisory                    
10 7 'Structure model' 'Data collection'           
11 7 'Structure model' 'Database references'       
12 7 'Structure model' 'Derived calculations'      
# 
loop_
_pdbx_audit_revision_category.ordinal 
_pdbx_audit_revision_category.revision_ordinal 
_pdbx_audit_revision_category.data_content_type 
_pdbx_audit_revision_category.category 
1  4 'Structure model' audit_author                 
2  4 'Structure model' citation                     
3  4 'Structure model' citation_author              
4  4 'Structure model' pdbx_unobs_or_zero_occ_atoms 
5  5 'Structure model' diffrn_source                
6  6 'Structure model' pdbx_database_status         
7  7 'Structure model' chem_comp_atom               
8  7 'Structure model' chem_comp_bond               
9  7 'Structure model' database_2                   
10 7 'Structure model' pdbx_struct_conn_angle       
11 7 'Structure model' pdbx_unobs_or_zero_occ_atoms 
12 7 'Structure model' struct_conn                  
# 
loop_
_pdbx_audit_revision_item.ordinal 
_pdbx_audit_revision_item.revision_ordinal 
_pdbx_audit_revision_item.data_content_type 
_pdbx_audit_revision_item.item 
1  4 'Structure model' '_audit_author.name'                          
2  4 'Structure model' '_citation.journal_abbrev'                    
3  4 'Structure model' '_citation.page_last'                         
4  4 'Structure model' '_citation.pdbx_database_id_DOI'              
5  4 'Structure model' '_citation.title'                             
6  4 'Structure model' '_citation_author.name'                       
7  5 'Structure model' '_diffrn_source.pdbx_synchrotron_site'        
8  6 'Structure model' '_pdbx_database_status.status_code_sf'        
9  7 'Structure model' '_database_2.pdbx_DOI'                        
10 7 'Structure model' '_database_2.pdbx_database_accession'         
11 7 'Structure model' '_pdbx_struct_conn_angle.ptnr1_auth_comp_id'  
12 7 'Structure model' '_pdbx_struct_conn_angle.ptnr1_auth_seq_id'   
13 7 'Structure model' '_pdbx_struct_conn_angle.ptnr1_label_asym_id' 
14 7 'Structure model' '_pdbx_struct_conn_angle.ptnr1_label_atom_id' 
15 7 'Structure model' '_pdbx_struct_conn_angle.ptnr1_label_comp_id' 
16 7 'Structure model' '_pdbx_struct_conn_angle.ptnr1_label_seq_id'  
17 7 'Structure model' '_pdbx_struct_conn_angle.ptnr1_symmetry'      
18 7 'Structure model' '_pdbx_struct_conn_angle.ptnr2_auth_seq_id'   
19 7 'Structure model' '_pdbx_struct_conn_angle.ptnr2_label_asym_id' 
20 7 'Structure model' '_pdbx_struct_conn_angle.ptnr3_auth_comp_id'  
21 7 'Structure model' '_pdbx_struct_conn_angle.ptnr3_auth_seq_id'   
22 7 'Structure model' '_pdbx_struct_conn_angle.ptnr3_label_asym_id' 
23 7 'Structure model' '_pdbx_struct_conn_angle.ptnr3_label_atom_id' 
24 7 'Structure model' '_pdbx_struct_conn_angle.ptnr3_label_comp_id' 
25 7 'Structure model' '_pdbx_struct_conn_angle.ptnr3_label_seq_id'  
26 7 'Structure model' '_pdbx_struct_conn_angle.ptnr3_symmetry'      
27 7 'Structure model' '_pdbx_struct_conn_angle.value'               
28 7 'Structure model' '_struct_conn.pdbx_dist_value'                
29 7 'Structure model' '_struct_conn.ptnr1_auth_comp_id'             
30 7 'Structure model' '_struct_conn.ptnr1_auth_seq_id'              
31 7 'Structure model' '_struct_conn.ptnr1_label_asym_id'            
32 7 'Structure model' '_struct_conn.ptnr1_label_atom_id'            
33 7 'Structure model' '_struct_conn.ptnr1_label_comp_id'            
34 7 'Structure model' '_struct_conn.ptnr1_label_seq_id'             
35 7 'Structure model' '_struct_conn.ptnr1_symmetry'                 
36 7 'Structure model' '_struct_conn.ptnr2_auth_comp_id'             
37 7 'Structure model' '_struct_conn.ptnr2_auth_seq_id'              
38 7 'Structure model' '_struct_conn.ptnr2_label_asym_id'            
39 7 'Structure model' '_struct_conn.ptnr2_label_atom_id'            
40 7 'Structure model' '_struct_conn.ptnr2_label_comp_id'            
41 7 'Structure model' '_struct_conn.ptnr2_label_seq_id'             
42 7 'Structure model' '_struct_conn.ptnr2_symmetry'                 
# 
_pdbx_database_status.status_code                     REL 
_pdbx_database_status.entry_id                        1HBK 
_pdbx_database_status.deposit_site                    PDBE 
_pdbx_database_status.process_site                    PDBE 
_pdbx_database_status.SG_entry                        . 
_pdbx_database_status.recvd_initial_deposition_date   2001-04-16 
_pdbx_database_status.pdb_format_compatible           Y 
_pdbx_database_status.status_code_sf                  REL 
_pdbx_database_status.status_code_mr                  ? 
_pdbx_database_status.status_code_cs                  ? 
_pdbx_database_status.methods_development_category    ? 
_pdbx_database_status.status_code_nmr_data            ? 
# 
_audit_author.name               'van Aalten, D.M.F.' 
_audit_author.pdbx_ordinal       1 
_audit_author.identifier_ORCID   ? 
# 
_citation.id                        primary 
_citation.title                     
'Binding site differences revealed by crystal structures of Plasmodium falciparum and bovine acyl-CoA binding protein.' 
_citation.journal_abbrev            'J. Mol. Biol.' 
_citation.journal_volume            309 
_citation.page_first                181 
_citation.page_last                 192 
_citation.year                      2001 
_citation.journal_id_ASTM           JMOBAK 
_citation.country                   UK 
_citation.journal_id_ISSN           0022-2836 
_citation.journal_id_CSD            0070 
_citation.book_publisher            ? 
_citation.pdbx_database_id_PubMed   11491287 
_citation.pdbx_database_id_DOI      10.1006/jmbi.2001.4749 
# 
loop_
_citation_author.citation_id 
_citation_author.name 
_citation_author.ordinal 
_citation_author.identifier_ORCID 
primary 'van Aalten, D.M.' 1 ? 
primary 'Milne, K.G.'      2 ? 
primary 'Zou, J.Y.'        3 ? 
primary 'Kleywegt, G.J.'   4 ? 
primary 'Bergfors, T.'     5 ? 
primary 'Ferguson, M.A.'   6 ? 
primary 'Knudsen, J.'      7 ? 
primary 'Jones, T.A.'      8 ? 
# 
loop_
_entity.id 
_entity.type 
_entity.src_method 
_entity.pdbx_description 
_entity.formula_weight 
_entity.pdbx_number_of_molecules 
_entity.pdbx_ec 
_entity.pdbx_mutation 
_entity.pdbx_fragment 
_entity.details 
1 polymer     man 'ACYL-COA BINDING PROTEIN' 10690.099 1  ? ? ? ? 
2 non-polymer syn 'COENZYME A'               767.534   1  ? ? ? ? 
3 non-polymer syn 'MYRISTIC ACID'            228.371   1  ? ? ? ? 
4 non-polymer syn 'NICKEL (II) ION'          58.693    2  ? ? ? ? 
5 water       nat water                      18.015    76 ? ? ? ? 
# 
_entity_name_com.entity_id   1 
_entity_name_com.name        ACBP 
# 
_entity_poly.entity_id                      1 
_entity_poly.type                           'polypeptide(L)' 
_entity_poly.nstd_linkage                   no 
_entity_poly.nstd_monomer                   no 
_entity_poly.pdbx_seq_one_letter_code       
;HMAQVFEECVSFINGLPRTINLPNELKLDLYKYYKQSTIGNCNIKEPSAHKYIDRKKYEAWKSVENLNREDAQKRYVDIV
SEIFPYWQD
;
_entity_poly.pdbx_seq_one_letter_code_can   
;HMAQVFEECVSFINGLPRTINLPNELKLDLYKYYKQSTIGNCNIKEPSAHKYIDRKKYEAWKSVENLNREDAQKRYVDIV
SEIFPYWQD
;
_entity_poly.pdbx_strand_id                 A 
_entity_poly.pdbx_target_identifier         ? 
# 
loop_
_pdbx_entity_nonpoly.entity_id 
_pdbx_entity_nonpoly.name 
_pdbx_entity_nonpoly.comp_id 
2 'COENZYME A'      COA 
3 'MYRISTIC ACID'   MYR 
4 'NICKEL (II) ION' NI  
5 water             HOH 
# 
loop_
_entity_poly_seq.entity_id 
_entity_poly_seq.num 
_entity_poly_seq.mon_id 
_entity_poly_seq.hetero 
1 1  HIS n 
1 2  MET n 
1 3  ALA n 
1 4  GLN n 
1 5  VAL n 
1 6  PHE n 
1 7  GLU n 
1 8  GLU n 
1 9  CYS n 
1 10 VAL n 
1 11 SER n 
1 12 PHE n 
1 13 ILE n 
1 14 ASN n 
1 15 GLY n 
1 16 LEU n 
1 17 PRO n 
1 18 ARG n 
1 19 THR n 
1 20 ILE n 
1 21 ASN n 
1 22 LEU n 
1 23 PRO n 
1 24 ASN n 
1 25 GLU n 
1 26 LEU n 
1 27 LYS n 
1 28 LEU n 
1 29 ASP n 
1 30 LEU n 
1 31 TYR n 
1 32 LYS n 
1 33 TYR n 
1 34 TYR n 
1 35 LYS n 
1 36 GLN n 
1 37 SER n 
1 38 THR n 
1 39 ILE n 
1 40 GLY n 
1 41 ASN n 
1 42 CYS n 
1 43 ASN n 
1 44 ILE n 
1 45 LYS n 
1 46 GLU n 
1 47 PRO n 
1 48 SER n 
1 49 ALA n 
1 50 HIS n 
1 51 LYS n 
1 52 TYR n 
1 53 ILE n 
1 54 ASP n 
1 55 ARG n 
1 56 LYS n 
1 57 LYS n 
1 58 TYR n 
1 59 GLU n 
1 60 ALA n 
1 61 TRP n 
1 62 LYS n 
1 63 SER n 
1 64 VAL n 
1 65 GLU n 
1 66 ASN n 
1 67 LEU n 
1 68 ASN n 
1 69 ARG n 
1 70 GLU n 
1 71 ASP n 
1 72 ALA n 
1 73 GLN n 
1 74 LYS n 
1 75 ARG n 
1 76 TYR n 
1 77 VAL n 
1 78 ASP n 
1 79 ILE n 
1 80 VAL n 
1 81 SER n 
1 82 GLU n 
1 83 ILE n 
1 84 PHE n 
1 85 PRO n 
1 86 TYR n 
1 87 TRP n 
1 88 GLN n 
1 89 ASP n 
# 
_entity_src_gen.entity_id                          1 
_entity_src_gen.pdbx_src_id                        1 
_entity_src_gen.pdbx_alt_source_flag               sample 
_entity_src_gen.pdbx_seq_type                      ? 
_entity_src_gen.pdbx_beg_seq_num                   ? 
_entity_src_gen.pdbx_end_seq_num                   ? 
_entity_src_gen.gene_src_common_name               ? 
_entity_src_gen.gene_src_genus                     ? 
_entity_src_gen.pdbx_gene_src_gene                 ? 
_entity_src_gen.gene_src_species                   ? 
_entity_src_gen.gene_src_strain                    ? 
_entity_src_gen.gene_src_tissue                    ? 
_entity_src_gen.gene_src_tissue_fraction           ? 
_entity_src_gen.gene_src_details                   ? 
_entity_src_gen.pdbx_gene_src_fragment             ? 
_entity_src_gen.pdbx_gene_src_scientific_name      'PLASMODIUM FALCIPARUM' 
_entity_src_gen.pdbx_gene_src_ncbi_taxonomy_id     5833 
_entity_src_gen.pdbx_gene_src_variant              ? 
_entity_src_gen.pdbx_gene_src_cell_line            ? 
_entity_src_gen.pdbx_gene_src_atcc                 ? 
_entity_src_gen.pdbx_gene_src_organ                ? 
_entity_src_gen.pdbx_gene_src_organelle            ? 
_entity_src_gen.pdbx_gene_src_cell                 ? 
_entity_src_gen.pdbx_gene_src_cellular_location    ? 
_entity_src_gen.host_org_common_name               ? 
_entity_src_gen.pdbx_host_org_scientific_name      'ESCHERICHIA COLI' 
_entity_src_gen.pdbx_host_org_ncbi_taxonomy_id     511693 
_entity_src_gen.host_org_genus                     ? 
_entity_src_gen.pdbx_host_org_gene                 ? 
_entity_src_gen.pdbx_host_org_organ                ? 
_entity_src_gen.host_org_species                   ? 
_entity_src_gen.pdbx_host_org_tissue               ? 
_entity_src_gen.pdbx_host_org_tissue_fraction      ? 
_entity_src_gen.pdbx_host_org_strain               BL21 
_entity_src_gen.pdbx_host_org_variant              ? 
_entity_src_gen.pdbx_host_org_cell_line            ? 
_entity_src_gen.pdbx_host_org_atcc                 ? 
_entity_src_gen.pdbx_host_org_culture_collection   ? 
_entity_src_gen.pdbx_host_org_cell                 ? 
_entity_src_gen.pdbx_host_org_organelle            ? 
_entity_src_gen.pdbx_host_org_cellular_location    ? 
_entity_src_gen.pdbx_host_org_vector_type          ? 
_entity_src_gen.pdbx_host_org_vector               ? 
_entity_src_gen.host_org_details                   ? 
_entity_src_gen.expression_system_id               ? 
_entity_src_gen.plasmid_name                       ? 
_entity_src_gen.plasmid_details                    ? 
_entity_src_gen.pdbx_description                   ? 
# 
loop_
_chem_comp.id 
_chem_comp.type 
_chem_comp.mon_nstd_flag 
_chem_comp.name 
_chem_comp.pdbx_synonyms 
_chem_comp.formula 
_chem_comp.formula_weight 
ALA 'L-peptide linking' y ALANINE           ? 'C3 H7 N O2'          89.093  
ARG 'L-peptide linking' y ARGININE          ? 'C6 H15 N4 O2 1'      175.209 
ASN 'L-peptide linking' y ASPARAGINE        ? 'C4 H8 N2 O3'         132.118 
ASP 'L-peptide linking' y 'ASPARTIC ACID'   ? 'C4 H7 N O4'          133.103 
COA non-polymer         . 'COENZYME A'      ? 'C21 H36 N7 O16 P3 S' 767.534 
CYS 'L-peptide linking' y CYSTEINE          ? 'C3 H7 N O2 S'        121.158 
GLN 'L-peptide linking' y GLUTAMINE         ? 'C5 H10 N2 O3'        146.144 
GLU 'L-peptide linking' y 'GLUTAMIC ACID'   ? 'C5 H9 N O4'          147.129 
GLY 'peptide linking'   y GLYCINE           ? 'C2 H5 N O2'          75.067  
HIS 'L-peptide linking' y HISTIDINE         ? 'C6 H10 N3 O2 1'      156.162 
HOH non-polymer         . WATER             ? 'H2 O'                18.015  
ILE 'L-peptide linking' y ISOLEUCINE        ? 'C6 H13 N O2'         131.173 
LEU 'L-peptide linking' y LEUCINE           ? 'C6 H13 N O2'         131.173 
LYS 'L-peptide linking' y LYSINE            ? 'C6 H15 N2 O2 1'      147.195 
MET 'L-peptide linking' y METHIONINE        ? 'C5 H11 N O2 S'       149.211 
MYR non-polymer         . 'MYRISTIC ACID'   ? 'C14 H28 O2'          228.371 
NI  non-polymer         . 'NICKEL (II) ION' ? 'Ni 2'                58.693  
PHE 'L-peptide linking' y PHENYLALANINE     ? 'C9 H11 N O2'         165.189 
PRO 'L-peptide linking' y PROLINE           ? 'C5 H9 N O2'          115.130 
SER 'L-peptide linking' y SERINE            ? 'C3 H7 N O3'          105.093 
THR 'L-peptide linking' y THREONINE         ? 'C4 H9 N O3'          119.119 
TRP 'L-peptide linking' y TRYPTOPHAN        ? 'C11 H12 N2 O2'       204.225 
TYR 'L-peptide linking' y TYROSINE          ? 'C9 H11 N O3'         181.189 
VAL 'L-peptide linking' y VALINE            ? 'C5 H11 N O2'         117.146 
# 
loop_
_pdbx_poly_seq_scheme.asym_id 
_pdbx_poly_seq_scheme.entity_id 
_pdbx_poly_seq_scheme.seq_id 
_pdbx_poly_seq_scheme.mon_id 
_pdbx_poly_seq_scheme.ndb_seq_num 
_pdbx_poly_seq_scheme.pdb_seq_num 
_pdbx_poly_seq_scheme.auth_seq_num 
_pdbx_poly_seq_scheme.pdb_mon_id 
_pdbx_poly_seq_scheme.auth_mon_id 
_pdbx_poly_seq_scheme.pdb_strand_id 
_pdbx_poly_seq_scheme.pdb_ins_code 
_pdbx_poly_seq_scheme.hetero 
A 1 1  HIS 1  0  0  HIS HIS A . n 
A 1 2  MET 2  1  1  MET MET A . n 
A 1 3  ALA 3  2  2  ALA ALA A . n 
A 1 4  GLN 4  3  3  GLN GLN A . n 
A 1 5  VAL 5  4  4  VAL VAL A . n 
A 1 6  PHE 6  5  5  PHE PHE A . n 
A 1 7  GLU 7  6  6  GLU GLU A . n 
A 1 8  GLU 8  7  7  GLU GLU A . n 
A 1 9  CYS 9  8  8  CYS CYS A . n 
A 1 10 VAL 10 9  9  VAL VAL A . n 
A 1 11 SER 11 10 10 SER SER A . n 
A 1 12 PHE 12 11 11 PHE PHE A . n 
A 1 13 ILE 13 12 12 ILE ILE A . n 
A 1 14 ASN 14 13 13 ASN ASN A . n 
A 1 15 GLY 15 14 14 GLY GLY A . n 
A 1 16 LEU 16 15 15 LEU LEU A . n 
A 1 17 PRO 17 16 16 PRO PRO A . n 
A 1 18 ARG 18 17 17 ARG ARG A . n 
A 1 19 THR 19 18 18 THR THR A . n 
A 1 20 ILE 20 19 19 ILE ILE A . n 
A 1 21 ASN 21 20 20 ASN ASN A . n 
A 1 22 LEU 22 21 21 LEU LEU A . n 
A 1 23 PRO 23 22 22 PRO PRO A . n 
A 1 24 ASN 24 23 23 ASN ASN A . n 
A 1 25 GLU 25 24 24 GLU GLU A . n 
A 1 26 LEU 26 25 25 LEU LEU A . n 
A 1 27 LYS 27 26 26 LYS LYS A . n 
A 1 28 LEU 28 27 27 LEU LEU A . n 
A 1 29 ASP 29 28 28 ASP ASP A . n 
A 1 30 LEU 30 29 29 LEU LEU A . n 
A 1 31 TYR 31 30 30 TYR TYR A . n 
A 1 32 LYS 32 31 31 LYS LYS A . n 
A 1 33 TYR 33 32 32 TYR TYR A . n 
A 1 34 TYR 34 33 33 TYR TYR A . n 
A 1 35 LYS 35 34 34 LYS LYS A . n 
A 1 36 GLN 36 35 35 GLN GLN A . n 
A 1 37 SER 37 36 36 SER SER A . n 
A 1 38 THR 38 37 37 THR THR A . n 
A 1 39 ILE 39 38 38 ILE ILE A . n 
A 1 40 GLY 40 39 39 GLY GLY A . n 
A 1 41 ASN 41 40 40 ASN ASN A . n 
A 1 42 CYS 42 41 41 CYS CYS A . n 
A 1 43 ASN 43 42 42 ASN ASN A . n 
A 1 44 ILE 44 43 43 ILE ILE A . n 
A 1 45 LYS 45 44 44 LYS LYS A . n 
A 1 46 GLU 46 45 45 GLU GLU A . n 
A 1 47 PRO 47 46 46 PRO PRO A . n 
A 1 48 SER 48 47 47 SER SER A . n 
A 1 49 ALA 49 48 48 ALA ALA A . n 
A 1 50 HIS 50 49 49 HIS HIS A . n 
A 1 51 LYS 51 50 50 LYS LYS A . n 
A 1 52 TYR 52 51 51 TYR TYR A . n 
A 1 53 ILE 53 52 52 ILE ILE A . n 
A 1 54 ASP 54 53 53 ASP ASP A . n 
A 1 55 ARG 55 54 54 ARG ARG A . n 
A 1 56 LYS 56 55 55 LYS LYS A . n 
A 1 57 LYS 57 56 56 LYS LYS A . n 
A 1 58 TYR 58 57 57 TYR TYR A . n 
A 1 59 GLU 59 58 58 GLU GLU A . n 
A 1 60 ALA 60 59 59 ALA ALA A . n 
A 1 61 TRP 61 60 60 TRP TRP A . n 
A 1 62 LYS 62 61 61 LYS LYS A . n 
A 1 63 SER 63 62 62 SER SER A . n 
A 1 64 VAL 64 63 63 VAL VAL A . n 
A 1 65 GLU 65 64 64 GLU GLU A . n 
A 1 66 ASN 66 65 65 ASN ASN A . n 
A 1 67 LEU 67 66 66 LEU LEU A . n 
A 1 68 ASN 68 67 67 ASN ASN A . n 
A 1 69 ARG 69 68 68 ARG ARG A . n 
A 1 70 GLU 70 69 69 GLU GLU A . n 
A 1 71 ASP 71 70 70 ASP ASP A . n 
A 1 72 ALA 72 71 71 ALA ALA A . n 
A 1 73 GLN 73 72 72 GLN GLN A . n 
A 1 74 LYS 74 73 73 LYS LYS A . n 
A 1 75 ARG 75 74 74 ARG ARG A . n 
A 1 76 TYR 76 75 75 TYR TYR A . n 
A 1 77 VAL 77 76 76 VAL VAL A . n 
A 1 78 ASP 78 77 77 ASP ASP A . n 
A 1 79 ILE 79 78 78 ILE ILE A . n 
A 1 80 VAL 80 79 79 VAL VAL A . n 
A 1 81 SER 81 80 80 SER SER A . n 
A 1 82 GLU 82 81 81 GLU GLU A . n 
A 1 83 ILE 83 82 82 ILE ILE A . n 
A 1 84 PHE 84 83 83 PHE PHE A . n 
A 1 85 PRO 85 84 84 PRO PRO A . n 
A 1 86 TYR 86 85 85 TYR TYR A . n 
A 1 87 TRP 87 86 86 TRP TRP A . n 
A 1 88 GLN 88 87 87 GLN GLN A . n 
A 1 89 ASP 89 88 88 ASP ASP A . n 
# 
loop_
_pdbx_nonpoly_scheme.asym_id 
_pdbx_nonpoly_scheme.entity_id 
_pdbx_nonpoly_scheme.mon_id 
_pdbx_nonpoly_scheme.ndb_seq_num 
_pdbx_nonpoly_scheme.pdb_seq_num 
_pdbx_nonpoly_scheme.auth_seq_num 
_pdbx_nonpoly_scheme.pdb_mon_id 
_pdbx_nonpoly_scheme.auth_mon_id 
_pdbx_nonpoly_scheme.pdb_strand_id 
_pdbx_nonpoly_scheme.pdb_ins_code 
B 2 COA 1  1089 1089 COA COA A . 
C 3 MYR 1  1090 1090 MYR MYR A . 
D 4 NI  1  1091 1091 NI  NI  A . 
E 4 NI  1  1092 1092 NI  NI  A . 
F 5 HOH 1  2001 2001 HOH HOH A . 
F 5 HOH 2  2002 2002 HOH HOH A . 
F 5 HOH 3  2003 2003 HOH HOH A . 
F 5 HOH 4  2004 2004 HOH HOH A . 
F 5 HOH 5  2005 2005 HOH HOH A . 
F 5 HOH 6  2006 2006 HOH HOH A . 
F 5 HOH 7  2007 2007 HOH HOH A . 
F 5 HOH 8  2008 2008 HOH HOH A . 
F 5 HOH 9  2009 2009 HOH HOH A . 
F 5 HOH 10 2010 2010 HOH HOH A . 
F 5 HOH 11 2011 2011 HOH HOH A . 
F 5 HOH 12 2012 2012 HOH HOH A . 
F 5 HOH 13 2013 2013 HOH HOH A . 
F 5 HOH 14 2014 2014 HOH HOH A . 
F 5 HOH 15 2015 2015 HOH HOH A . 
F 5 HOH 16 2016 2016 HOH HOH A . 
F 5 HOH 17 2017 2017 HOH HOH A . 
F 5 HOH 18 2018 2018 HOH HOH A . 
F 5 HOH 19 2019 2019 HOH HOH A . 
F 5 HOH 20 2020 2020 HOH HOH A . 
F 5 HOH 21 2021 2021 HOH HOH A . 
F 5 HOH 22 2022 2022 HOH HOH A . 
F 5 HOH 23 2023 2023 HOH HOH A . 
F 5 HOH 24 2024 2024 HOH HOH A . 
F 5 HOH 25 2025 2025 HOH HOH A . 
F 5 HOH 26 2026 2026 HOH HOH A . 
F 5 HOH 27 2027 2027 HOH HOH A . 
F 5 HOH 28 2028 2028 HOH HOH A . 
F 5 HOH 29 2029 2029 HOH HOH A . 
F 5 HOH 30 2030 2030 HOH HOH A . 
F 5 HOH 31 2031 2031 HOH HOH A . 
F 5 HOH 32 2032 2032 HOH HOH A . 
F 5 HOH 33 2033 2033 HOH HOH A . 
F 5 HOH 34 2034 2034 HOH HOH A . 
F 5 HOH 35 2035 2035 HOH HOH A . 
F 5 HOH 36 2036 2036 HOH HOH A . 
F 5 HOH 37 2037 2037 HOH HOH A . 
F 5 HOH 38 2038 2038 HOH HOH A . 
F 5 HOH 39 2039 2039 HOH HOH A . 
F 5 HOH 40 2040 2040 HOH HOH A . 
F 5 HOH 41 2041 2041 HOH HOH A . 
F 5 HOH 42 2042 2042 HOH HOH A . 
F 5 HOH 43 2043 2043 HOH HOH A . 
F 5 HOH 44 2044 2044 HOH HOH A . 
F 5 HOH 45 2045 2045 HOH HOH A . 
F 5 HOH 46 2046 2046 HOH HOH A . 
F 5 HOH 47 2047 2047 HOH HOH A . 
F 5 HOH 48 2048 2048 HOH HOH A . 
F 5 HOH 49 2049 2049 HOH HOH A . 
F 5 HOH 50 2050 2050 HOH HOH A . 
F 5 HOH 51 2051 2051 HOH HOH A . 
F 5 HOH 52 2052 2052 HOH HOH A . 
F 5 HOH 53 2053 2053 HOH HOH A . 
F 5 HOH 54 2054 2054 HOH HOH A . 
F 5 HOH 55 2055 2055 HOH HOH A . 
F 5 HOH 56 2056 2056 HOH HOH A . 
F 5 HOH 57 2057 2057 HOH HOH A . 
F 5 HOH 58 2058 2058 HOH HOH A . 
F 5 HOH 59 2059 2059 HOH HOH A . 
F 5 HOH 60 2060 2060 HOH HOH A . 
F 5 HOH 61 2061 2061 HOH HOH A . 
F 5 HOH 62 2062 2062 HOH HOH A . 
F 5 HOH 63 2063 2063 HOH HOH A . 
F 5 HOH 64 2064 2064 HOH HOH A . 
F 5 HOH 65 2065 2065 HOH HOH A . 
F 5 HOH 66 2066 2066 HOH HOH A . 
F 5 HOH 67 2067 2067 HOH HOH A . 
F 5 HOH 68 2068 2068 HOH HOH A . 
F 5 HOH 69 2069 2069 HOH HOH A . 
F 5 HOH 70 2070 2070 HOH HOH A . 
F 5 HOH 71 2071 2071 HOH HOH A . 
F 5 HOH 72 2072 2072 HOH HOH A . 
F 5 HOH 73 2073 2073 HOH HOH A . 
F 5 HOH 74 2074 2074 HOH HOH A . 
F 5 HOH 75 2075 2075 HOH HOH A . 
F 5 HOH 76 2076 2076 HOH HOH A . 
# 
loop_
_pdbx_unobs_or_zero_occ_atoms.id 
_pdbx_unobs_or_zero_occ_atoms.PDB_model_num 
_pdbx_unobs_or_zero_occ_atoms.polymer_flag 
_pdbx_unobs_or_zero_occ_atoms.occupancy_flag 
_pdbx_unobs_or_zero_occ_atoms.auth_asym_id 
_pdbx_unobs_or_zero_occ_atoms.auth_comp_id 
_pdbx_unobs_or_zero_occ_atoms.auth_seq_id 
_pdbx_unobs_or_zero_occ_atoms.PDB_ins_code 
_pdbx_unobs_or_zero_occ_atoms.auth_atom_id 
_pdbx_unobs_or_zero_occ_atoms.label_alt_id 
_pdbx_unobs_or_zero_occ_atoms.label_asym_id 
_pdbx_unobs_or_zero_occ_atoms.label_comp_id 
_pdbx_unobs_or_zero_occ_atoms.label_seq_id 
_pdbx_unobs_or_zero_occ_atoms.label_atom_id 
1  1 Y 0 A LYS 44   ? CG  ? A LYS 45 CG  
2  1 Y 0 A LYS 44   ? CD  ? A LYS 45 CD  
3  1 Y 0 A LYS 44   ? CE  ? A LYS 45 CE  
4  1 Y 0 A LYS 44   ? NZ  ? A LYS 45 NZ  
5  1 Y 0 A LYS 50   ? NZ  ? A LYS 51 NZ  
6  1 N 1 A COA 1089 ? CBP ? B COA 1  CBP 
7  1 N 1 A COA 1089 ? CCP ? B COA 1  CCP 
8  1 N 1 A COA 1089 ? CDP ? B COA 1  CDP 
9  1 N 1 A COA 1089 ? CEP ? B COA 1  CEP 
10 1 N 1 A COA 1089 ? CAP ? B COA 1  CAP 
11 1 N 1 A COA 1089 ? OAP ? B COA 1  OAP 
12 1 N 1 A COA 1089 ? C9P ? B COA 1  C9P 
13 1 N 1 A COA 1089 ? O9P ? B COA 1  O9P 
14 1 N 1 A COA 1089 ? N8P ? B COA 1  N8P 
15 1 N 1 A COA 1089 ? C7P ? B COA 1  C7P 
16 1 N 1 A COA 1089 ? C6P ? B COA 1  C6P 
17 1 N 1 A COA 1089 ? C5P ? B COA 1  C5P 
18 1 N 1 A COA 1089 ? O5P ? B COA 1  O5P 
19 1 N 1 A COA 1089 ? N4P ? B COA 1  N4P 
20 1 N 1 A COA 1089 ? C3P ? B COA 1  C3P 
21 1 N 1 A COA 1089 ? C2P ? B COA 1  C2P 
22 1 N 1 A COA 1089 ? S1P ? B COA 1  S1P 
23 1 N 1 A MYR 1090 ? O1  ? C MYR 1  O1  
24 1 N 1 A MYR 1090 ? O2  ? C MYR 1  O2  
25 1 N 1 A MYR 1090 ? C13 ? C MYR 1  C13 
26 1 N 1 A MYR 1090 ? C14 ? C MYR 1  C14 
# 
loop_
_software.name 
_software.classification 
_software.version 
_software.citation_id 
_software.pdbx_ordinal 
_software.date 
_software.type 
_software.location 
_software.language 
CNS       refinement       0.9 ? 1 ? ? ? ? 
DENZO     'data reduction' .   ? 2 ? ? ? ? 
SCALEPACK 'data scaling'   .   ? 3 ? ? ? ? 
AMoRE     phasing          .   ? 4 ? ? ? ? 
# 
_cell.entry_id           1HBK 
_cell.length_a           48.665 
_cell.length_b           48.665 
_cell.length_c           48.411 
_cell.angle_alpha        90.00 
_cell.angle_beta         90.00 
_cell.angle_gamma        90.00 
_cell.Z_PDB              4 
_cell.pdbx_unique_axis   ? 
# 
_symmetry.entry_id                         1HBK 
_symmetry.space_group_name_H-M             'P 43' 
_symmetry.pdbx_full_space_group_name_H-M   ? 
_symmetry.cell_setting                     ? 
_symmetry.Int_Tables_number                78 
# 
_exptl.entry_id          1HBK 
_exptl.method            'X-RAY DIFFRACTION' 
_exptl.crystals_number   1 
# 
_exptl_crystal.id                    1 
_exptl_crystal.density_meas          ? 
_exptl_crystal.density_Matthews      2.6 
_exptl_crystal.density_percent_sol   54.13 
_exptl_crystal.description           ? 
_exptl_crystal.preparation           ? 
# 
_exptl_crystal_grow.crystal_id      1 
_exptl_crystal_grow.method          ? 
_exptl_crystal_grow.temp            ? 
_exptl_crystal_grow.temp_details    ? 
_exptl_crystal_grow.pH              8.50 
_exptl_crystal_grow.pdbx_pH_range   ? 
_exptl_crystal_grow.pdbx_details    'pH 8.50' 
# 
_diffrn.id                     1 
_diffrn.ambient_temp           100.0 
_diffrn.ambient_temp_details   ? 
_diffrn.crystal_id             1 
# 
_diffrn_detector.diffrn_id              1 
_diffrn_detector.detector               ? 
_diffrn_detector.type                   ? 
_diffrn_detector.pdbx_collection_date   1999-11-15 
_diffrn_detector.details                ? 
# 
_diffrn_radiation.diffrn_id                        1 
_diffrn_radiation.wavelength_id                    1 
_diffrn_radiation.pdbx_monochromatic_or_laue_m_l   M 
_diffrn_radiation.monochromator                    ? 
_diffrn_radiation.pdbx_diffrn_protocol             'SINGLE WAVELENGTH' 
_diffrn_radiation.pdbx_scattering_type             x-ray 
# 
_diffrn_radiation_wavelength.id           1 
_diffrn_radiation_wavelength.wavelength   1 
_diffrn_radiation_wavelength.wt           1.0 
# 
_diffrn_source.diffrn_id                   1 
_diffrn_source.source                      SYNCHROTRON 
_diffrn_source.type                        'EMBL/DESY, HAMBURG BEAMLINE BW7A' 
_diffrn_source.pdbx_synchrotron_site       'EMBL/DESY, HAMBURG' 
_diffrn_source.pdbx_synchrotron_beamline   BW7A 
_diffrn_source.pdbx_wavelength             1 
_diffrn_source.pdbx_wavelength_list        ? 
# 
_reflns.pdbx_diffrn_id               1 
_reflns.pdbx_ordinal                 1 
_reflns.entry_id                     1HBK 
_reflns.observed_criterion_sigma_I   ? 
_reflns.observed_criterion_sigma_F   ? 
_reflns.d_resolution_low             30.000 
_reflns.d_resolution_high            1.900 
_reflns.number_obs                   28928 
_reflns.number_all                   ? 
_reflns.percent_possible_obs         99.7 
_reflns.pdbx_Rmerge_I_obs            0.06200 
_reflns.pdbx_Rsym_value              ? 
_reflns.pdbx_netI_over_sigmaI        15.1000 
_reflns.B_iso_Wilson_estimate        22.7 
_reflns.pdbx_redundancy              3.200 
# 
_reflns_shell.pdbx_diffrn_id         1 
_reflns_shell.pdbx_ordinal           1 
_reflns_shell.d_res_high             1.90 
_reflns_shell.d_res_low              1.97 
_reflns_shell.percent_possible_all   99.6 
_reflns_shell.Rmerge_I_obs           0.71000 
_reflns_shell.pdbx_Rsym_value        ? 
_reflns_shell.meanI_over_sigI_obs    1.900 
_reflns_shell.pdbx_redundancy        ? 
# 
_refine.pdbx_refine_id                           'X-RAY DIFFRACTION' 
_refine.entry_id                                 1HBK 
_refine.pdbx_diffrn_id                           1 
_refine.pdbx_TLS_residual_ADP_flag               ? 
_refine.ls_number_reflns_obs                     7714 
_refine.ls_number_reflns_all                     ? 
_refine.pdbx_ls_sigma_I                          ? 
_refine.pdbx_ls_sigma_F                          0.0 
_refine.pdbx_data_cutoff_high_absF               798970.32 
_refine.pdbx_data_cutoff_low_absF                ? 
_refine.pdbx_data_cutoff_high_rms_absF           ? 
_refine.ls_d_res_low                             19.85 
_refine.ls_d_res_high                            2.00 
_refine.ls_percent_reflns_obs                    99.7 
_refine.ls_R_factor_obs                          0.198 
_refine.ls_R_factor_all                          ? 
_refine.ls_R_factor_R_work                       0.198 
_refine.ls_R_factor_R_free                       0.237 
_refine.ls_R_factor_R_free_error                 0.011 
_refine.ls_R_factor_R_free_error_details         ? 
_refine.ls_percent_reflns_R_free                 6.4 
_refine.ls_number_reflns_R_free                  497 
_refine.ls_number_parameters                     ? 
_refine.ls_number_restraints                     ? 
_refine.occupancy_min                            ? 
_refine.occupancy_max                            ? 
_refine.correlation_coeff_Fo_to_Fc               ? 
_refine.correlation_coeff_Fo_to_Fc_free          ? 
_refine.B_iso_mean                               34.2 
_refine.aniso_B[1][1]                            -0.06 
_refine.aniso_B[2][2]                            -0.06 
_refine.aniso_B[3][3]                            0.12 
_refine.aniso_B[1][2]                            0.00 
_refine.aniso_B[1][3]                            0.00 
_refine.aniso_B[2][3]                            0.00 
_refine.solvent_model_details                    'FLAT MODEL' 
_refine.solvent_model_param_ksol                 0.356273 
_refine.solvent_model_param_bsol                 61.6614 
_refine.pdbx_solvent_vdw_probe_radii             ? 
_refine.pdbx_solvent_ion_probe_radii             ? 
_refine.pdbx_solvent_shrinkage_radii             ? 
_refine.pdbx_ls_cross_valid_method               THROUGHOUT 
_refine.details                                  ? 
_refine.pdbx_starting_model                      ? 
_refine.pdbx_method_to_determine_struct          'MOLECULAR REPLACEMENT' 
_refine.pdbx_isotropic_thermal_model             RESTRAINED 
_refine.pdbx_stereochemistry_target_values       ? 
_refine.pdbx_stereochem_target_val_spec_case     ? 
_refine.pdbx_R_Free_selection_details            RANDOM 
_refine.pdbx_overall_ESU_R                       ? 
_refine.pdbx_overall_ESU_R_Free                  ? 
_refine.overall_SU_ML                            ? 
_refine.pdbx_overall_phase_error                 ? 
_refine.overall_SU_B                             ? 
_refine.overall_SU_R_Cruickshank_DPI             ? 
_refine.pdbx_overall_SU_R_free_Cruickshank_DPI   ? 
_refine.pdbx_overall_SU_R_Blow_DPI               ? 
_refine.pdbx_overall_SU_R_free_Blow_DPI          ? 
# 
_refine_analyze.pdbx_refine_id                  'X-RAY DIFFRACTION' 
_refine_analyze.entry_id                        1HBK 
_refine_analyze.Luzzati_coordinate_error_obs    0.23 
_refine_analyze.Luzzati_sigma_a_obs             0.23 
_refine_analyze.Luzzati_d_res_low_obs           5.00 
_refine_analyze.Luzzati_coordinate_error_free   0.30 
_refine_analyze.Luzzati_sigma_a_free            0.25 
_refine_analyze.Luzzati_d_res_low_free          ? 
_refine_analyze.number_disordered_residues      ? 
_refine_analyze.occupancy_sum_hydrogen          ? 
_refine_analyze.occupancy_sum_non_hydrogen      ? 
# 
_refine_hist.pdbx_refine_id                   'X-RAY DIFFRACTION' 
_refine_hist.cycle_id                         LAST 
_refine_hist.pdbx_number_atoms_protein        754 
_refine_hist.pdbx_number_atoms_nucleic_acid   0 
_refine_hist.pdbx_number_atoms_ligand         45 
_refine_hist.number_atoms_solvent             76 
_refine_hist.number_atoms_total               875 
_refine_hist.d_res_high                       2.00 
_refine_hist.d_res_low                        19.85 
# 
loop_
_refine_ls_restr.type 
_refine_ls_restr.dev_ideal 
_refine_ls_restr.dev_ideal_target 
_refine_ls_restr.weight 
_refine_ls_restr.number 
_refine_ls_restr.pdbx_refine_id 
_refine_ls_restr.pdbx_restraint_function 
c_bond_d                0.010 ?    ? ? 'X-RAY DIFFRACTION' ? 
c_bond_d_na             ?     ?    ? ? 'X-RAY DIFFRACTION' ? 
c_bond_d_prot           ?     ?    ? ? 'X-RAY DIFFRACTION' ? 
c_angle_d               ?     ?    ? ? 'X-RAY DIFFRACTION' ? 
c_angle_d_na            ?     ?    ? ? 'X-RAY DIFFRACTION' ? 
c_angle_d_prot          ?     ?    ? ? 'X-RAY DIFFRACTION' ? 
c_angle_deg             1.5   ?    ? ? 'X-RAY DIFFRACTION' ? 
c_angle_deg_na          ?     ?    ? ? 'X-RAY DIFFRACTION' ? 
c_angle_deg_prot        ?     ?    ? ? 'X-RAY DIFFRACTION' ? 
c_dihedral_angle_d      20.8  ?    ? ? 'X-RAY DIFFRACTION' ? 
c_dihedral_angle_d_na   ?     ?    ? ? 'X-RAY DIFFRACTION' ? 
c_dihedral_angle_d_prot ?     ?    ? ? 'X-RAY DIFFRACTION' ? 
c_improper_angle_d      0.99  ?    ? ? 'X-RAY DIFFRACTION' ? 
c_improper_angle_d_na   ?     ?    ? ? 'X-RAY DIFFRACTION' ? 
c_improper_angle_d_prot ?     ?    ? ? 'X-RAY DIFFRACTION' ? 
c_mcbond_it             1.57  1.50 ? ? 'X-RAY DIFFRACTION' ? 
c_mcangle_it            2.35  2.00 ? ? 'X-RAY DIFFRACTION' ? 
c_scbond_it             2.25  2.00 ? ? 'X-RAY DIFFRACTION' ? 
c_scangle_it            3.34  2.50 ? ? 'X-RAY DIFFRACTION' ? 
# 
_refine_ls_shell.pdbx_refine_id                   'X-RAY DIFFRACTION' 
_refine_ls_shell.pdbx_total_number_of_bins_used   6 
_refine_ls_shell.d_res_high                       2.00 
_refine_ls_shell.d_res_low                        2.13 
_refine_ls_shell.number_reflns_R_work             1194 
_refine_ls_shell.R_factor_R_work                  0.261 
_refine_ls_shell.percent_reflns_obs               99.1 
_refine_ls_shell.R_factor_R_free                  0.273 
_refine_ls_shell.R_factor_R_free_error            0.031 
_refine_ls_shell.percent_reflns_R_free            6.0 
_refine_ls_shell.number_reflns_R_free             76 
_refine_ls_shell.number_reflns_all                ? 
_refine_ls_shell.R_factor_all                     ? 
# 
loop_
_pdbx_xplor_file.pdbx_refine_id 
_pdbx_xplor_file.serial_no 
_pdbx_xplor_file.param_file 
_pdbx_xplor_file.topol_file 
'X-RAY DIFFRACTION' 1 PROTEIN_REP.PARAM PROTEIN.TOP 
'X-RAY DIFFRACTION' 2 WATER_REP.PARAM   WATER.TOP   
'X-RAY DIFFRACTION' 3 COA.PAR           COA.TOP     
'X-RAY DIFFRACTION' 4 ION.PARAM         ION.TOP     
# 
_struct.entry_id                  1HBK 
_struct.title                     'Acyl-CoA binding protein from Plasmodium falciparum' 
_struct.pdbx_model_details        ? 
_struct.pdbx_CASP_flag            ? 
_struct.pdbx_model_type_details   ? 
# 
_struct_keywords.entry_id        1HBK 
_struct_keywords.pdbx_keywords   'FATTY ACID METABOLISM' 
_struct_keywords.text            'FATTY ACID METABOLISM' 
# 
loop_
_struct_asym.id 
_struct_asym.pdbx_blank_PDB_chainid_flag 
_struct_asym.pdbx_modified 
_struct_asym.entity_id 
_struct_asym.details 
A N N 1 ? 
B N N 2 ? 
C N N 3 ? 
D N N 4 ? 
E N N 4 ? 
F N N 5 ? 
# 
loop_
_struct_ref.id 
_struct_ref.db_name 
_struct_ref.db_code 
_struct_ref.entity_id 
_struct_ref.pdbx_seq_one_letter_code 
_struct_ref.pdbx_align_begin 
_struct_ref.pdbx_db_accession 
_struct_ref.pdbx_db_isoform 
1 PDB 1HBK         1 ? ? 1HBK   ? 
2 UNP Q8IK57_PLAF7 1 ? ? Q8IK57 ? 
# 
loop_
_struct_ref_seq.align_id 
_struct_ref_seq.ref_id 
_struct_ref_seq.pdbx_PDB_id_code 
_struct_ref_seq.pdbx_strand_id 
_struct_ref_seq.seq_align_beg 
_struct_ref_seq.pdbx_seq_align_beg_ins_code 
_struct_ref_seq.seq_align_end 
_struct_ref_seq.pdbx_seq_align_end_ins_code 
_struct_ref_seq.pdbx_db_accession 
_struct_ref_seq.db_align_beg 
_struct_ref_seq.pdbx_db_align_beg_ins_code 
_struct_ref_seq.db_align_end 
_struct_ref_seq.pdbx_db_align_end_ins_code 
_struct_ref_seq.pdbx_auth_seq_align_beg 
_struct_ref_seq.pdbx_auth_seq_align_end 
1 1 1HBK A 1 ? 1  ? 1HBK   0 ? 0  ? 0 0  
2 2 1HBK A 2 ? 89 ? Q8IK57 1 ? 88 ? 1 88 
# 
_pdbx_struct_assembly.id                   1 
_pdbx_struct_assembly.details              author_and_software_defined_assembly 
_pdbx_struct_assembly.method_details       PQS 
_pdbx_struct_assembly.oligomeric_details   monomeric 
_pdbx_struct_assembly.oligomeric_count     1 
# 
_pdbx_struct_assembly_gen.assembly_id       1 
_pdbx_struct_assembly_gen.oper_expression   1 
_pdbx_struct_assembly_gen.asym_id_list      A,B,C,D,E,F 
# 
_pdbx_struct_oper_list.id                   1 
_pdbx_struct_oper_list.type                 'identity operation' 
_pdbx_struct_oper_list.name                 1_555 
_pdbx_struct_oper_list.symmetry_operation   x,y,z 
_pdbx_struct_oper_list.matrix[1][1]         1.0000000000 
_pdbx_struct_oper_list.matrix[1][2]         0.0000000000 
_pdbx_struct_oper_list.matrix[1][3]         0.0000000000 
_pdbx_struct_oper_list.vector[1]            0.0000000000 
_pdbx_struct_oper_list.matrix[2][1]         0.0000000000 
_pdbx_struct_oper_list.matrix[2][2]         1.0000000000 
_pdbx_struct_oper_list.matrix[2][3]         0.0000000000 
_pdbx_struct_oper_list.vector[2]            0.0000000000 
_pdbx_struct_oper_list.matrix[3][1]         0.0000000000 
_pdbx_struct_oper_list.matrix[3][2]         0.0000000000 
_pdbx_struct_oper_list.matrix[3][3]         1.0000000000 
_pdbx_struct_oper_list.vector[3]            0.0000000000 
# 
loop_
_struct_conf.conf_type_id 
_struct_conf.id 
_struct_conf.pdbx_PDB_helix_id 
_struct_conf.beg_label_comp_id 
_struct_conf.beg_label_asym_id 
_struct_conf.beg_label_seq_id 
_struct_conf.pdbx_beg_PDB_ins_code 
_struct_conf.end_label_comp_id 
_struct_conf.end_label_asym_id 
_struct_conf.end_label_seq_id 
_struct_conf.pdbx_end_PDB_ins_code 
_struct_conf.beg_auth_comp_id 
_struct_conf.beg_auth_asym_id 
_struct_conf.beg_auth_seq_id 
_struct_conf.end_auth_comp_id 
_struct_conf.end_auth_asym_id 
_struct_conf.end_auth_seq_id 
_struct_conf.pdbx_PDB_helix_class 
_struct_conf.details 
_struct_conf.pdbx_PDB_helix_length 
HELX_P HELX_P1 1 HIS A 1  ? LEU A 16 ? HIS A 0  LEU A 15 1 ? 16 
HELX_P HELX_P2 2 PRO A 23 ? ILE A 39 ? PRO A 22 ILE A 38 1 ? 17 
HELX_P HELX_P3 3 LYS A 51 ? VAL A 64 ? LYS A 50 VAL A 63 1 ? 14 
HELX_P HELX_P4 4 ASN A 68 ? PHE A 84 ? ASN A 67 PHE A 83 1 ? 17 
# 
_struct_conf_type.id          HELX_P 
_struct_conf_type.criteria    ? 
_struct_conf_type.reference   ? 
# 
loop_
_struct_conn.id 
_struct_conn.conn_type_id 
_struct_conn.pdbx_leaving_atom_flag 
_struct_conn.pdbx_PDB_id 
_struct_conn.ptnr1_label_asym_id 
_struct_conn.ptnr1_label_comp_id 
_struct_conn.ptnr1_label_seq_id 
_struct_conn.ptnr1_label_atom_id 
_struct_conn.pdbx_ptnr1_label_alt_id 
_struct_conn.pdbx_ptnr1_PDB_ins_code 
_struct_conn.pdbx_ptnr1_standard_comp_id 
_struct_conn.ptnr1_symmetry 
_struct_conn.ptnr2_label_asym_id 
_struct_conn.ptnr2_label_comp_id 
_struct_conn.ptnr2_label_seq_id 
_struct_conn.ptnr2_label_atom_id 
_struct_conn.pdbx_ptnr2_label_alt_id 
_struct_conn.pdbx_ptnr2_PDB_ins_code 
_struct_conn.ptnr1_auth_asym_id 
_struct_conn.ptnr1_auth_comp_id 
_struct_conn.ptnr1_auth_seq_id 
_struct_conn.ptnr2_auth_asym_id 
_struct_conn.ptnr2_auth_comp_id 
_struct_conn.ptnr2_auth_seq_id 
_struct_conn.ptnr2_symmetry 
_struct_conn.pdbx_ptnr3_label_atom_id 
_struct_conn.pdbx_ptnr3_label_seq_id 
_struct_conn.pdbx_ptnr3_label_comp_id 
_struct_conn.pdbx_ptnr3_label_asym_id 
_struct_conn.pdbx_ptnr3_label_alt_id 
_struct_conn.pdbx_ptnr3_PDB_ins_code 
_struct_conn.details 
_struct_conn.pdbx_dist_value 
_struct_conn.pdbx_value_order 
_struct_conn.pdbx_role 
metalc1  metalc ? ? A HIS 1  ND1 ? ? ? 1_555 E NI  . NI ? ? A HIS 0    A NI  1092 1_555 ? ? ? ? ? ? ? 1.978 ? ? 
metalc2  metalc ? ? A HIS 1  N   ? ? ? 1_555 E NI  . NI ? ? A HIS 0    A NI  1092 1_555 ? ? ? ? ? ? ? 2.125 ? ? 
metalc3  metalc ? ? A GLU 8  OE2 ? ? ? 3_554 D NI  . NI ? ? A GLU 7    A NI  1091 1_555 ? ? ? ? ? ? ? 2.281 ? ? 
metalc4  metalc ? ? A HIS 50 NE2 ? ? ? 1_555 D NI  . NI ? ? A HIS 49   A NI  1091 1_555 ? ? ? ? ? ? ? 1.877 ? ? 
metalc5  metalc ? ? D NI  .  NI  ? ? ? 1_555 F HOH . O  ? ? A NI  1091 A HOH 2008 3_554 ? ? ? ? ? ? ? 1.739 ? ? 
metalc6  metalc ? ? D NI  .  NI  ? ? ? 1_555 F HOH . O  ? ? A NI  1091 A HOH 2009 3_554 ? ? ? ? ? ? ? 2.188 ? ? 
metalc7  metalc ? ? D NI  .  NI  ? ? ? 1_555 F HOH . O  ? ? A NI  1091 A HOH 2038 1_555 ? ? ? ? ? ? ? 2.237 ? ? 
metalc8  metalc ? ? E NI  .  NI  ? ? ? 1_555 F HOH . O  ? ? A NI  1092 A HOH 2002 1_555 ? ? ? ? ? ? ? 1.780 ? ? 
metalc9  metalc ? ? E NI  .  NI  ? ? ? 1_555 F HOH . O  ? ? A NI  1092 A HOH 2043 2_565 ? ? ? ? ? ? ? 2.480 ? ? 
metalc10 metalc ? ? E NI  .  NI  ? ? ? 1_555 F HOH . O  ? ? A NI  1092 A HOH 2071 4_565 ? ? ? ? ? ? ? 2.519 ? ? 
metalc11 metalc ? ? E NI  .  NI  ? ? ? 1_555 F HOH . O  ? ? A NI  1092 A HOH 2076 2_565 ? ? ? ? ? ? ? 2.311 ? ? 
# 
_struct_conn_type.id          metalc 
_struct_conn_type.criteria    ? 
_struct_conn_type.reference   ? 
# 
loop_
_pdbx_struct_conn_angle.id 
_pdbx_struct_conn_angle.ptnr1_label_atom_id 
_pdbx_struct_conn_angle.ptnr1_label_alt_id 
_pdbx_struct_conn_angle.ptnr1_label_asym_id 
_pdbx_struct_conn_angle.ptnr1_label_comp_id 
_pdbx_struct_conn_angle.ptnr1_label_seq_id 
_pdbx_struct_conn_angle.ptnr1_auth_atom_id 
_pdbx_struct_conn_angle.ptnr1_auth_asym_id 
_pdbx_struct_conn_angle.ptnr1_auth_comp_id 
_pdbx_struct_conn_angle.ptnr1_auth_seq_id 
_pdbx_struct_conn_angle.ptnr1_PDB_ins_code 
_pdbx_struct_conn_angle.ptnr1_symmetry 
_pdbx_struct_conn_angle.ptnr2_label_atom_id 
_pdbx_struct_conn_angle.ptnr2_label_alt_id 
_pdbx_struct_conn_angle.ptnr2_label_asym_id 
_pdbx_struct_conn_angle.ptnr2_label_comp_id 
_pdbx_struct_conn_angle.ptnr2_label_seq_id 
_pdbx_struct_conn_angle.ptnr2_auth_atom_id 
_pdbx_struct_conn_angle.ptnr2_auth_asym_id 
_pdbx_struct_conn_angle.ptnr2_auth_comp_id 
_pdbx_struct_conn_angle.ptnr2_auth_seq_id 
_pdbx_struct_conn_angle.ptnr2_PDB_ins_code 
_pdbx_struct_conn_angle.ptnr2_symmetry 
_pdbx_struct_conn_angle.ptnr3_label_atom_id 
_pdbx_struct_conn_angle.ptnr3_label_alt_id 
_pdbx_struct_conn_angle.ptnr3_label_asym_id 
_pdbx_struct_conn_angle.ptnr3_label_comp_id 
_pdbx_struct_conn_angle.ptnr3_label_seq_id 
_pdbx_struct_conn_angle.ptnr3_auth_atom_id 
_pdbx_struct_conn_angle.ptnr3_auth_asym_id 
_pdbx_struct_conn_angle.ptnr3_auth_comp_id 
_pdbx_struct_conn_angle.ptnr3_auth_seq_id 
_pdbx_struct_conn_angle.ptnr3_PDB_ins_code 
_pdbx_struct_conn_angle.ptnr3_symmetry 
_pdbx_struct_conn_angle.value 
_pdbx_struct_conn_angle.value_esd 
1  ND1 ? A HIS 1  ? A HIS 0    ? 1_555 NI ? E NI . ? A NI 1092 ? 1_555 N   ? A HIS 1  ? A HIS 0    ? 1_555 93.8  ? 
2  ND1 ? A HIS 1  ? A HIS 0    ? 1_555 NI ? E NI . ? A NI 1092 ? 1_555 O   ? F HOH .  ? A HOH 2002 ? 1_555 114.5 ? 
3  N   ? A HIS 1  ? A HIS 0    ? 1_555 NI ? E NI . ? A NI 1092 ? 1_555 O   ? F HOH .  ? A HOH 2002 ? 1_555 84.8  ? 
4  ND1 ? A HIS 1  ? A HIS 0    ? 1_555 NI ? E NI . ? A NI 1092 ? 1_555 O   ? F HOH .  ? A HOH 2043 ? 2_565 101.9 ? 
5  N   ? A HIS 1  ? A HIS 0    ? 1_555 NI ? E NI . ? A NI 1092 ? 1_555 O   ? F HOH .  ? A HOH 2043 ? 2_565 158.0 ? 
6  O   ? F HOH .  ? A HOH 2002 ? 1_555 NI ? E NI . ? A NI 1092 ? 1_555 O   ? F HOH .  ? A HOH 2043 ? 2_565 102.3 ? 
7  ND1 ? A HIS 1  ? A HIS 0    ? 1_555 NI ? E NI . ? A NI 1092 ? 1_555 O   ? F HOH .  ? A HOH 2071 ? 4_565 108.2 ? 
8  N   ? A HIS 1  ? A HIS 0    ? 1_555 NI ? E NI . ? A NI 1092 ? 1_555 O   ? F HOH .  ? A HOH 2071 ? 4_565 96.8  ? 
9  O   ? F HOH .  ? A HOH 2002 ? 1_555 NI ? E NI . ? A NI 1092 ? 1_555 O   ? F HOH .  ? A HOH 2071 ? 4_565 137.1 ? 
10 O   ? F HOH .  ? A HOH 2043 ? 2_565 NI ? E NI . ? A NI 1092 ? 1_555 O   ? F HOH .  ? A HOH 2071 ? 4_565 63.8  ? 
11 ND1 ? A HIS 1  ? A HIS 0    ? 1_555 NI ? E NI . ? A NI 1092 ? 1_555 O   ? F HOH .  ? A HOH 2076 ? 2_565 167.9 ? 
12 N   ? A HIS 1  ? A HIS 0    ? 1_555 NI ? E NI . ? A NI 1092 ? 1_555 O   ? F HOH .  ? A HOH 2076 ? 2_565 92.8  ? 
13 O   ? F HOH .  ? A HOH 2002 ? 1_555 NI ? E NI . ? A NI 1092 ? 1_555 O   ? F HOH .  ? A HOH 2076 ? 2_565 76.2  ? 
14 O   ? F HOH .  ? A HOH 2043 ? 2_565 NI ? E NI . ? A NI 1092 ? 1_555 O   ? F HOH .  ? A HOH 2076 ? 2_565 69.3  ? 
15 O   ? F HOH .  ? A HOH 2071 ? 4_565 NI ? E NI . ? A NI 1092 ? 1_555 O   ? F HOH .  ? A HOH 2076 ? 2_565 60.8  ? 
16 OE2 ? A GLU 8  ? A GLU 7    ? 3_554 NI ? D NI . ? A NI 1091 ? 1_555 NE2 ? A HIS 50 ? A HIS 49   ? 1_555 94.7  ? 
17 OE2 ? A GLU 8  ? A GLU 7    ? 3_554 NI ? D NI . ? A NI 1091 ? 1_555 O   ? F HOH .  ? A HOH 2008 ? 3_554 90.7  ? 
18 NE2 ? A HIS 50 ? A HIS 49   ? 1_555 NI ? D NI . ? A NI 1091 ? 1_555 O   ? F HOH .  ? A HOH 2008 ? 3_554 158.7 ? 
19 OE2 ? A GLU 8  ? A GLU 7    ? 3_554 NI ? D NI . ? A NI 1091 ? 1_555 O   ? F HOH .  ? A HOH 2009 ? 3_554 92.2  ? 
20 NE2 ? A HIS 50 ? A HIS 49   ? 1_555 NI ? D NI . ? A NI 1091 ? 1_555 O   ? F HOH .  ? A HOH 2009 ? 3_554 92.0  ? 
21 O   ? F HOH .  ? A HOH 2008 ? 3_554 NI ? D NI . ? A NI 1091 ? 1_555 O   ? F HOH .  ? A HOH 2009 ? 3_554 67.2  ? 
22 OE2 ? A GLU 8  ? A GLU 7    ? 3_554 NI ? D NI . ? A NI 1091 ? 1_555 O   ? F HOH .  ? A HOH 2038 ? 1_555 178.1 ? 
23 NE2 ? A HIS 50 ? A HIS 49   ? 1_555 NI ? D NI . ? A NI 1091 ? 1_555 O   ? F HOH .  ? A HOH 2038 ? 1_555 85.3  ? 
24 O   ? F HOH .  ? A HOH 2008 ? 3_554 NI ? D NI . ? A NI 1091 ? 1_555 O   ? F HOH .  ? A HOH 2038 ? 1_555 88.6  ? 
25 O   ? F HOH .  ? A HOH 2009 ? 3_554 NI ? D NI . ? A NI 1091 ? 1_555 O   ? F HOH .  ? A HOH 2038 ? 1_555 85.9  ? 
# 
loop_
_struct_site.id 
_struct_site.pdbx_evidence_code 
_struct_site.pdbx_auth_asym_id 
_struct_site.pdbx_auth_comp_id 
_struct_site.pdbx_auth_seq_id 
_struct_site.pdbx_auth_ins_code 
_struct_site.pdbx_num_residues 
_struct_site.details 
AC1 Software ? ? ? ? 5  'BINDING SITE FOR RESIDUE NI A1091'  
AC2 Software ? ? ? ? 5  'BINDING SITE FOR RESIDUE NI A1092'  
AC3 Software ? ? ? ? 16 'BINDING SITE FOR RESIDUE COA A1089' 
AC4 Software ? ? ? ? 6  'BINDING SITE FOR RESIDUE MYR A1090' 
# 
loop_
_struct_site_gen.id 
_struct_site_gen.site_id 
_struct_site_gen.pdbx_num_res 
_struct_site_gen.label_comp_id 
_struct_site_gen.label_asym_id 
_struct_site_gen.label_seq_id 
_struct_site_gen.pdbx_auth_ins_code 
_struct_site_gen.auth_comp_id 
_struct_site_gen.auth_asym_id 
_struct_site_gen.auth_seq_id 
_struct_site_gen.label_atom_id 
_struct_site_gen.label_alt_id 
_struct_site_gen.symmetry 
_struct_site_gen.details 
1  AC1 5  GLU A 8  ? GLU A 7    . ? 1_555 ? 
2  AC1 5  HIS A 50 ? HIS A 49   . ? 1_555 ? 
3  AC1 5  HOH F .  ? HOH A 2008 . ? 1_555 ? 
4  AC1 5  HOH F .  ? HOH A 2009 . ? 1_555 ? 
5  AC1 5  HOH F .  ? HOH A 2038 . ? 1_555 ? 
6  AC2 5  HIS A 1  ? HIS A 0    . ? 1_555 ? 
7  AC2 5  HOH F .  ? HOH A 2002 . ? 1_555 ? 
8  AC2 5  HOH F .  ? HOH A 2043 . ? 1_555 ? 
9  AC2 5  HOH F .  ? HOH A 2071 . ? 1_555 ? 
10 AC2 5  HOH F .  ? HOH A 2076 . ? 1_555 ? 
11 AC3 16 ILE A 13 ? ILE A 12   . ? 1_555 ? 
12 AC3 16 ASN A 14 ? ASN A 13   . ? 1_555 ? 
13 AC3 16 TYR A 31 ? TYR A 30   . ? 1_555 ? 
14 AC3 16 TYR A 34 ? TYR A 33   . ? 1_555 ? 
15 AC3 16 LYS A 35 ? LYS A 34   . ? 1_555 ? 
16 AC3 16 LYS A 57 ? LYS A 56   . ? 1_555 ? 
17 AC3 16 ASN A 68 ? ASN A 67   . ? 1_555 ? 
18 AC3 16 ARG A 69 ? ARG A 68   . ? 1_555 ? 
19 AC3 16 GLU A 70 ? GLU A 69   . ? 1_555 ? 
20 AC3 16 TYR A 76 ? TYR A 75   . ? 1_555 ? 
21 AC3 16 MYR C .  ? MYR A 1090 . ? 1_555 ? 
22 AC3 16 HOH F .  ? HOH A 2014 . ? 1_555 ? 
23 AC3 16 HOH F .  ? HOH A 2057 . ? 1_555 ? 
24 AC3 16 HOH F .  ? HOH A 2074 . ? 1_555 ? 
25 AC3 16 HOH F .  ? HOH A 2075 . ? 1_555 ? 
26 AC3 16 HOH F .  ? HOH A 2076 . ? 1_555 ? 
27 AC4 6  LEU A 22 ? LEU A 21   . ? 1_555 ? 
28 AC4 6  ASN A 24 ? ASN A 23   . ? 1_555 ? 
29 AC4 6  LYS A 27 ? LYS A 26   . ? 1_555 ? 
30 AC4 6  LEU A 30 ? LEU A 29   . ? 1_555 ? 
31 AC4 6  TYR A 31 ? TYR A 30   . ? 1_555 ? 
32 AC4 6  COA B .  ? COA A 1089 . ? 1_555 ? 
# 
_pdbx_distant_solvent_atoms.id                                1 
_pdbx_distant_solvent_atoms.PDB_model_num                     1 
_pdbx_distant_solvent_atoms.auth_atom_id                      O 
_pdbx_distant_solvent_atoms.label_alt_id                      ? 
_pdbx_distant_solvent_atoms.auth_asym_id                      A 
_pdbx_distant_solvent_atoms.auth_comp_id                      HOH 
_pdbx_distant_solvent_atoms.auth_seq_id                       2020 
_pdbx_distant_solvent_atoms.PDB_ins_code                      ? 
_pdbx_distant_solvent_atoms.neighbor_macromolecule_distance   6.40 
_pdbx_distant_solvent_atoms.neighbor_ligand_distance          . 
# 
loop_
_chem_comp_atom.comp_id 
_chem_comp_atom.atom_id 
_chem_comp_atom.type_symbol 
_chem_comp_atom.pdbx_aromatic_flag 
_chem_comp_atom.pdbx_stereo_config 
_chem_comp_atom.pdbx_ordinal 
ALA N    N  N N 1   
ALA CA   C  N S 2   
ALA C    C  N N 3   
ALA O    O  N N 4   
ALA CB   C  N N 5   
ALA OXT  O  N N 6   
ALA H    H  N N 7   
ALA H2   H  N N 8   
ALA HA   H  N N 9   
ALA HB1  H  N N 10  
ALA HB2  H  N N 11  
ALA HB3  H  N N 12  
ALA HXT  H  N N 13  
ARG N    N  N N 14  
ARG CA   C  N S 15  
ARG C    C  N N 16  
ARG O    O  N N 17  
ARG CB   C  N N 18  
ARG CG   C  N N 19  
ARG CD   C  N N 20  
ARG NE   N  N N 21  
ARG CZ   C  N N 22  
ARG NH1  N  N N 23  
ARG NH2  N  N N 24  
ARG OXT  O  N N 25  
ARG H    H  N N 26  
ARG H2   H  N N 27  
ARG HA   H  N N 28  
ARG HB2  H  N N 29  
ARG HB3  H  N N 30  
ARG HG2  H  N N 31  
ARG HG3  H  N N 32  
ARG HD2  H  N N 33  
ARG HD3  H  N N 34  
ARG HE   H  N N 35  
ARG HH11 H  N N 36  
ARG HH12 H  N N 37  
ARG HH21 H  N N 38  
ARG HH22 H  N N 39  
ARG HXT  H  N N 40  
ASN N    N  N N 41  
ASN CA   C  N S 42  
ASN C    C  N N 43  
ASN O    O  N N 44  
ASN CB   C  N N 45  
ASN CG   C  N N 46  
ASN OD1  O  N N 47  
ASN ND2  N  N N 48  
ASN OXT  O  N N 49  
ASN H    H  N N 50  
ASN H2   H  N N 51  
ASN HA   H  N N 52  
ASN HB2  H  N N 53  
ASN HB3  H  N N 54  
ASN HD21 H  N N 55  
ASN HD22 H  N N 56  
ASN HXT  H  N N 57  
ASP N    N  N N 58  
ASP CA   C  N S 59  
ASP C    C  N N 60  
ASP O    O  N N 61  
ASP CB   C  N N 62  
ASP CG   C  N N 63  
ASP OD1  O  N N 64  
ASP OD2  O  N N 65  
ASP OXT  O  N N 66  
ASP H    H  N N 67  
ASP H2   H  N N 68  
ASP HA   H  N N 69  
ASP HB2  H  N N 70  
ASP HB3  H  N N 71  
ASP HD2  H  N N 72  
ASP HXT  H  N N 73  
COA N1A  N  Y N 74  
COA C2A  C  Y N 75  
COA N3A  N  Y N 76  
COA C4A  C  Y N 77  
COA C5A  C  Y N 78  
COA C6A  C  Y N 79  
COA N6A  N  N N 80  
COA N7A  N  Y N 81  
COA C8A  C  Y N 82  
COA N9A  N  Y N 83  
COA C1B  C  N R 84  
COA C2B  C  N R 85  
COA O2B  O  N N 86  
COA C3B  C  N S 87  
COA O3B  O  N N 88  
COA P3B  P  N N 89  
COA O7A  O  N N 90  
COA O8A  O  N N 91  
COA O9A  O  N N 92  
COA C4B  C  N R 93  
COA O4B  O  N N 94  
COA C5B  C  N N 95  
COA O5B  O  N N 96  
COA P1A  P  N S 97  
COA O1A  O  N N 98  
COA O2A  O  N N 99  
COA O3A  O  N N 100 
COA P2A  P  N S 101 
COA O4A  O  N N 102 
COA O5A  O  N N 103 
COA O6A  O  N N 104 
COA CBP  C  N N 105 
COA CCP  C  N N 106 
COA CDP  C  N N 107 
COA CEP  C  N N 108 
COA CAP  C  N R 109 
COA OAP  O  N N 110 
COA C9P  C  N N 111 
COA O9P  O  N N 112 
COA N8P  N  N N 113 
COA C7P  C  N N 114 
COA C6P  C  N N 115 
COA C5P  C  N N 116 
COA O5P  O  N N 117 
COA N4P  N  N N 118 
COA C3P  C  N N 119 
COA C2P  C  N N 120 
COA S1P  S  N N 121 
COA H2A  H  N N 122 
COA H61A H  N N 123 
COA H62A H  N N 124 
COA H8A  H  N N 125 
COA H1B  H  N N 126 
COA H2B  H  N N 127 
COA HO2A H  N N 128 
COA H3B  H  N N 129 
COA HOA8 H  N N 130 
COA HOA9 H  N N 131 
COA H4B  H  N N 132 
COA H51A H  N N 133 
COA H52A H  N N 134 
COA HOA2 H  N N 135 
COA HOA5 H  N N 136 
COA H121 H  N N 137 
COA H122 H  N N 138 
COA H131 H  N N 139 
COA H132 H  N N 140 
COA H133 H  N N 141 
COA H141 H  N N 142 
COA H142 H  N N 143 
COA H143 H  N N 144 
COA H10  H  N N 145 
COA HO1  H  N N 146 
COA HN8  H  N N 147 
COA H71  H  N N 148 
COA H72  H  N N 149 
COA H61  H  N N 150 
COA H62  H  N N 151 
COA HN4  H  N N 152 
COA H31  H  N N 153 
COA H32  H  N N 154 
COA H21  H  N N 155 
COA H22  H  N N 156 
COA HS1  H  N N 157 
CYS N    N  N N 158 
CYS CA   C  N R 159 
CYS C    C  N N 160 
CYS O    O  N N 161 
CYS CB   C  N N 162 
CYS SG   S  N N 163 
CYS OXT  O  N N 164 
CYS H    H  N N 165 
CYS H2   H  N N 166 
CYS HA   H  N N 167 
CYS HB2  H  N N 168 
CYS HB3  H  N N 169 
CYS HG   H  N N 170 
CYS HXT  H  N N 171 
GLN N    N  N N 172 
GLN CA   C  N S 173 
GLN C    C  N N 174 
GLN O    O  N N 175 
GLN CB   C  N N 176 
GLN CG   C  N N 177 
GLN CD   C  N N 178 
GLN OE1  O  N N 179 
GLN NE2  N  N N 180 
GLN OXT  O  N N 181 
GLN H    H  N N 182 
GLN H2   H  N N 183 
GLN HA   H  N N 184 
GLN HB2  H  N N 185 
GLN HB3  H  N N 186 
GLN HG2  H  N N 187 
GLN HG3  H  N N 188 
GLN HE21 H  N N 189 
GLN HE22 H  N N 190 
GLN HXT  H  N N 191 
GLU N    N  N N 192 
GLU CA   C  N S 193 
GLU C    C  N N 194 
GLU O    O  N N 195 
GLU CB   C  N N 196 
GLU CG   C  N N 197 
GLU CD   C  N N 198 
GLU OE1  O  N N 199 
GLU OE2  O  N N 200 
GLU OXT  O  N N 201 
GLU H    H  N N 202 
GLU H2   H  N N 203 
GLU HA   H  N N 204 
GLU HB2  H  N N 205 
GLU HB3  H  N N 206 
GLU HG2  H  N N 207 
GLU HG3  H  N N 208 
GLU HE2  H  N N 209 
GLU HXT  H  N N 210 
GLY N    N  N N 211 
GLY CA   C  N N 212 
GLY C    C  N N 213 
GLY O    O  N N 214 
GLY OXT  O  N N 215 
GLY H    H  N N 216 
GLY H2   H  N N 217 
GLY HA2  H  N N 218 
GLY HA3  H  N N 219 
GLY HXT  H  N N 220 
HIS N    N  N N 221 
HIS CA   C  N S 222 
HIS C    C  N N 223 
HIS O    O  N N 224 
HIS CB   C  N N 225 
HIS CG   C  Y N 226 
HIS ND1  N  Y N 227 
HIS CD2  C  Y N 228 
HIS CE1  C  Y N 229 
HIS NE2  N  Y N 230 
HIS OXT  O  N N 231 
HIS H    H  N N 232 
HIS H2   H  N N 233 
HIS HA   H  N N 234 
HIS HB2  H  N N 235 
HIS HB3  H  N N 236 
HIS HD1  H  N N 237 
HIS HD2  H  N N 238 
HIS HE1  H  N N 239 
HIS HE2  H  N N 240 
HIS HXT  H  N N 241 
HOH O    O  N N 242 
HOH H1   H  N N 243 
HOH H2   H  N N 244 
ILE N    N  N N 245 
ILE CA   C  N S 246 
ILE C    C  N N 247 
ILE O    O  N N 248 
ILE CB   C  N S 249 
ILE CG1  C  N N 250 
ILE CG2  C  N N 251 
ILE CD1  C  N N 252 
ILE OXT  O  N N 253 
ILE H    H  N N 254 
ILE H2   H  N N 255 
ILE HA   H  N N 256 
ILE HB   H  N N 257 
ILE HG12 H  N N 258 
ILE HG13 H  N N 259 
ILE HG21 H  N N 260 
ILE HG22 H  N N 261 
ILE HG23 H  N N 262 
ILE HD11 H  N N 263 
ILE HD12 H  N N 264 
ILE HD13 H  N N 265 
ILE HXT  H  N N 266 
LEU N    N  N N 267 
LEU CA   C  N S 268 
LEU C    C  N N 269 
LEU O    O  N N 270 
LEU CB   C  N N 271 
LEU CG   C  N N 272 
LEU CD1  C  N N 273 
LEU CD2  C  N N 274 
LEU OXT  O  N N 275 
LEU H    H  N N 276 
LEU H2   H  N N 277 
LEU HA   H  N N 278 
LEU HB2  H  N N 279 
LEU HB3  H  N N 280 
LEU HG   H  N N 281 
LEU HD11 H  N N 282 
LEU HD12 H  N N 283 
LEU HD13 H  N N 284 
LEU HD21 H  N N 285 
LEU HD22 H  N N 286 
LEU HD23 H  N N 287 
LEU HXT  H  N N 288 
LYS N    N  N N 289 
LYS CA   C  N S 290 
LYS C    C  N N 291 
LYS O    O  N N 292 
LYS CB   C  N N 293 
LYS CG   C  N N 294 
LYS CD   C  N N 295 
LYS CE   C  N N 296 
LYS NZ   N  N N 297 
LYS OXT  O  N N 298 
LYS H    H  N N 299 
LYS H2   H  N N 300 
LYS HA   H  N N 301 
LYS HB2  H  N N 302 
LYS HB3  H  N N 303 
LYS HG2  H  N N 304 
LYS HG3  H  N N 305 
LYS HD2  H  N N 306 
LYS HD3  H  N N 307 
LYS HE2  H  N N 308 
LYS HE3  H  N N 309 
LYS HZ1  H  N N 310 
LYS HZ2  H  N N 311 
LYS HZ3  H  N N 312 
LYS HXT  H  N N 313 
MET N    N  N N 314 
MET CA   C  N S 315 
MET C    C  N N 316 
MET O    O  N N 317 
MET CB   C  N N 318 
MET CG   C  N N 319 
MET SD   S  N N 320 
MET CE   C  N N 321 
MET OXT  O  N N 322 
MET H    H  N N 323 
MET H2   H  N N 324 
MET HA   H  N N 325 
MET HB2  H  N N 326 
MET HB3  H  N N 327 
MET HG2  H  N N 328 
MET HG3  H  N N 329 
MET HE1  H  N N 330 
MET HE2  H  N N 331 
MET HE3  H  N N 332 
MET HXT  H  N N 333 
MYR C1   C  N N 334 
MYR O1   O  N N 335 
MYR O2   O  N N 336 
MYR C2   C  N N 337 
MYR C3   C  N N 338 
MYR C4   C  N N 339 
MYR C5   C  N N 340 
MYR C6   C  N N 341 
MYR C7   C  N N 342 
MYR C8   C  N N 343 
MYR C9   C  N N 344 
MYR C10  C  N N 345 
MYR C11  C  N N 346 
MYR C12  C  N N 347 
MYR C13  C  N N 348 
MYR C14  C  N N 349 
MYR HO2  H  N N 350 
MYR H21  H  N N 351 
MYR H22  H  N N 352 
MYR H31  H  N N 353 
MYR H32  H  N N 354 
MYR H41  H  N N 355 
MYR H42  H  N N 356 
MYR H51  H  N N 357 
MYR H52  H  N N 358 
MYR H61  H  N N 359 
MYR H62  H  N N 360 
MYR H71  H  N N 361 
MYR H72  H  N N 362 
MYR H81  H  N N 363 
MYR H82  H  N N 364 
MYR H91  H  N N 365 
MYR H92  H  N N 366 
MYR H101 H  N N 367 
MYR H102 H  N N 368 
MYR H111 H  N N 369 
MYR H112 H  N N 370 
MYR H121 H  N N 371 
MYR H122 H  N N 372 
MYR H131 H  N N 373 
MYR H132 H  N N 374 
MYR H141 H  N N 375 
MYR H142 H  N N 376 
MYR H143 H  N N 377 
NI  NI   NI N N 378 
PHE N    N  N N 379 
PHE CA   C  N S 380 
PHE C    C  N N 381 
PHE O    O  N N 382 
PHE CB   C  N N 383 
PHE CG   C  Y N 384 
PHE CD1  C  Y N 385 
PHE CD2  C  Y N 386 
PHE CE1  C  Y N 387 
PHE CE2  C  Y N 388 
PHE CZ   C  Y N 389 
PHE OXT  O  N N 390 
PHE H    H  N N 391 
PHE H2   H  N N 392 
PHE HA   H  N N 393 
PHE HB2  H  N N 394 
PHE HB3  H  N N 395 
PHE HD1  H  N N 396 
PHE HD2  H  N N 397 
PHE HE1  H  N N 398 
PHE HE2  H  N N 399 
PHE HZ   H  N N 400 
PHE HXT  H  N N 401 
PRO N    N  N N 402 
PRO CA   C  N S 403 
PRO C    C  N N 404 
PRO O    O  N N 405 
PRO CB   C  N N 406 
PRO CG   C  N N 407 
PRO CD   C  N N 408 
PRO OXT  O  N N 409 
PRO H    H  N N 410 
PRO HA   H  N N 411 
PRO HB2  H  N N 412 
PRO HB3  H  N N 413 
PRO HG2  H  N N 414 
PRO HG3  H  N N 415 
PRO HD2  H  N N 416 
PRO HD3  H  N N 417 
PRO HXT  H  N N 418 
SER N    N  N N 419 
SER CA   C  N S 420 
SER C    C  N N 421 
SER O    O  N N 422 
SER CB   C  N N 423 
SER OG   O  N N 424 
SER OXT  O  N N 425 
SER H    H  N N 426 
SER H2   H  N N 427 
SER HA   H  N N 428 
SER HB2  H  N N 429 
SER HB3  H  N N 430 
SER HG   H  N N 431 
SER HXT  H  N N 432 
THR N    N  N N 433 
THR CA   C  N S 434 
THR C    C  N N 435 
THR O    O  N N 436 
THR CB   C  N R 437 
THR OG1  O  N N 438 
THR CG2  C  N N 439 
THR OXT  O  N N 440 
THR H    H  N N 441 
THR H2   H  N N 442 
THR HA   H  N N 443 
THR HB   H  N N 444 
THR HG1  H  N N 445 
THR HG21 H  N N 446 
THR HG22 H  N N 447 
THR HG23 H  N N 448 
THR HXT  H  N N 449 
TRP N    N  N N 450 
TRP CA   C  N S 451 
TRP C    C  N N 452 
TRP O    O  N N 453 
TRP CB   C  N N 454 
TRP CG   C  Y N 455 
TRP CD1  C  Y N 456 
TRP CD2  C  Y N 457 
TRP NE1  N  Y N 458 
TRP CE2  C  Y N 459 
TRP CE3  C  Y N 460 
TRP CZ2  C  Y N 461 
TRP CZ3  C  Y N 462 
TRP CH2  C  Y N 463 
TRP OXT  O  N N 464 
TRP H    H  N N 465 
TRP H2   H  N N 466 
TRP HA   H  N N 467 
TRP HB2  H  N N 468 
TRP HB3  H  N N 469 
TRP HD1  H  N N 470 
TRP HE1  H  N N 471 
TRP HE3  H  N N 472 
TRP HZ2  H  N N 473 
TRP HZ3  H  N N 474 
TRP HH2  H  N N 475 
TRP HXT  H  N N 476 
TYR N    N  N N 477 
TYR CA   C  N S 478 
TYR C    C  N N 479 
TYR O    O  N N 480 
TYR CB   C  N N 481 
TYR CG   C  Y N 482 
TYR CD1  C  Y N 483 
TYR CD2  C  Y N 484 
TYR CE1  C  Y N 485 
TYR CE2  C  Y N 486 
TYR CZ   C  Y N 487 
TYR OH   O  N N 488 
TYR OXT  O  N N 489 
TYR H    H  N N 490 
TYR H2   H  N N 491 
TYR HA   H  N N 492 
TYR HB2  H  N N 493 
TYR HB3  H  N N 494 
TYR HD1  H  N N 495 
TYR HD2  H  N N 496 
TYR HE1  H  N N 497 
TYR HE2  H  N N 498 
TYR HH   H  N N 499 
TYR HXT  H  N N 500 
VAL N    N  N N 501 
VAL CA   C  N S 502 
VAL C    C  N N 503 
VAL O    O  N N 504 
VAL CB   C  N N 505 
VAL CG1  C  N N 506 
VAL CG2  C  N N 507 
VAL OXT  O  N N 508 
VAL H    H  N N 509 
VAL H2   H  N N 510 
VAL HA   H  N N 511 
VAL HB   H  N N 512 
VAL HG11 H  N N 513 
VAL HG12 H  N N 514 
VAL HG13 H  N N 515 
VAL HG21 H  N N 516 
VAL HG22 H  N N 517 
VAL HG23 H  N N 518 
VAL HXT  H  N N 519 
# 
loop_
_chem_comp_bond.comp_id 
_chem_comp_bond.atom_id_1 
_chem_comp_bond.atom_id_2 
_chem_comp_bond.value_order 
_chem_comp_bond.pdbx_aromatic_flag 
_chem_comp_bond.pdbx_stereo_config 
_chem_comp_bond.pdbx_ordinal 
ALA N   CA   sing N N 1   
ALA N   H    sing N N 2   
ALA N   H2   sing N N 3   
ALA CA  C    sing N N 4   
ALA CA  CB   sing N N 5   
ALA CA  HA   sing N N 6   
ALA C   O    doub N N 7   
ALA C   OXT  sing N N 8   
ALA CB  HB1  sing N N 9   
ALA CB  HB2  sing N N 10  
ALA CB  HB3  sing N N 11  
ALA OXT HXT  sing N N 12  
ARG N   CA   sing N N 13  
ARG N   H    sing N N 14  
ARG N   H2   sing N N 15  
ARG CA  C    sing N N 16  
ARG CA  CB   sing N N 17  
ARG CA  HA   sing N N 18  
ARG C   O    doub N N 19  
ARG C   OXT  sing N N 20  
ARG CB  CG   sing N N 21  
ARG CB  HB2  sing N N 22  
ARG CB  HB3  sing N N 23  
ARG CG  CD   sing N N 24  
ARG CG  HG2  sing N N 25  
ARG CG  HG3  sing N N 26  
ARG CD  NE   sing N N 27  
ARG CD  HD2  sing N N 28  
ARG CD  HD3  sing N N 29  
ARG NE  CZ   sing N N 30  
ARG NE  HE   sing N N 31  
ARG CZ  NH1  sing N N 32  
ARG CZ  NH2  doub N N 33  
ARG NH1 HH11 sing N N 34  
ARG NH1 HH12 sing N N 35  
ARG NH2 HH21 sing N N 36  
ARG NH2 HH22 sing N N 37  
ARG OXT HXT  sing N N 38  
ASN N   CA   sing N N 39  
ASN N   H    sing N N 40  
ASN N   H2   sing N N 41  
ASN CA  C    sing N N 42  
ASN CA  CB   sing N N 43  
ASN CA  HA   sing N N 44  
ASN C   O    doub N N 45  
ASN C   OXT  sing N N 46  
ASN CB  CG   sing N N 47  
ASN CB  HB2  sing N N 48  
ASN CB  HB3  sing N N 49  
ASN CG  OD1  doub N N 50  
ASN CG  ND2  sing N N 51  
ASN ND2 HD21 sing N N 52  
ASN ND2 HD22 sing N N 53  
ASN OXT HXT  sing N N 54  
ASP N   CA   sing N N 55  
ASP N   H    sing N N 56  
ASP N   H2   sing N N 57  
ASP CA  C    sing N N 58  
ASP CA  CB   sing N N 59  
ASP CA  HA   sing N N 60  
ASP C   O    doub N N 61  
ASP C   OXT  sing N N 62  
ASP CB  CG   sing N N 63  
ASP CB  HB2  sing N N 64  
ASP CB  HB3  sing N N 65  
ASP CG  OD1  doub N N 66  
ASP CG  OD2  sing N N 67  
ASP OD2 HD2  sing N N 68  
ASP OXT HXT  sing N N 69  
COA N1A C2A  sing Y N 70  
COA N1A C6A  doub Y N 71  
COA C2A N3A  doub Y N 72  
COA C2A H2A  sing N N 73  
COA N3A C4A  sing Y N 74  
COA C4A C5A  doub Y N 75  
COA C4A N9A  sing Y N 76  
COA C5A C6A  sing Y N 77  
COA C5A N7A  sing Y N 78  
COA C6A N6A  sing N N 79  
COA N6A H61A sing N N 80  
COA N6A H62A sing N N 81  
COA N7A C8A  doub Y N 82  
COA C8A N9A  sing Y N 83  
COA C8A H8A  sing N N 84  
COA N9A C1B  sing N N 85  
COA C1B C2B  sing N N 86  
COA C1B O4B  sing N N 87  
COA C1B H1B  sing N N 88  
COA C2B O2B  sing N N 89  
COA C2B C3B  sing N N 90  
COA C2B H2B  sing N N 91  
COA O2B HO2A sing N N 92  
COA C3B O3B  sing N N 93  
COA C3B C4B  sing N N 94  
COA C3B H3B  sing N N 95  
COA O3B P3B  sing N N 96  
COA P3B O7A  doub N N 97  
COA P3B O8A  sing N N 98  
COA P3B O9A  sing N N 99  
COA O8A HOA8 sing N N 100 
COA O9A HOA9 sing N N 101 
COA C4B O4B  sing N N 102 
COA C4B C5B  sing N N 103 
COA C4B H4B  sing N N 104 
COA C5B O5B  sing N N 105 
COA C5B H51A sing N N 106 
COA C5B H52A sing N N 107 
COA O5B P1A  sing N N 108 
COA P1A O1A  doub N N 109 
COA P1A O2A  sing N N 110 
COA P1A O3A  sing N N 111 
COA O2A HOA2 sing N N 112 
COA O3A P2A  sing N N 113 
COA P2A O4A  doub N N 114 
COA P2A O5A  sing N N 115 
COA P2A O6A  sing N N 116 
COA O5A HOA5 sing N N 117 
COA O6A CCP  sing N N 118 
COA CBP CCP  sing N N 119 
COA CBP CDP  sing N N 120 
COA CBP CEP  sing N N 121 
COA CBP CAP  sing N N 122 
COA CCP H121 sing N N 123 
COA CCP H122 sing N N 124 
COA CDP H131 sing N N 125 
COA CDP H132 sing N N 126 
COA CDP H133 sing N N 127 
COA CEP H141 sing N N 128 
COA CEP H142 sing N N 129 
COA CEP H143 sing N N 130 
COA CAP OAP  sing N N 131 
COA CAP C9P  sing N N 132 
COA CAP H10  sing N N 133 
COA OAP HO1  sing N N 134 
COA C9P O9P  doub N N 135 
COA C9P N8P  sing N N 136 
COA N8P C7P  sing N N 137 
COA N8P HN8  sing N N 138 
COA C7P C6P  sing N N 139 
COA C7P H71  sing N N 140 
COA C7P H72  sing N N 141 
COA C6P C5P  sing N N 142 
COA C6P H61  sing N N 143 
COA C6P H62  sing N N 144 
COA C5P O5P  doub N N 145 
COA C5P N4P  sing N N 146 
COA N4P C3P  sing N N 147 
COA N4P HN4  sing N N 148 
COA C3P C2P  sing N N 149 
COA C3P H31  sing N N 150 
COA C3P H32  sing N N 151 
COA C2P S1P  sing N N 152 
COA C2P H21  sing N N 153 
COA C2P H22  sing N N 154 
COA S1P HS1  sing N N 155 
CYS N   CA   sing N N 156 
CYS N   H    sing N N 157 
CYS N   H2   sing N N 158 
CYS CA  C    sing N N 159 
CYS CA  CB   sing N N 160 
CYS CA  HA   sing N N 161 
CYS C   O    doub N N 162 
CYS C   OXT  sing N N 163 
CYS CB  SG   sing N N 164 
CYS CB  HB2  sing N N 165 
CYS CB  HB3  sing N N 166 
CYS SG  HG   sing N N 167 
CYS OXT HXT  sing N N 168 
GLN N   CA   sing N N 169 
GLN N   H    sing N N 170 
GLN N   H2   sing N N 171 
GLN CA  C    sing N N 172 
GLN CA  CB   sing N N 173 
GLN CA  HA   sing N N 174 
GLN C   O    doub N N 175 
GLN C   OXT  sing N N 176 
GLN CB  CG   sing N N 177 
GLN CB  HB2  sing N N 178 
GLN CB  HB3  sing N N 179 
GLN CG  CD   sing N N 180 
GLN CG  HG2  sing N N 181 
GLN CG  HG3  sing N N 182 
GLN CD  OE1  doub N N 183 
GLN CD  NE2  sing N N 184 
GLN NE2 HE21 sing N N 185 
GLN NE2 HE22 sing N N 186 
GLN OXT HXT  sing N N 187 
GLU N   CA   sing N N 188 
GLU N   H    sing N N 189 
GLU N   H2   sing N N 190 
GLU CA  C    sing N N 191 
GLU CA  CB   sing N N 192 
GLU CA  HA   sing N N 193 
GLU C   O    doub N N 194 
GLU C   OXT  sing N N 195 
GLU CB  CG   sing N N 196 
GLU CB  HB2  sing N N 197 
GLU CB  HB3  sing N N 198 
GLU CG  CD   sing N N 199 
GLU CG  HG2  sing N N 200 
GLU CG  HG3  sing N N 201 
GLU CD  OE1  doub N N 202 
GLU CD  OE2  sing N N 203 
GLU OE2 HE2  sing N N 204 
GLU OXT HXT  sing N N 205 
GLY N   CA   sing N N 206 
GLY N   H    sing N N 207 
GLY N   H2   sing N N 208 
GLY CA  C    sing N N 209 
GLY CA  HA2  sing N N 210 
GLY CA  HA3  sing N N 211 
GLY C   O    doub N N 212 
GLY C   OXT  sing N N 213 
GLY OXT HXT  sing N N 214 
HIS N   CA   sing N N 215 
HIS N   H    sing N N 216 
HIS N   H2   sing N N 217 
HIS CA  C    sing N N 218 
HIS CA  CB   sing N N 219 
HIS CA  HA   sing N N 220 
HIS C   O    doub N N 221 
HIS C   OXT  sing N N 222 
HIS CB  CG   sing N N 223 
HIS CB  HB2  sing N N 224 
HIS CB  HB3  sing N N 225 
HIS CG  ND1  sing Y N 226 
HIS CG  CD2  doub Y N 227 
HIS ND1 CE1  doub Y N 228 
HIS ND1 HD1  sing N N 229 
HIS CD2 NE2  sing Y N 230 
HIS CD2 HD2  sing N N 231 
HIS CE1 NE2  sing Y N 232 
HIS CE1 HE1  sing N N 233 
HIS NE2 HE2  sing N N 234 
HIS OXT HXT  sing N N 235 
HOH O   H1   sing N N 236 
HOH O   H2   sing N N 237 
ILE N   CA   sing N N 238 
ILE N   H    sing N N 239 
ILE N   H2   sing N N 240 
ILE CA  C    sing N N 241 
ILE CA  CB   sing N N 242 
ILE CA  HA   sing N N 243 
ILE C   O    doub N N 244 
ILE C   OXT  sing N N 245 
ILE CB  CG1  sing N N 246 
ILE CB  CG2  sing N N 247 
ILE CB  HB   sing N N 248 
ILE CG1 CD1  sing N N 249 
ILE CG1 HG12 sing N N 250 
ILE CG1 HG13 sing N N 251 
ILE CG2 HG21 sing N N 252 
ILE CG2 HG22 sing N N 253 
ILE CG2 HG23 sing N N 254 
ILE CD1 HD11 sing N N 255 
ILE CD1 HD12 sing N N 256 
ILE CD1 HD13 sing N N 257 
ILE OXT HXT  sing N N 258 
LEU N   CA   sing N N 259 
LEU N   H    sing N N 260 
LEU N   H2   sing N N 261 
LEU CA  C    sing N N 262 
LEU CA  CB   sing N N 263 
LEU CA  HA   sing N N 264 
LEU C   O    doub N N 265 
LEU C   OXT  sing N N 266 
LEU CB  CG   sing N N 267 
LEU CB  HB2  sing N N 268 
LEU CB  HB3  sing N N 269 
LEU CG  CD1  sing N N 270 
LEU CG  CD2  sing N N 271 
LEU CG  HG   sing N N 272 
LEU CD1 HD11 sing N N 273 
LEU CD1 HD12 sing N N 274 
LEU CD1 HD13 sing N N 275 
LEU CD2 HD21 sing N N 276 
LEU CD2 HD22 sing N N 277 
LEU CD2 HD23 sing N N 278 
LEU OXT HXT  sing N N 279 
LYS N   CA   sing N N 280 
LYS N   H    sing N N 281 
LYS N   H2   sing N N 282 
LYS CA  C    sing N N 283 
LYS CA  CB   sing N N 284 
LYS CA  HA   sing N N 285 
LYS C   O    doub N N 286 
LYS C   OXT  sing N N 287 
LYS CB  CG   sing N N 288 
LYS CB  HB2  sing N N 289 
LYS CB  HB3  sing N N 290 
LYS CG  CD   sing N N 291 
LYS CG  HG2  sing N N 292 
LYS CG  HG3  sing N N 293 
LYS CD  CE   sing N N 294 
LYS CD  HD2  sing N N 295 
LYS CD  HD3  sing N N 296 
LYS CE  NZ   sing N N 297 
LYS CE  HE2  sing N N 298 
LYS CE  HE3  sing N N 299 
LYS NZ  HZ1  sing N N 300 
LYS NZ  HZ2  sing N N 301 
LYS NZ  HZ3  sing N N 302 
LYS OXT HXT  sing N N 303 
MET N   CA   sing N N 304 
MET N   H    sing N N 305 
MET N   H2   sing N N 306 
MET CA  C    sing N N 307 
MET CA  CB   sing N N 308 
MET CA  HA   sing N N 309 
MET C   O    doub N N 310 
MET C   OXT  sing N N 311 
MET CB  CG   sing N N 312 
MET CB  HB2  sing N N 313 
MET CB  HB3  sing N N 314 
MET CG  SD   sing N N 315 
MET CG  HG2  sing N N 316 
MET CG  HG3  sing N N 317 
MET SD  CE   sing N N 318 
MET CE  HE1  sing N N 319 
MET CE  HE2  sing N N 320 
MET CE  HE3  sing N N 321 
MET OXT HXT  sing N N 322 
MYR C1  O1   doub N N 323 
MYR C1  O2   sing N N 324 
MYR C1  C2   sing N N 325 
MYR O2  HO2  sing N N 326 
MYR C2  C3   sing N N 327 
MYR C2  H21  sing N N 328 
MYR C2  H22  sing N N 329 
MYR C3  C4   sing N N 330 
MYR C3  H31  sing N N 331 
MYR C3  H32  sing N N 332 
MYR C4  C5   sing N N 333 
MYR C4  H41  sing N N 334 
MYR C4  H42  sing N N 335 
MYR C5  C6   sing N N 336 
MYR C5  H51  sing N N 337 
MYR C5  H52  sing N N 338 
MYR C6  C7   sing N N 339 
MYR C6  H61  sing N N 340 
MYR C6  H62  sing N N 341 
MYR C7  C8   sing N N 342 
MYR C7  H71  sing N N 343 
MYR C7  H72  sing N N 344 
MYR C8  C9   sing N N 345 
MYR C8  H81  sing N N 346 
MYR C8  H82  sing N N 347 
MYR C9  C10  sing N N 348 
MYR C9  H91  sing N N 349 
MYR C9  H92  sing N N 350 
MYR C10 C11  sing N N 351 
MYR C10 H101 sing N N 352 
MYR C10 H102 sing N N 353 
MYR C11 C12  sing N N 354 
MYR C11 H111 sing N N 355 
MYR C11 H112 sing N N 356 
MYR C12 C13  sing N N 357 
MYR C12 H121 sing N N 358 
MYR C12 H122 sing N N 359 
MYR C13 C14  sing N N 360 
MYR C13 H131 sing N N 361 
MYR C13 H132 sing N N 362 
MYR C14 H141 sing N N 363 
MYR C14 H142 sing N N 364 
MYR C14 H143 sing N N 365 
PHE N   CA   sing N N 366 
PHE N   H    sing N N 367 
PHE N   H2   sing N N 368 
PHE CA  C    sing N N 369 
PHE CA  CB   sing N N 370 
PHE CA  HA   sing N N 371 
PHE C   O    doub N N 372 
PHE C   OXT  sing N N 373 
PHE CB  CG   sing N N 374 
PHE CB  HB2  sing N N 375 
PHE CB  HB3  sing N N 376 
PHE CG  CD1  doub Y N 377 
PHE CG  CD2  sing Y N 378 
PHE CD1 CE1  sing Y N 379 
PHE CD1 HD1  sing N N 380 
PHE CD2 CE2  doub Y N 381 
PHE CD2 HD2  sing N N 382 
PHE CE1 CZ   doub Y N 383 
PHE CE1 HE1  sing N N 384 
PHE CE2 CZ   sing Y N 385 
PHE CE2 HE2  sing N N 386 
PHE CZ  HZ   sing N N 387 
PHE OXT HXT  sing N N 388 
PRO N   CA   sing N N 389 
PRO N   CD   sing N N 390 
PRO N   H    sing N N 391 
PRO CA  C    sing N N 392 
PRO CA  CB   sing N N 393 
PRO CA  HA   sing N N 394 
PRO C   O    doub N N 395 
PRO C   OXT  sing N N 396 
PRO CB  CG   sing N N 397 
PRO CB  HB2  sing N N 398 
PRO CB  HB3  sing N N 399 
PRO CG  CD   sing N N 400 
PRO CG  HG2  sing N N 401 
PRO CG  HG3  sing N N 402 
PRO CD  HD2  sing N N 403 
PRO CD  HD3  sing N N 404 
PRO OXT HXT  sing N N 405 
SER N   CA   sing N N 406 
SER N   H    sing N N 407 
SER N   H2   sing N N 408 
SER CA  C    sing N N 409 
SER CA  CB   sing N N 410 
SER CA  HA   sing N N 411 
SER C   O    doub N N 412 
SER C   OXT  sing N N 413 
SER CB  OG   sing N N 414 
SER CB  HB2  sing N N 415 
SER CB  HB3  sing N N 416 
SER OG  HG   sing N N 417 
SER OXT HXT  sing N N 418 
THR N   CA   sing N N 419 
THR N   H    sing N N 420 
THR N   H2   sing N N 421 
THR CA  C    sing N N 422 
THR CA  CB   sing N N 423 
THR CA  HA   sing N N 424 
THR C   O    doub N N 425 
THR C   OXT  sing N N 426 
THR CB  OG1  sing N N 427 
THR CB  CG2  sing N N 428 
THR CB  HB   sing N N 429 
THR OG1 HG1  sing N N 430 
THR CG2 HG21 sing N N 431 
THR CG2 HG22 sing N N 432 
THR CG2 HG23 sing N N 433 
THR OXT HXT  sing N N 434 
TRP N   CA   sing N N 435 
TRP N   H    sing N N 436 
TRP N   H2   sing N N 437 
TRP CA  C    sing N N 438 
TRP CA  CB   sing N N 439 
TRP CA  HA   sing N N 440 
TRP C   O    doub N N 441 
TRP C   OXT  sing N N 442 
TRP CB  CG   sing N N 443 
TRP CB  HB2  sing N N 444 
TRP CB  HB3  sing N N 445 
TRP CG  CD1  doub Y N 446 
TRP CG  CD2  sing Y N 447 
TRP CD1 NE1  sing Y N 448 
TRP CD1 HD1  sing N N 449 
TRP CD2 CE2  doub Y N 450 
TRP CD2 CE3  sing Y N 451 
TRP NE1 CE2  sing Y N 452 
TRP NE1 HE1  sing N N 453 
TRP CE2 CZ2  sing Y N 454 
TRP CE3 CZ3  doub Y N 455 
TRP CE3 HE3  sing N N 456 
TRP CZ2 CH2  doub Y N 457 
TRP CZ2 HZ2  sing N N 458 
TRP CZ3 CH2  sing Y N 459 
TRP CZ3 HZ3  sing N N 460 
TRP CH2 HH2  sing N N 461 
TRP OXT HXT  sing N N 462 
TYR N   CA   sing N N 463 
TYR N   H    sing N N 464 
TYR N   H2   sing N N 465 
TYR CA  C    sing N N 466 
TYR CA  CB   sing N N 467 
TYR CA  HA   sing N N 468 
TYR C   O    doub N N 469 
TYR C   OXT  sing N N 470 
TYR CB  CG   sing N N 471 
TYR CB  HB2  sing N N 472 
TYR CB  HB3  sing N N 473 
TYR CG  CD1  doub Y N 474 
TYR CG  CD2  sing Y N 475 
TYR CD1 CE1  sing Y N 476 
TYR CD1 HD1  sing N N 477 
TYR CD2 CE2  doub Y N 478 
TYR CD2 HD2  sing N N 479 
TYR CE1 CZ   doub Y N 480 
TYR CE1 HE1  sing N N 481 
TYR CE2 CZ   sing Y N 482 
TYR CE2 HE2  sing N N 483 
TYR CZ  OH   sing N N 484 
TYR OH  HH   sing N N 485 
TYR OXT HXT  sing N N 486 
VAL N   CA   sing N N 487 
VAL N   H    sing N N 488 
VAL N   H2   sing N N 489 
VAL CA  C    sing N N 490 
VAL CA  CB   sing N N 491 
VAL CA  HA   sing N N 492 
VAL C   O    doub N N 493 
VAL C   OXT  sing N N 494 
VAL CB  CG1  sing N N 495 
VAL CB  CG2  sing N N 496 
VAL CB  HB   sing N N 497 
VAL CG1 HG11 sing N N 498 
VAL CG1 HG12 sing N N 499 
VAL CG1 HG13 sing N N 500 
VAL CG2 HG21 sing N N 501 
VAL CG2 HG22 sing N N 502 
VAL CG2 HG23 sing N N 503 
VAL OXT HXT  sing N N 504 
# 
_atom_sites.entry_id                    1HBK 
_atom_sites.fract_transf_matrix[1][1]   0.02001707 
_atom_sites.fract_transf_matrix[1][2]   -0.00403882 
_atom_sites.fract_transf_matrix[1][3]   -0.00229480 
_atom_sites.fract_transf_matrix[2][1]   -0.00372700 
_atom_sites.fract_transf_matrix[2][2]   -0.00790446 
_atom_sites.fract_transf_matrix[2][3]   -0.01859813 
_atom_sites.fract_transf_matrix[3][1]   0.00278709 
_atom_sites.fract_transf_matrix[3][2]   0.01862942 
_atom_sites.fract_transf_matrix[3][3]   -0.00847628 
_atom_sites.fract_transf_vector[1]      -0.038465 
_atom_sites.fract_transf_vector[2]      0.392189 
_atom_sites.fract_transf_vector[3]      0.499381 
# 
loop_
_atom_type.symbol 
C  
N  
NI 
O  
P  
S  
# 
loop_
_atom_site.group_PDB 
_atom_site.id 
_atom_site.type_symbol 
_atom_site.label_atom_id 
_atom_site.label_alt_id 
_atom_site.label_comp_id 
_atom_site.label_asym_id 
_atom_site.label_entity_id 
_atom_site.label_seq_id 
_atom_site.pdbx_PDB_ins_code 
_atom_site.Cartn_x 
_atom_site.Cartn_y 
_atom_site.Cartn_z 
_atom_site.occupancy 
_atom_site.B_iso_or_equiv 
_atom_site.pdbx_formal_charge 
_atom_site.auth_seq_id 
_atom_site.auth_comp_id 
_atom_site.auth_asym_id 
_atom_site.auth_atom_id 
_atom_site.pdbx_PDB_model_num 
ATOM   1   N  N   . HIS A 1 1  ? 13.086  3.849   -12.648 1.00   30.95 ? 0    HIS A N   1 
ATOM   2   C  CA  . HIS A 1 1  ? 13.447  2.537   -11.992 1.00   34.11 ? 0    HIS A CA  1 
ATOM   3   C  C   . HIS A 1 1  ? 12.483  2.092   -10.865 1.00   32.76 ? 0    HIS A C   1 
ATOM   4   O  O   . HIS A 1 1  ? 12.572  0.971   -10.375 1.00   34.67 ? 0    HIS A O   1 
ATOM   5   C  CB  . HIS A 1 1  ? 14.875  2.604   -11.398 1.00   34.16 ? 0    HIS A CB  1 
ATOM   6   C  CG  . HIS A 1 1  ? 15.972  2.667   -12.423 1.00   37.43 ? 0    HIS A CG  1 
ATOM   7   N  ND1 . HIS A 1 1  ? 15.937  3.516   -13.508 1.00   36.07 ? 0    HIS A ND1 1 
ATOM   8   C  CD2 . HIS A 1 1  ? 17.173  2.034   -12.483 1.00   38.94 ? 0    HIS A CD2 1 
ATOM   9   C  CE1 . HIS A 1 1  ? 17.066  3.410   -14.190 1.00   37.66 ? 0    HIS A CE1 1 
ATOM   10  N  NE2 . HIS A 1 1  ? 17.834  2.518   -13.589 1.00   38.18 ? 0    HIS A NE2 1 
ATOM   11  N  N   . MET A 1 2  ? 11.563  2.958   -10.463 1.00   34.41 ? 1    MET A N   1 
ATOM   12  C  CA  . MET A 1 2  ? 10.649  2.623   -9.369  1.00   33.97 ? 1    MET A CA  1 
ATOM   13  C  C   . MET A 1 2  ? 9.819   1.363   -9.530  1.00   34.00 ? 1    MET A C   1 
ATOM   14  O  O   . MET A 1 2  ? 9.607   0.630   -8.563  1.00   33.00 ? 1    MET A O   1 
ATOM   15  C  CB  . MET A 1 2  ? 9.711   3.795   -9.074  1.00   34.50 ? 1    MET A CB  1 
ATOM   16  C  CG  . MET A 1 2  ? 10.300  4.823   -8.130  1.00   34.60 ? 1    MET A CG  1 
ATOM   17  S  SD  . MET A 1 2  ? 11.222  4.083   -6.732  1.00   38.22 ? 1    MET A SD  1 
ATOM   18  C  CE  . MET A 1 2  ? 9.924   3.146   -5.840  1.00   27.08 ? 1    MET A CE  1 
ATOM   19  N  N   . ALA A 1 3  ? 9.334   1.106   -10.738 1.00   34.09 ? 2    ALA A N   1 
ATOM   20  C  CA  . ALA A 1 3  ? 8.511   -0.075  -10.965 1.00   33.60 ? 2    ALA A CA  1 
ATOM   21  C  C   . ALA A 1 3  ? 9.149   -1.390  -10.504 1.00   33.83 ? 2    ALA A C   1 
ATOM   22  O  O   . ALA A 1 3  ? 8.504   -2.189  -9.832  1.00   32.58 ? 2    ALA A O   1 
ATOM   23  C  CB  . ALA A 1 3  ? 8.134   -0.169  -12.432 1.00   36.25 ? 2    ALA A CB  1 
ATOM   24  N  N   . GLN A 1 4  ? 10.411  -1.627  -10.855 1.00   31.83 ? 3    GLN A N   1 
ATOM   25  C  CA  . GLN A 1 4  ? 11.050  -2.876  -10.448 1.00   30.86 ? 3    GLN A CA  1 
ATOM   26  C  C   . GLN A 1 4  ? 11.401  -2.866  -8.964  1.00   27.99 ? 3    GLN A C   1 
ATOM   27  O  O   . GLN A 1 4  ? 11.378  -3.896  -8.314  1.00   28.29 ? 3    GLN A O   1 
ATOM   28  C  CB  . GLN A 1 4  ? 12.299  -3.132  -11.287 1.00   33.61 ? 3    GLN A CB  1 
ATOM   29  C  CG  A GLN A 1 4  ? 12.049  -3.552  -12.729 0.50   36.20 ? 3    GLN A CG  1 
ATOM   30  C  CG  B GLN A 1 4  ? 12.011  -3.329  -12.784 0.50   33.50 ? 3    GLN A CG  1 
ATOM   31  C  CD  A GLN A 1 4  ? 13.337  -3.964  -13.425 0.50   37.89 ? 3    GLN A CD  1 
ATOM   32  C  CD  B GLN A 1 4  ? 11.204  -2.191  -13.404 0.50   34.14 ? 3    GLN A CD  1 
ATOM   33  O  OE1 A GLN A 1 4  ? 14.029  -4.881  -12.976 0.50   39.50 ? 3    GLN A OE1 1 
ATOM   34  O  OE1 B GLN A 1 4  ? 11.652  -1.038  -13.457 0.50   32.56 ? 3    GLN A OE1 1 
ATOM   35  N  NE2 A GLN A 1 4  ? 13.670  -3.284  -14.516 0.50   39.06 ? 3    GLN A NE2 1 
ATOM   36  N  NE2 B GLN A 1 4  ? 10.003  -2.514  -13.874 0.50   34.11 ? 3    GLN A NE2 1 
ATOM   37  N  N   . VAL A 1 5  ? 11.733  -1.696  -8.430  1.00   27.80 ? 4    VAL A N   1 
ATOM   38  C  CA  . VAL A 1 5  ? 12.048  -1.574  -7.009  1.00   26.02 ? 4    VAL A CA  1 
ATOM   39  C  C   . VAL A 1 5  ? 10.748  -1.889  -6.258  1.00   24.98 ? 4    VAL A C   1 
ATOM   40  O  O   . VAL A 1 5  ? 10.735  -2.681  -5.328  1.00   23.19 ? 4    VAL A O   1 
ATOM   41  C  CB  . VAL A 1 5  ? 12.536  -0.120  -6.670  1.00   25.57 ? 4    VAL A CB  1 
ATOM   42  C  CG1 . VAL A 1 5  ? 12.533  0.135   -5.178  1.00   25.06 ? 4    VAL A CG1 1 
ATOM   43  C  CG2 . VAL A 1 5  ? 13.940  0.071   -7.192  1.00   24.61 ? 4    VAL A CG2 1 
ATOM   44  N  N   . PHE A 1 6  ? 9.652   -1.284  -6.701  1.00   25.64 ? 5    PHE A N   1 
ATOM   45  C  CA  . PHE A 1 6  ? 8.353   -1.489  -6.069  1.00   25.85 ? 5    PHE A CA  1 
ATOM   46  C  C   . PHE A 1 6  ? 7.962   -2.973  -6.091  1.00   26.40 ? 5    PHE A C   1 
ATOM   47  O  O   . PHE A 1 6  ? 7.536   -3.513  -5.072  1.00   27.68 ? 5    PHE A O   1 
ATOM   48  C  CB  . PHE A 1 6  ? 7.273   -0.648  -6.788  1.00   26.61 ? 5    PHE A CB  1 
ATOM   49  C  CG  . PHE A 1 6  ? 5.869   -0.919  -6.304  1.00   23.85 ? 5    PHE A CG  1 
ATOM   50  C  CD1 . PHE A 1 6  ? 5.452   -0.472  -5.049  1.00   23.73 ? 5    PHE A CD1 1 
ATOM   51  C  CD2 . PHE A 1 6  ? 4.971   -1.628  -7.104  1.00   24.19 ? 5    PHE A CD2 1 
ATOM   52  C  CE1 . PHE A 1 6  ? 4.168   -0.712  -4.589  1.00   20.92 ? 5    PHE A CE1 1 
ATOM   53  C  CE2 . PHE A 1 6  ? 3.661   -1.881  -6.651  1.00   25.39 ? 5    PHE A CE2 1 
ATOM   54  C  CZ  . PHE A 1 6  ? 3.266   -1.419  -5.390  1.00   23.77 ? 5    PHE A CZ  1 
ATOM   55  N  N   . GLU A 1 7  ? 8.125   -3.630  -7.239  1.00   26.77 ? 6    GLU A N   1 
ATOM   56  C  CA  . GLU A 1 7  ? 7.763   -5.048  -7.347  1.00   28.92 ? 6    GLU A CA  1 
ATOM   57  C  C   . GLU A 1 7  ? 8.497   -5.881  -6.319  1.00   27.64 ? 6    GLU A C   1 
ATOM   58  O  O   . GLU A 1 7  ? 7.922   -6.765  -5.696  1.00   26.94 ? 6    GLU A O   1 
ATOM   59  C  CB  A GLU A 1 7  ? 8.078   -5.578  -8.757  0.50   29.75 ? 6    GLU A CB  1 
ATOM   60  C  CB  B GLU A 1 7  ? 8.066   -5.581  -8.756  0.50   30.03 ? 6    GLU A CB  1 
ATOM   61  C  CG  A GLU A 1 7  ? 7.189   -5.018  -9.868  0.50   32.51 ? 6    GLU A CG  1 
ATOM   62  C  CG  B GLU A 1 7  ? 7.988   -7.099  -8.875  0.50   33.11 ? 6    GLU A CG  1 
ATOM   63  C  CD  A GLU A 1 7  ? 7.714   -5.345  -11.263 0.50   34.54 ? 6    GLU A CD  1 
ATOM   64  C  CD  B GLU A 1 7  ? 8.048   -7.583  -10.315 0.50   35.34 ? 6    GLU A CD  1 
ATOM   65  O  OE1 A GLU A 1 7  ? 7.789   -6.541  -11.622 0.50   35.30 ? 6    GLU A OE1 1 
ATOM   66  O  OE1 B GLU A 1 7  ? 8.908   -7.085  -11.073 0.50   35.82 ? 6    GLU A OE1 1 
ATOM   67  O  OE2 A GLU A 1 7  ? 8.059   -4.401  -12.005 0.50   36.47 ? 6    GLU A OE2 1 
ATOM   68  O  OE2 B GLU A 1 7  ? 7.239   -8.464  -10.682 0.50   35.27 ? 6    GLU A OE2 1 
ATOM   69  N  N   . GLU A 1 8  ? 9.779   -5.600  -6.143  1.00   26.08 ? 7    GLU A N   1 
ATOM   70  C  CA  . GLU A 1 8  ? 10.565  -6.324  -5.174  1.00   25.51 ? 7    GLU A CA  1 
ATOM   71  C  C   . GLU A 1 8  ? 10.124  -6.076  -3.732  1.00   24.84 ? 7    GLU A C   1 
ATOM   72  O  O   . GLU A 1 8  ? 10.152  -6.987  -2.907  1.00   24.09 ? 7    GLU A O   1 
ATOM   73  C  CB  . GLU A 1 8  ? 12.041  -5.959  -5.333  1.00   28.31 ? 7    GLU A CB  1 
ATOM   74  C  CG  . GLU A 1 8  ? 12.717  -6.777  -6.390  1.00   30.27 ? 7    GLU A CG  1 
ATOM   75  C  CD  . GLU A 1 8  ? 14.168  -6.402  -6.587  1.00   34.58 ? 7    GLU A CD  1 
ATOM   76  O  OE1 . GLU A 1 8  ? 14.858  -5.989  -5.605  1.00   32.56 ? 7    GLU A OE1 1 
ATOM   77  O  OE2 . GLU A 1 8  ? 14.605  -6.542  -7.745  1.00   34.19 ? 7    GLU A OE2 1 
ATOM   78  N  N   . CYS A 1 9  ? 9.725   -4.833  -3.445  1.00   23.71 ? 8    CYS A N   1 
ATOM   79  C  CA  . CYS A 1 9  ? 9.281   -4.424  -2.114  1.00   22.16 ? 8    CYS A CA  1 
ATOM   80  C  C   . CYS A 1 9  ? 7.986   -5.149  -1.747  1.00   22.04 ? 8    CYS A C   1 
ATOM   81  O  O   . CYS A 1 9  ? 7.802   -5.607  -0.619  1.00   25.54 ? 8    CYS A O   1 
ATOM   82  C  CB  . CYS A 1 9  ? 9.060   -2.904  -2.099  1.00   17.02 ? 8    CYS A CB  1 
ATOM   83  S  SG  . CYS A 1 9  ? 9.042   -2.233  -0.430  1.00   23.46 ? 8    CYS A SG  1 
ATOM   84  N  N   . VAL A 1 10 ? 7.096   -5.221  -2.724  1.00   24.64 ? 9    VAL A N   1 
ATOM   85  C  CA  . VAL A 1 10 ? 5.807   -5.901  -2.605  1.00   26.24 ? 9    VAL A CA  1 
ATOM   86  C  C   . VAL A 1 10 ? 6.077   -7.366  -2.285  1.00   27.63 ? 9    VAL A C   1 
ATOM   87  O  O   . VAL A 1 10 ? 5.494   -7.923  -1.347  1.00   27.45 ? 9    VAL A O   1 
ATOM   88  C  CB  . VAL A 1 10 ? 5.037   -5.766  -3.928  1.00   25.58 ? 9    VAL A CB  1 
ATOM   89  C  CG1 . VAL A 1 10 ? 3.985   -6.882  -4.080  1.00   25.52 ? 9    VAL A CG1 1 
ATOM   90  C  CG2 . VAL A 1 10 ? 4.403   -4.381  -3.980  1.00   24.20 ? 9    VAL A CG2 1 
ATOM   91  N  N   . SER A 1 11 ? 6.984   -7.980  -3.051  1.00   29.64 ? 10   SER A N   1 
ATOM   92  C  CA  . SER A 1 11 ? 7.359   -9.385  -2.825  1.00   29.17 ? 10   SER A CA  1 
ATOM   93  C  C   . SER A 1 11 ? 7.892   -9.556  -1.419  1.00   30.14 ? 10   SER A C   1 
ATOM   94  O  O   . SER A 1 11 ? 7.545   -10.499 -0.732  1.00   32.99 ? 10   SER A O   1 
ATOM   95  C  CB  . SER A 1 11 ? 8.433   -9.842  -3.824  1.00   29.16 ? 10   SER A CB  1 
ATOM   96  O  OG  . SER A 1 11 ? 7.895   -9.909  -5.139  1.00   30.40 ? 10   SER A OG  1 
ATOM   97  N  N   . PHE A 1 12 ? 8.742   -8.638  -0.984  1.00   29.84 ? 11   PHE A N   1 
ATOM   98  C  CA  . PHE A 1 12 ? 9.301   -8.717  0.357   1.00   27.66 ? 11   PHE A CA  1 
ATOM   99  C  C   . PHE A 1 12 ? 8.204   -8.665  1.396   1.00   27.16 ? 11   PHE A C   1 
ATOM   100 O  O   . PHE A 1 12 ? 8.259   -9.354  2.408   1.00   28.15 ? 11   PHE A O   1 
ATOM   101 C  CB  . PHE A 1 12 ? 10.268  -7.559  0.608   1.00   27.73 ? 11   PHE A CB  1 
ATOM   102 C  CG  . PHE A 1 12 ? 10.665  -7.414  2.042   1.00   29.03 ? 11   PHE A CG  1 
ATOM   103 C  CD1 . PHE A 1 12 ? 11.650  -8.225  2.587   1.00   30.93 ? 11   PHE A CD1 1 
ATOM   104 C  CD2 . PHE A 1 12 ? 10.009  -6.510  2.869   1.00   28.40 ? 11   PHE A CD2 1 
ATOM   105 C  CE1 . PHE A 1 12 ? 11.976  -8.146  3.936   1.00   31.42 ? 11   PHE A CE1 1 
ATOM   106 C  CE2 . PHE A 1 12 ? 10.321  -6.417  4.219   1.00   30.44 ? 11   PHE A CE2 1 
ATOM   107 C  CZ  . PHE A 1 12 ? 11.312  -7.244  4.760   1.00   32.74 ? 11   PHE A CZ  1 
ATOM   108 N  N   . ILE A 1 13 ? 7.222   -7.805  1.175   1.00   26.59 ? 12   ILE A N   1 
ATOM   109 C  CA  . ILE A 1 13 ? 6.121   -7.684  2.127   1.00   25.85 ? 12   ILE A CA  1 
ATOM   110 C  C   . ILE A 1 13 ? 5.289   -8.981  2.058   1.00   27.68 ? 12   ILE A C   1 
ATOM   111 O  O   . ILE A 1 13 ? 5.009   -9.613  3.065   1.00   27.49 ? 12   ILE A O   1 
ATOM   112 C  CB  . ILE A 1 13 ? 5.231   -6.437  1.779   1.00   26.01 ? 12   ILE A CB  1 
ATOM   113 C  CG1 . ILE A 1 13 ? 5.986   -5.146  2.110   1.00   23.79 ? 12   ILE A CG1 1 
ATOM   114 C  CG2 . ILE A 1 13 ? 3.916   -6.489  2.526   1.00   24.44 ? 12   ILE A CG2 1 
ATOM   115 C  CD1 . ILE A 1 13 ? 6.364   -5.008  3.558   1.00   21.97 ? 12   ILE A CD1 1 
ATOM   116 N  N   . ASN A 1 14 ? 4.903   -9.364  0.850   1.00   30.55 ? 13   ASN A N   1 
ATOM   117 C  CA  . ASN A 1 14 ? 4.121   -10.572 0.655   1.00   32.52 ? 13   ASN A CA  1 
ATOM   118 C  C   . ASN A 1 14 ? 4.753   -11.784 1.339   1.00   35.35 ? 13   ASN A C   1 
ATOM   119 O  O   . ASN A 1 14 ? 4.043   -12.694 1.794   1.00   38.08 ? 13   ASN A O   1 
ATOM   120 C  CB  . ASN A 1 14 ? 3.968   -10.860 -0.836  1.00   29.53 ? 13   ASN A CB  1 
ATOM   121 C  CG  . ASN A 1 14 ? 3.031   -9.899  -1.510  1.00   30.62 ? 13   ASN A CG  1 
ATOM   122 O  OD1 . ASN A 1 14 ? 2.330   -9.141  -0.844  1.00   29.06 ? 13   ASN A OD1 1 
ATOM   123 N  ND2 . ASN A 1 14 ? 2.998   -9.927  -2.834  1.00   28.41 ? 13   ASN A ND2 1 
ATOM   124 N  N   . GLY A 1 15 ? 6.079   -11.790 1.420   1.00   36.78 ? 14   GLY A N   1 
ATOM   125 C  CA  . GLY A 1 15 ? 6.785   -12.918 1.994   1.00   38.50 ? 14   GLY A CA  1 
ATOM   126 C  C   . GLY A 1 15 ? 7.030   -12.903 3.477   1.00   41.59 ? 14   GLY A C   1 
ATOM   127 O  O   . GLY A 1 15 ? 7.465   -13.910 4.020   1.00   43.71 ? 14   GLY A O   1 
ATOM   128 N  N   . LEU A 1 16 ? 6.746   -11.792 4.144   1.00   41.98 ? 15   LEU A N   1 
ATOM   129 C  CA  . LEU A 1 16 ? 6.972   -11.700 5.585   1.00   41.99 ? 15   LEU A CA  1 
ATOM   130 C  C   . LEU A 1 16 ? 6.453   -12.914 6.336   1.00   43.01 ? 15   LEU A C   1 
ATOM   131 O  O   . LEU A 1 16 ? 5.402   -13.467 5.998   1.00   40.65 ? 15   LEU A O   1 
ATOM   132 C  CB  . LEU A 1 16 ? 6.311   -10.439 6.157   1.00   42.64 ? 15   LEU A CB  1 
ATOM   133 C  CG  . LEU A 1 16 ? 6.982   -9.074  5.912   1.00   44.27 ? 15   LEU A CG  1 
ATOM   134 C  CD1 . LEU A 1 16 ? 6.152   -7.988  6.578   1.00   44.44 ? 15   LEU A CD1 1 
ATOM   135 C  CD2 . LEU A 1 16 ? 8.410   -9.055  6.485   1.00   41.47 ? 15   LEU A CD2 1 
ATOM   136 N  N   . PRO A 1 17 ? 7.187   -13.355 7.371   1.00   43.60 ? 16   PRO A N   1 
ATOM   137 C  CA  . PRO A 1 17 ? 6.674   -14.519 8.096   1.00   44.77 ? 16   PRO A CA  1 
ATOM   138 C  C   . PRO A 1 17 ? 5.252   -14.162 8.492   1.00   45.94 ? 16   PRO A C   1 
ATOM   139 O  O   . PRO A 1 17 ? 4.983   -13.006 8.854   1.00   45.19 ? 16   PRO A O   1 
ATOM   140 C  CB  . PRO A 1 17 ? 7.607   -14.613 9.294   1.00   43.64 ? 16   PRO A CB  1 
ATOM   141 C  CG  . PRO A 1 17 ? 8.895   -14.075 8.760   1.00   43.48 ? 16   PRO A CG  1 
ATOM   142 C  CD  . PRO A 1 17 ? 8.430   -12.861 7.985   1.00   43.96 ? 16   PRO A CD  1 
ATOM   143 N  N   . ARG A 1 18 ? 4.340   -15.127 8.387   1.00   47.10 ? 17   ARG A N   1 
ATOM   144 C  CA  . ARG A 1 18 ? 2.948   -14.870 8.737   1.00   48.64 ? 17   ARG A CA  1 
ATOM   145 C  C   . ARG A 1 18 ? 2.842   -14.475 10.214  1.00   50.46 ? 17   ARG A C   1 
ATOM   146 O  O   . ARG A 1 18 ? 1.746   -14.191 10.710  1.00   50.37 ? 17   ARG A O   1 
ATOM   147 C  CB  . ARG A 1 18 ? 2.069   -16.102 8.459   1.00   47.57 ? 17   ARG A CB  1 
ATOM   148 C  CG  . ARG A 1 18 ? 2.101   -16.626 7.010   1.00   45.91 ? 17   ARG A CG  1 
ATOM   149 C  CD  . ARG A 1 18 ? 1.920   -15.525 5.986   1.00   43.11 ? 17   ARG A CD  1 
ATOM   150 N  NE  . ARG A 1 18 ? 1.818   -16.026 4.612   1.00   43.35 ? 17   ARG A NE  1 
ATOM   151 C  CZ  . ARG A 1 18 ? 2.290   -15.371 3.551   1.00   44.20 ? 17   ARG A CZ  1 
ATOM   152 N  NH1 . ARG A 1 18 ? 2.900   -14.197 3.707   1.00   43.00 ? 17   ARG A NH1 1 
ATOM   153 N  NH2 . ARG A 1 18 ? 2.144   -15.864 2.330   1.00   43.97 ? 17   ARG A NH2 1 
ATOM   154 N  N   . THR A 1 19 ? 3.988   -14.441 10.895  1.00   50.98 ? 18   THR A N   1 
ATOM   155 C  CA  . THR A 1 19 ? 4.049   -14.083 12.311  1.00   53.40 ? 18   THR A CA  1 
ATOM   156 C  C   . THR A 1 19 ? 4.070   -12.588 12.588  1.00   53.91 ? 18   THR A C   1 
ATOM   157 O  O   . THR A 1 19 ? 3.342   -12.111 13.455  1.00   54.66 ? 18   THR A O   1 
ATOM   158 C  CB  . THR A 1 19 ? 5.290   -14.664 12.999  1.00   53.36 ? 18   THR A CB  1 
ATOM   159 O  OG1 . THR A 1 19 ? 5.424   -14.078 14.298  1.00   56.34 ? 18   THR A OG1 1 
ATOM   160 C  CG2 . THR A 1 19 ? 6.538   -14.348 12.212  1.00   54.66 ? 18   THR A CG2 1 
ATOM   161 N  N   . ILE A 1 20 ? 4.925   -11.860 11.867  1.00   54.50 ? 19   ILE A N   1 
ATOM   162 C  CA  . ILE A 1 20 ? 5.057   -10.415 12.043  1.00   53.29 ? 19   ILE A CA  1 
ATOM   163 C  C   . ILE A 1 20 ? 3.719   -9.740  11.796  1.00   51.99 ? 19   ILE A C   1 
ATOM   164 O  O   . ILE A 1 20 ? 3.065   -10.006 10.789  1.00   51.79 ? 19   ILE A O   1 
ATOM   165 C  CB  . ILE A 1 20 ? 6.092   -9.793  11.050  1.00   54.03 ? 19   ILE A CB  1 
ATOM   166 C  CG1 . ILE A 1 20 ? 7.512   -10.233 11.392  1.00   53.26 ? 19   ILE A CG1 1 
ATOM   167 C  CG2 . ILE A 1 20 ? 6.027   -8.276  11.104  1.00   54.27 ? 19   ILE A CG2 1 
ATOM   168 C  CD1 . ILE A 1 20 ? 7.814   -11.653 11.038  1.00   54.78 ? 19   ILE A CD1 1 
ATOM   169 N  N   . ASN A 1 21 ? 3.309   -8.879  12.719  1.00   50.05 ? 20   ASN A N   1 
ATOM   170 C  CA  . ASN A 1 21 ? 2.059   -8.155  12.550  1.00   48.84 ? 20   ASN A CA  1 
ATOM   171 C  C   . ASN A 1 21 ? 2.297   -6.667  12.702  1.00   47.43 ? 20   ASN A C   1 
ATOM   172 O  O   . ASN A 1 21 ? 2.900   -6.217  13.676  1.00   48.71 ? 20   ASN A O   1 
ATOM   173 C  CB  A ASN A 1 21 ? 1.008   -8.592  13.569  0.50   48.82 ? 20   ASN A CB  1 
ATOM   174 C  CB  B ASN A 1 21 ? 1.023   -8.648  13.567  0.50   49.41 ? 20   ASN A CB  1 
ATOM   175 C  CG  A ASN A 1 21 ? -0.314  -7.862  13.379  0.50   48.36 ? 20   ASN A CG  1 
ATOM   176 C  CG  B ASN A 1 21 ? 1.609   -8.868  14.949  0.50   49.31 ? 20   ASN A CG  1 
ATOM   177 O  OD1 A ASN A 1 21 ? -0.828  -7.230  14.303  0.50   48.50 ? 20   ASN A OD1 1 
ATOM   178 O  OD1 B ASN A 1 21 ? 1.003   -9.531  15.788  0.50   48.91 ? 20   ASN A OD1 1 
ATOM   179 N  ND2 A ASN A 1 21 ? -0.868  -7.945  12.172  0.50   47.36 ? 20   ASN A ND2 1 
ATOM   180 N  ND2 B ASN A 1 21 ? 2.787   -8.307  15.195  0.50   49.98 ? 20   ASN A ND2 1 
ATOM   181 N  N   . LEU A 1 22 ? 1.833   -5.900  11.725  1.00   44.89 ? 21   LEU A N   1 
ATOM   182 C  CA  . LEU A 1 22 ? 2.014   -4.455  11.748  1.00   42.08 ? 21   LEU A CA  1 
ATOM   183 C  C   . LEU A 1 22 ? 0.746   -3.740  12.180  1.00   38.94 ? 21   LEU A C   1 
ATOM   184 O  O   . LEU A 1 22 ? -0.360  -4.231  11.967  1.00   36.18 ? 21   LEU A O   1 
ATOM   185 C  CB  . LEU A 1 22 ? 2.415   -3.962  10.356  1.00   43.97 ? 21   LEU A CB  1 
ATOM   186 C  CG  . LEU A 1 22 ? 3.802   -4.279  9.783   1.00   46.48 ? 21   LEU A CG  1 
ATOM   187 C  CD1 . LEU A 1 22 ? 4.343   -5.582  10.326  1.00   47.54 ? 21   LEU A CD1 1 
ATOM   188 C  CD2 . LEU A 1 22 ? 3.687   -4.352  8.260   1.00   45.89 ? 21   LEU A CD2 1 
ATOM   189 N  N   . PRO A 1 23 ? 0.889   -2.567  12.806  1.00   36.97 ? 22   PRO A N   1 
ATOM   190 C  CA  . PRO A 1 23 ? -0.333  -1.865  13.218  1.00   35.73 ? 22   PRO A CA  1 
ATOM   191 C  C   . PRO A 1 23 ? -1.220  -1.476  12.004  1.00   36.63 ? 22   PRO A C   1 
ATOM   192 O  O   . PRO A 1 23 ? -0.724  -1.237  10.893  1.00   32.65 ? 22   PRO A O   1 
ATOM   193 C  CB  . PRO A 1 23 ? 0.199   -0.664  14.005  1.00   36.73 ? 22   PRO A CB  1 
ATOM   194 C  CG  . PRO A 1 23 ? 1.614   -0.499  13.534  1.00   35.73 ? 22   PRO A CG  1 
ATOM   195 C  CD  . PRO A 1 23 ? 2.103   -1.883  13.284  1.00   37.14 ? 22   PRO A CD  1 
ATOM   196 N  N   . ASN A 1 24 ? -2.530  -1.427  12.235  1.00   34.18 ? 23   ASN A N   1 
ATOM   197 C  CA  . ASN A 1 24 ? -3.499  -1.113  11.200  1.00   34.39 ? 23   ASN A CA  1 
ATOM   198 C  C   . ASN A 1 24 ? -3.300  0.179   10.405  1.00   32.92 ? 23   ASN A C   1 
ATOM   199 O  O   . ASN A 1 24 ? -3.499  0.184   9.195   1.00   32.23 ? 23   ASN A O   1 
ATOM   200 C  CB  . ASN A 1 24 ? -4.916  -1.170  11.799  1.00   33.76 ? 23   ASN A CB  1 
ATOM   201 C  CG  . ASN A 1 24 ? -5.461  -2.599  11.877  1.00   35.44 ? 23   ASN A CG  1 
ATOM   202 O  OD1 . ASN A 1 24 ? -4.709  -3.581  11.840  1.00   36.24 ? 23   ASN A OD1 1 
ATOM   203 N  ND2 . ASN A 1 24 ? -6.769  -2.719  11.996  1.00   35.77 ? 23   ASN A ND2 1 
ATOM   204 N  N   . GLU A 1 25 ? -2.915  1.270   11.052  1.00   32.93 ? 24   GLU A N   1 
ATOM   205 C  CA  . GLU A 1 25 ? -2.716  2.503   10.299  1.00   35.46 ? 24   GLU A CA  1 
ATOM   206 C  C   . GLU A 1 25 ? -1.566  2.346   9.308   1.00   33.98 ? 24   GLU A C   1 
ATOM   207 O  O   . GLU A 1 25 ? -1.566  2.921   8.232   1.00   33.89 ? 24   GLU A O   1 
ATOM   208 C  CB  . GLU A 1 25 ? -2.414  3.681   11.225  1.00   38.82 ? 24   GLU A CB  1 
ATOM   209 C  CG  . GLU A 1 25 ? -3.604  4.113   12.057  1.00   44.85 ? 24   GLU A CG  1 
ATOM   210 C  CD  . GLU A 1 25 ? -4.800  4.554   11.205  1.00   50.07 ? 24   GLU A CD  1 
ATOM   211 O  OE1 . GLU A 1 25 ? -5.909  3.960   11.365  1.00   51.23 ? 24   GLU A OE1 1 
ATOM   212 O  OE2 . GLU A 1 25 ? -4.638  5.500   10.381  1.00   50.30 ? 24   GLU A OE2 1 
ATOM   213 N  N   . LEU A 1 26 ? -0.584  1.551   9.686   1.00   33.45 ? 25   LEU A N   1 
ATOM   214 C  CA  . LEU A 1 26 ? 0.560   1.330   8.843   1.00   31.52 ? 25   LEU A CA  1 
ATOM   215 C  C   . LEU A 1 26 ? 0.124   0.416   7.709   1.00   29.18 ? 25   LEU A C   1 
ATOM   216 O  O   . LEU A 1 26 ? 0.475   0.641   6.564   1.00   26.28 ? 25   LEU A O   1 
ATOM   217 C  CB  . LEU A 1 26 ? 1.655   0.697   9.676   1.00   35.48 ? 25   LEU A CB  1 
ATOM   218 C  CG  . LEU A 1 26 ? 3.063   1.057   9.254   1.00   39.89 ? 25   LEU A CG  1 
ATOM   219 C  CD1 . LEU A 1 26 ? 3.996   0.761   10.428  1.00   41.36 ? 25   LEU A CD1 1 
ATOM   220 C  CD2 . LEU A 1 26 ? 3.442   0.283   8.012   1.00   38.32 ? 25   LEU A CD2 1 
ATOM   221 N  N   . LYS A 1 27 ? -0.664  -0.603  8.030   1.00   26.13 ? 26   LYS A N   1 
ATOM   222 C  CA  . LYS A 1 27 ? -1.133  -1.506  7.006   1.00   28.54 ? 26   LYS A CA  1 
ATOM   223 C  C   . LYS A 1 27 ? -1.982  -0.742  6.004   1.00   25.44 ? 26   LYS A C   1 
ATOM   224 O  O   . LYS A 1 27 ? -1.888  -0.970  4.807   1.00   24.54 ? 26   LYS A O   1 
ATOM   225 C  CB  . LYS A 1 27 ? -1.953  -2.655  7.604   1.00   31.60 ? 26   LYS A CB  1 
ATOM   226 C  CG  . LYS A 1 27 ? -1.089  -3.808  8.069   1.00   37.87 ? 26   LYS A CG  1 
ATOM   227 C  CD  . LYS A 1 27 ? -1.898  -4.943  8.628   1.00   40.70 ? 26   LYS A CD  1 
ATOM   228 C  CE  . LYS A 1 27 ? -2.538  -4.521  9.919   1.00   42.76 ? 26   LYS A CE  1 
ATOM   229 N  NZ  . LYS A 1 27 ? -2.898  -5.716  10.707  1.00   47.12 ? 26   LYS A NZ  1 
ATOM   230 N  N   . LEU A 1 28 ? -2.805  0.168   6.501   1.00   24.97 ? 27   LEU A N   1 
ATOM   231 C  CA  . LEU A 1 28 ? -3.657  0.945   5.612   1.00   24.45 ? 27   LEU A CA  1 
ATOM   232 C  C   . LEU A 1 28 ? -2.865  1.817   4.666   1.00   22.62 ? 27   LEU A C   1 
ATOM   233 O  O   . LEU A 1 28 ? -3.277  2.020   3.512   1.00   22.21 ? 27   LEU A O   1 
ATOM   234 C  CB  . LEU A 1 28 ? -4.574  1.864   6.396   1.00   24.98 ? 27   LEU A CB  1 
ATOM   235 C  CG  . LEU A 1 28 ? -6.029  1.508   6.571   1.00   28.80 ? 27   LEU A CG  1 
ATOM   236 C  CD1 . LEU A 1 28 ? -6.674  2.791   7.128   1.00   29.60 ? 27   LEU A CD1 1 
ATOM   237 C  CD2 . LEU A 1 28 ? -6.686  1.071   5.254   1.00   27.11 ? 27   LEU A CD2 1 
ATOM   238 N  N   . ASP A 1 29 ? -1.784  2.403   5.182   1.00   21.46 ? 28   ASP A N   1 
ATOM   239 C  CA  . ASP A 1 29 ? -0.925  3.253   4.359   1.00   22.78 ? 28   ASP A CA  1 
ATOM   240 C  C   . ASP A 1 29 ? -0.301  2.423   3.273   1.00   20.71 ? 28   ASP A C   1 
ATOM   241 O  O   . ASP A 1 29 ? -0.290  2.828   2.119   1.00   22.31 ? 28   ASP A O   1 
ATOM   242 C  CB  . ASP A 1 29 ? 0.178   3.921   5.196   1.00   22.67 ? 28   ASP A CB  1 
ATOM   243 C  CG  . ASP A 1 29 ? -0.344  5.079   6.008   1.00   27.21 ? 28   ASP A CG  1 
ATOM   244 O  OD1 . ASP A 1 29 ? -1.444  5.573   5.691   1.00   26.95 ? 28   ASP A OD1 1 
ATOM   245 O  OD2 . ASP A 1 29 ? 0.352   5.502   6.951   1.00   31.42 ? 28   ASP A OD2 1 
ATOM   246 N  N   . LEU A 1 30 ? 0.217   1.251   3.640   1.00   20.19 ? 29   LEU A N   1 
ATOM   247 C  CA  . LEU A 1 30 ? 0.826   0.353   2.653   1.00   19.80 ? 29   LEU A CA  1 
ATOM   248 C  C   . LEU A 1 30 ? -0.230  -0.033  1.617   1.00   21.86 ? 29   LEU A C   1 
ATOM   249 O  O   . LEU A 1 30 ? 0.017   -0.033  0.394   1.00   19.86 ? 29   LEU A O   1 
ATOM   250 C  CB  . LEU A 1 30 ? 1.363   -0.918  3.341   1.00   19.78 ? 29   LEU A CB  1 
ATOM   251 C  CG  . LEU A 1 30 ? 2.662   -0.829  4.141   1.00   20.72 ? 29   LEU A CG  1 
ATOM   252 C  CD1 . LEU A 1 30 ? 3.049   -2.230  4.651   1.00   23.12 ? 29   LEU A CD1 1 
ATOM   253 C  CD2 . LEU A 1 30 ? 3.779   -0.303  3.213   1.00   22.53 ? 29   LEU A CD2 1 
ATOM   254 N  N   . TYR A 1 31 ? -1.421  -0.349  2.122   1.00   21.05 ? 30   TYR A N   1 
ATOM   255 C  CA  . TYR A 1 31 ? -2.555  -0.713  1.266   1.00   22.25 ? 30   TYR A CA  1 
ATOM   256 C  C   . TYR A 1 31 ? -2.941  0.352   0.215   1.00   21.27 ? 30   TYR A C   1 
ATOM   257 O  O   . TYR A 1 31 ? -3.073  0.054   -0.999  1.00   20.73 ? 30   TYR A O   1 
ATOM   258 C  CB  . TYR A 1 31 ? -3.795  -1.008  2.135   1.00   20.57 ? 30   TYR A CB  1 
ATOM   259 C  CG  . TYR A 1 31 ? -5.040  -1.215  1.299   1.00   21.48 ? 30   TYR A CG  1 
ATOM   260 C  CD1 . TYR A 1 31 ? -5.242  -2.407  0.608   1.00   22.57 ? 30   TYR A CD1 1 
ATOM   261 C  CD2 . TYR A 1 31 ? -5.983  -0.210  1.158   1.00   22.51 ? 30   TYR A CD2 1 
ATOM   262 C  CE1 . TYR A 1 31 ? -6.349  -2.588  -0.196  1.00   23.94 ? 30   TYR A CE1 1 
ATOM   263 C  CE2 . TYR A 1 31 ? -7.097  -0.375  0.356   1.00   22.41 ? 30   TYR A CE2 1 
ATOM   264 C  CZ  . TYR A 1 31 ? -7.271  -1.565  -0.317  1.00   22.81 ? 30   TYR A CZ  1 
ATOM   265 O  OH  . TYR A 1 31 ? -8.346  -1.743  -1.130  1.00   25.20 ? 30   TYR A OH  1 
ATOM   266 N  N   . LYS A 1 32 ? -3.163  1.582   0.671   1.00   22.05 ? 31   LYS A N   1 
ATOM   267 C  CA  . LYS A 1 32 ? -3.574  2.640   -0.238  1.00   20.03 ? 31   LYS A CA  1 
ATOM   268 C  C   . LYS A 1 32 ? -2.537  2.932   -1.313  1.00   22.29 ? 31   LYS A C   1 
ATOM   269 O  O   . LYS A 1 32 ? -2.913  3.168   -2.464  1.00   20.83 ? 31   LYS A O   1 
ATOM   270 C  CB  . LYS A 1 32 ? -3.930  3.931   0.513   1.00   21.01 ? 31   LYS A CB  1 
ATOM   271 C  CG  . LYS A 1 32 ? -2.755  4.821   0.927   1.00   19.15 ? 31   LYS A CG  1 
ATOM   272 C  CD  . LYS A 1 32 ? -3.203  5.748   2.035   1.00   21.98 ? 31   LYS A CD  1 
ATOM   273 C  CE  . LYS A 1 32 ? -2.105  6.734   2.445   1.00   22.22 ? 31   LYS A CE  1 
ATOM   274 N  NZ  . LYS A 1 32 ? -2.529  7.473   3.672   1.00   25.71 ? 31   LYS A NZ  1 
ATOM   275 N  N   . TYR A 1 33 ? -1.256  2.926   -0.949  1.00   20.24 ? 32   TYR A N   1 
ATOM   276 C  CA  . TYR A 1 33 ? -0.195  3.165   -1.939  1.00   21.30 ? 32   TYR A CA  1 
ATOM   277 C  C   . TYR A 1 33 ? -0.044  1.972   -2.850  1.00   20.86 ? 32   TYR A C   1 
ATOM   278 O  O   . TYR A 1 33 ? 0.254   2.102   -4.034  1.00   22.43 ? 32   TYR A O   1 
ATOM   279 C  CB  . TYR A 1 33 ? 1.127   3.493   -1.259  1.00   21.56 ? 32   TYR A CB  1 
ATOM   280 C  CG  . TYR A 1 33 ? 1.089   4.855   -0.676  1.00   22.46 ? 32   TYR A CG  1 
ATOM   281 C  CD1 . TYR A 1 33 ? 0.748   5.952   -1.466  1.00   22.15 ? 32   TYR A CD1 1 
ATOM   282 C  CD2 . TYR A 1 33 ? 1.306   5.056   0.675   1.00   22.57 ? 32   TYR A CD2 1 
ATOM   283 C  CE1 . TYR A 1 33 ? 0.618   7.220   -0.921  1.00   23.70 ? 32   TYR A CE1 1 
ATOM   284 C  CE2 . TYR A 1 33 ? 1.174   6.320   1.235   1.00   24.54 ? 32   TYR A CE2 1 
ATOM   285 C  CZ  . TYR A 1 33 ? 0.829   7.401   0.431   1.00   25.08 ? 32   TYR A CZ  1 
ATOM   286 O  OH  . TYR A 1 33 ? 0.713   8.662   0.993   1.00   25.00 ? 32   TYR A OH  1 
ATOM   287 N  N   . TYR A 1 34 ? -0.283  0.793   -2.304  1.00   22.60 ? 33   TYR A N   1 
ATOM   288 C  CA  . TYR A 1 34 ? -0.241  -0.411  -3.115  1.00   24.12 ? 33   TYR A CA  1 
ATOM   289 C  C   . TYR A 1 34 ? -1.336  -0.294  -4.198  1.00   24.88 ? 33   TYR A C   1 
ATOM   290 O  O   . TYR A 1 34 ? -1.086  -0.497  -5.392  1.00   25.91 ? 33   TYR A O   1 
ATOM   291 C  CB  . TYR A 1 34 ? -0.489  -1.643  -2.245  1.00   22.11 ? 33   TYR A CB  1 
ATOM   292 C  CG  . TYR A 1 34 ? -0.554  -2.913  -3.046  1.00   24.49 ? 33   TYR A CG  1 
ATOM   293 C  CD1 . TYR A 1 34 ? 0.603   -3.587  -3.422  1.00   25.60 ? 33   TYR A CD1 1 
ATOM   294 C  CD2 . TYR A 1 34 ? -1.782  -3.396  -3.503  1.00   25.99 ? 33   TYR A CD2 1 
ATOM   295 C  CE1 . TYR A 1 34 ? 0.539   -4.717  -4.245  1.00   29.62 ? 33   TYR A CE1 1 
ATOM   296 C  CE2 . TYR A 1 34 ? -1.857  -4.513  -4.320  1.00   29.93 ? 33   TYR A CE2 1 
ATOM   297 C  CZ  . TYR A 1 34 ? -0.697  -5.171  -4.685  1.00   30.18 ? 33   TYR A CZ  1 
ATOM   298 O  OH  . TYR A 1 34 ? -0.782  -6.289  -5.473  1.00   32.76 ? 33   TYR A OH  1 
ATOM   299 N  N   . LYS A 1 35 ? -2.560  0.019   -3.793  1.00   23.61 ? 34   LYS A N   1 
ATOM   300 C  CA  . LYS A 1 35 ? -3.638  0.156   -4.773  1.00   24.18 ? 34   LYS A CA  1 
ATOM   301 C  C   . LYS A 1 35 ? -3.387  1.258   -5.814  1.00   22.83 ? 34   LYS A C   1 
ATOM   302 O  O   . LYS A 1 35 ? -3.590  1.042   -7.000  1.00   23.07 ? 34   LYS A O   1 
ATOM   303 C  CB  . LYS A 1 35 ? -4.976  0.433   -4.065  1.00   23.94 ? 34   LYS A CB  1 
ATOM   304 C  CG  . LYS A 1 35 ? -5.402  -0.671  -3.095  1.00   26.19 ? 34   LYS A CG  1 
ATOM   305 C  CD  . LYS A 1 35 ? -5.509  -2.063  -3.739  1.00   30.25 ? 34   LYS A CD  1 
ATOM   306 C  CE  . LYS A 1 35 ? -6.723  -2.152  -4.673  1.00   34.40 ? 34   LYS A CE  1 
ATOM   307 N  NZ  . LYS A 1 35 ? -7.020  -3.560  -5.044  1.00   37.80 ? 34   LYS A NZ  1 
ATOM   308 N  N   . GLN A 1 36 ? -2.984  2.437   -5.352  1.00   20.06 ? 35   GLN A N   1 
ATOM   309 C  CA  . GLN A 1 36 ? -2.716  3.582   -6.214  1.00   23.64 ? 35   GLN A CA  1 
ATOM   310 C  C   . GLN A 1 36 ? -1.554  3.319   -7.167  1.00   26.11 ? 35   GLN A C   1 
ATOM   311 O  O   . GLN A 1 36 ? -1.516  3.879   -8.276  1.00   28.47 ? 35   GLN A O   1 
ATOM   312 C  CB  . GLN A 1 36 ? -2.412  4.825   -5.365  1.00   23.26 ? 35   GLN A CB  1 
ATOM   313 C  CG  . GLN A 1 36 ? -2.358  6.119   -6.171  1.00   24.43 ? 35   GLN A CG  1 
ATOM   314 C  CD  . GLN A 1 36 ? -3.690  6.446   -6.839  1.00   25.10 ? 35   GLN A CD  1 
ATOM   315 O  OE1 . GLN A 1 36 ? -3.752  7.216   -7.803  1.00   27.43 ? 35   GLN A OE1 1 
ATOM   316 N  NE2 . GLN A 1 36 ? -4.753  5.875   -6.321  1.00   23.68 ? 35   GLN A NE2 1 
ATOM   317 N  N   . SER A 1 37 ? -0.612  2.474   -6.749  1.00   25.79 ? 36   SER A N   1 
ATOM   318 C  CA  . SER A 1 37 ? 0.532   2.122   -7.603  1.00   28.23 ? 36   SER A CA  1 
ATOM   319 C  C   . SER A 1 37 ? 0.116   1.154   -8.697  1.00   29.83 ? 36   SER A C   1 
ATOM   320 O  O   . SER A 1 37 ? 0.419   1.366   -9.867  1.00   32.44 ? 36   SER A O   1 
ATOM   321 C  CB  . SER A 1 37 ? 1.649   1.455   -6.803  1.00   27.83 ? 36   SER A CB  1 
ATOM   322 O  OG  . SER A 1 37 ? 2.290   2.387   -5.954  1.00   29.00 ? 36   SER A OG  1 
ATOM   323 N  N   . THR A 1 38 ? -0.607  0.109   -8.316  1.00   29.15 ? 37   THR A N   1 
ATOM   324 C  CA  . THR A 1 38 ? -1.014  -0.919  -9.255  1.00   29.10 ? 37   THR A CA  1 
ATOM   325 C  C   . THR A 1 38 ? -2.241  -0.634  -10.126 1.00   30.54 ? 37   THR A C   1 
ATOM   326 O  O   . THR A 1 38 ? -2.190  -0.833  -11.329 1.00   32.03 ? 37   THR A O   1 
ATOM   327 C  CB  . THR A 1 38 ? -1.209  -2.251  -8.528  1.00   25.80 ? 37   THR A CB  1 
ATOM   328 O  OG1 . THR A 1 38 ? -2.154  -2.091  -7.467  1.00   26.80 ? 37   THR A OG1 1 
ATOM   329 C  CG2 . THR A 1 38 ? 0.100   -2.713  -7.925  1.00   27.75 ? 37   THR A CG2 1 
ATOM   330 N  N   . ILE A 1 39 ? -3.333  -0.157  -9.540  1.00   31.32 ? 38   ILE A N   1 
ATOM   331 C  CA  . ILE A 1 39 ? -4.537  0.092   -10.316 1.00   30.79 ? 38   ILE A CA  1 
ATOM   332 C  C   . ILE A 1 39 ? -4.684  1.553   -10.686 1.00   31.56 ? 38   ILE A C   1 
ATOM   333 O  O   . ILE A 1 39 ? -5.144  1.902   -11.786 1.00   30.86 ? 38   ILE A O   1 
ATOM   334 C  CB  . ILE A 1 39 ? -5.779  -0.402  -9.522  1.00   33.38 ? 38   ILE A CB  1 
ATOM   335 C  CG1 . ILE A 1 39 ? -5.670  -1.920  -9.313  1.00   32.27 ? 38   ILE A CG1 1 
ATOM   336 C  CG2 . ILE A 1 39 ? -7.072  -0.034  -10.269 1.00   33.28 ? 38   ILE A CG2 1 
ATOM   337 C  CD1 . ILE A 1 39 ? -6.598  -2.488  -8.261  1.00   36.90 ? 38   ILE A CD1 1 
ATOM   338 N  N   . GLY A 1 40 ? -4.261  2.419   -9.782  1.00   29.91 ? 39   GLY A N   1 
ATOM   339 C  CA  . GLY A 1 40 ? -4.397  3.834   -10.042 1.00   30.54 ? 39   GLY A CA  1 
ATOM   340 C  C   . GLY A 1 40 ? -5.587  4.355   -9.254  1.00   30.74 ? 39   GLY A C   1 
ATOM   341 O  O   . GLY A 1 40 ? -5.944  3.762   -8.232  1.00   31.29 ? 39   GLY A O   1 
ATOM   342 N  N   . ASN A 1 41 ? -6.212  5.440   -9.707  1.00   30.94 ? 40   ASN A N   1 
ATOM   343 C  CA  . ASN A 1 41 ? -7.348  5.984   -8.971  1.00   33.07 ? 40   ASN A CA  1 
ATOM   344 C  C   . ASN A 1 41 ? -8.365  4.927   -8.544  1.00   32.66 ? 40   ASN A C   1 
ATOM   345 O  O   . ASN A 1 41 ? -8.558  3.922   -9.224  1.00   34.07 ? 40   ASN A O   1 
ATOM   346 C  CB  . ASN A 1 41 ? -8.023  7.083   -9.776  1.00   33.27 ? 40   ASN A CB  1 
ATOM   347 C  CG  . ASN A 1 41 ? -7.365  8.431   -9.574  1.00   36.03 ? 40   ASN A CG  1 
ATOM   348 O  OD1 . ASN A 1 41 ? -6.231  8.524   -9.077  1.00   34.42 ? 40   ASN A OD1 1 
ATOM   349 N  ND2 . ASN A 1 41 ? -8.064  9.492   -9.966  1.00   37.57 ? 40   ASN A ND2 1 
ATOM   350 N  N   . CYS A 1 42 ? -8.988  5.137   -7.382  1.00   33.11 ? 41   CYS A N   1 
ATOM   351 C  CA  . CYS A 1 42 ? -9.973  4.185   -6.878  1.00   33.55 ? 41   CYS A CA  1 
ATOM   352 C  C   . CYS A 1 42 ? -10.983 3.893   -8.009  1.00   34.22 ? 41   CYS A C   1 
ATOM   353 O  O   . CYS A 1 42 ? -11.555 4.811   -8.598  1.00   32.85 ? 41   CYS A O   1 
ATOM   354 C  CB  . CYS A 1 42 ? -10.655 4.775   -5.634  1.00   32.77 ? 41   CYS A CB  1 
ATOM   355 S  SG  . CYS A 1 42 ? -11.816 3.660   -4.831  1.00   34.40 ? 41   CYS A SG  1 
ATOM   356 N  N   . ASN A 1 43 ? -11.188 2.624   -8.335  1.00   36.66 ? 42   ASN A N   1 
ATOM   357 C  CA  . ASN A 1 43 ? -12.094 2.312   -9.435  1.00   39.77 ? 42   ASN A CA  1 
ATOM   358 C  C   . ASN A 1 43 ? -13.275 1.396   -9.094  1.00   40.65 ? 42   ASN A C   1 
ATOM   359 O  O   . ASN A 1 43 ? -13.912 0.825   -9.979  1.00   40.34 ? 42   ASN A O   1 
ATOM   360 C  CB  . ASN A 1 43 ? -11.288 1.728   -10.611 1.00   40.13 ? 42   ASN A CB  1 
ATOM   361 C  CG  . ASN A 1 43 ? -10.839 0.284   -10.374 1.00   40.27 ? 42   ASN A CG  1 
ATOM   362 O  OD1 . ASN A 1 43 ? -10.844 -0.219  -9.249  1.00   41.93 ? 42   ASN A OD1 1 
ATOM   363 N  ND2 . ASN A 1 43 ? -10.435 -0.380  -11.444 1.00   42.40 ? 42   ASN A ND2 1 
ATOM   364 N  N   . ILE A 1 44 ? -13.578 1.259   -7.811  1.00   41.93 ? 43   ILE A N   1 
ATOM   365 C  CA  . ILE A 1 44 ? -14.691 0.417   -7.412  1.00   42.34 ? 43   ILE A CA  1 
ATOM   366 C  C   . ILE A 1 44 ? -15.792 1.288   -6.838  1.00   42.71 ? 43   ILE A C   1 
ATOM   367 O  O   . ILE A 1 44 ? -15.598 2.486   -6.607  1.00   41.33 ? 43   ILE A O   1 
ATOM   368 C  CB  . ILE A 1 44 ? -14.274 -0.590  -6.345  1.00   41.62 ? 43   ILE A CB  1 
ATOM   369 C  CG1 . ILE A 1 44 ? -13.854 0.158   -5.079  1.00   40.89 ? 43   ILE A CG1 1 
ATOM   370 C  CG2 . ILE A 1 44 ? -13.156 -1.468  -6.879  1.00   42.95 ? 43   ILE A CG2 1 
ATOM   371 C  CD1 . ILE A 1 44 ? -13.733 -0.733  -3.865  1.00   37.99 ? 43   ILE A CD1 1 
ATOM   372 N  N   . LYS A 1 45 ? -16.952 0.683   -6.612  1.00   44.58 ? 44   LYS A N   1 
ATOM   373 C  CA  . LYS A 1 45 ? -18.076 1.416   -6.040  1.00   45.35 ? 44   LYS A CA  1 
ATOM   374 C  C   . LYS A 1 45 ? -17.859 1.601   -4.528  1.00   45.89 ? 44   LYS A C   1 
ATOM   375 O  O   . LYS A 1 45 ? -17.258 0.751   -3.859  1.00   46.28 ? 44   LYS A O   1 
ATOM   376 C  CB  . LYS A 1 45 ? -19.384 0.655   -6.290  1.00   45.74 ? 44   LYS A CB  1 
ATOM   377 C  CG  . LYS A 1 45 ? -19.735 0.487   -7.759  0.0000 45.98 ? 44   LYS A CG  1 
ATOM   378 C  CD  . LYS A 1 45 ? -21.048 -0.258  -7.928  0.0000 46.23 ? 44   LYS A CD  1 
ATOM   379 C  CE  . LYS A 1 45 ? -21.412 -0.412  -9.396  0.0000 46.36 ? 44   LYS A CE  1 
ATOM   380 N  NZ  . LYS A 1 45 ? -21.563 0.906   -10.071 0.0000 46.51 ? 44   LYS A NZ  1 
ATOM   381 N  N   . GLU A 1 46 ? -18.332 2.723   -4.005  1.00   45.29 ? 45   GLU A N   1 
ATOM   382 C  CA  . GLU A 1 46 ? -18.216 3.014   -2.589  1.00   46.28 ? 45   GLU A CA  1 
ATOM   383 C  C   . GLU A 1 46 ? -18.942 1.921   -1.794  1.00   45.58 ? 45   GLU A C   1 
ATOM   384 O  O   . GLU A 1 46 ? -20.135 1.701   -1.984  1.00   46.95 ? 45   GLU A O   1 
ATOM   385 C  CB  . GLU A 1 46 ? -18.853 4.379   -2.302  1.00   47.89 ? 45   GLU A CB  1 
ATOM   386 C  CG  . GLU A 1 46 ? -18.724 4.851   -0.868  1.00   50.73 ? 45   GLU A CG  1 
ATOM   387 C  CD  . GLU A 1 46 ? -19.480 6.143   -0.608  1.00   53.35 ? 45   GLU A CD  1 
ATOM   388 O  OE1 . GLU A 1 46 ? -20.673 6.082   -0.232  1.00   54.52 ? 45   GLU A OE1 1 
ATOM   389 O  OE2 . GLU A 1 46 ? -18.883 7.227   -0.791  1.00   55.11 ? 45   GLU A OE2 1 
ATOM   390 N  N   . PRO A 1 47 ? -18.231 1.205   -0.903  1.00   44.30 ? 46   PRO A N   1 
ATOM   391 C  CA  . PRO A 1 47 ? -18.924 0.168   -0.144  1.00   42.10 ? 46   PRO A CA  1 
ATOM   392 C  C   . PRO A 1 47 ? -19.743 0.820   0.970   1.00   40.85 ? 46   PRO A C   1 
ATOM   393 O  O   . PRO A 1 47 ? -19.548 1.995   1.291   1.00   40.33 ? 46   PRO A O   1 
ATOM   394 C  CB  . PRO A 1 47 ? -17.775 -0.686  0.385   1.00   42.41 ? 46   PRO A CB  1 
ATOM   395 C  CG  . PRO A 1 47 ? -16.735 0.313   0.662   1.00   41.61 ? 46   PRO A CG  1 
ATOM   396 C  CD  . PRO A 1 47 ? -16.801 1.247   -0.539  1.00   42.94 ? 46   PRO A CD  1 
ATOM   397 N  N   . SER A 1 48 ? -20.674 0.080   1.552   1.00   40.27 ? 47   SER A N   1 
ATOM   398 C  CA  . SER A 1 48 ? -21.458 0.674   2.629   1.00   40.12 ? 47   SER A CA  1 
ATOM   399 C  C   . SER A 1 48 ? -20.545 0.939   3.810   1.00   38.76 ? 47   SER A C   1 
ATOM   400 O  O   . SER A 1 48 ? -19.638 0.142   4.092   1.00   37.20 ? 47   SER A O   1 
ATOM   401 C  CB  . SER A 1 48 ? -22.578 -0.247  3.087   1.00   40.00 ? 47   SER A CB  1 
ATOM   402 O  OG  . SER A 1 48 ? -23.243 0.365   4.180   1.00   43.03 ? 47   SER A OG  1 
ATOM   403 N  N   . ALA A 1 49 ? -20.798 2.046   4.510   1.00   38.60 ? 48   ALA A N   1 
ATOM   404 C  CA  . ALA A 1 49 ? -19.990 2.396   5.670   1.00   37.82 ? 48   ALA A CA  1 
ATOM   405 C  C   . ALA A 1 49 ? -20.301 1.427   6.817   1.00   36.00 ? 48   ALA A C   1 
ATOM   406 O  O   . ALA A 1 49 ? -19.674 1.485   7.883   1.00   34.88 ? 48   ALA A O   1 
ATOM   407 C  CB  . ALA A 1 49 ? -20.244 3.859   6.085   1.00   38.73 ? 48   ALA A CB  1 
ATOM   408 N  N   . HIS A 1 50 ? -21.267 0.541   6.580   1.00   33.28 ? 49   HIS A N   1 
ATOM   409 C  CA  . HIS A 1 50 ? -21.636 -0.482  7.561   1.00   32.86 ? 49   HIS A CA  1 
ATOM   410 C  C   . HIS A 1 50 ? -20.574 -1.614  7.553   1.00   31.69 ? 49   HIS A C   1 
ATOM   411 O  O   . HIS A 1 50 ? -20.397 -2.340  8.531   1.00   29.42 ? 49   HIS A O   1 
ATOM   412 C  CB  . HIS A 1 50 ? -23.018 -1.051  7.239   1.00   33.95 ? 49   HIS A CB  1 
ATOM   413 C  CG  . HIS A 1 50 ? -23.490 -2.079  8.222   1.00   34.91 ? 49   HIS A CG  1 
ATOM   414 N  ND1 . HIS A 1 50 ? -23.832 -1.762  9.521   1.00   34.05 ? 49   HIS A ND1 1 
ATOM   415 C  CD2 . HIS A 1 50 ? -23.683 -3.411  8.094   1.00   33.18 ? 49   HIS A CD2 1 
ATOM   416 C  CE1 . HIS A 1 50 ? -24.226 -2.857  10.147  1.00   33.81 ? 49   HIS A CE1 1 
ATOM   417 N  NE2 . HIS A 1 50 ? -24.145 -3.870  9.304   1.00   34.81 ? 49   HIS A NE2 1 
ATOM   418 N  N   . LYS A 1 51 ? -19.882 -1.761  6.426   1.00   30.15 ? 50   LYS A N   1 
ATOM   419 C  CA  . LYS A 1 51 ? -18.807 -2.743  6.292   1.00   29.53 ? 50   LYS A CA  1 
ATOM   420 C  C   . LYS A 1 51 ? -17.565 -1.926  6.679   1.00   27.00 ? 50   LYS A C   1 
ATOM   421 O  O   . LYS A 1 51 ? -16.821 -1.454  5.827   1.00   26.13 ? 50   LYS A O   1 
ATOM   422 C  CB  . LYS A 1 51 ? -18.721 -3.210  4.837   1.00   32.44 ? 50   LYS A CB  1 
ATOM   423 C  CG  . LYS A 1 51 ? -19.960 -3.913  4.352   1.00   33.17 ? 50   LYS A CG  1 
ATOM   424 C  CD  . LYS A 1 51 ? -19.810 -4.335  2.891   1.00   36.83 ? 50   LYS A CD  1 
ATOM   425 C  CE  . LYS A 1 51 ? -20.975 -5.202  2.446   1.00   37.96 ? 50   LYS A CE  1 
ATOM   426 N  NZ  . LYS A 1 51 ? -21.092 -6.441  3.261   0.0000 37.48 ? 50   LYS A NZ  1 
ATOM   427 N  N   . TYR A 1 52 ? -17.373 -1.757  7.981   1.00   22.70 ? 51   TYR A N   1 
ATOM   428 C  CA  . TYR A 1 52 ? -16.300 -0.943  8.520   1.00   23.07 ? 51   TYR A CA  1 
ATOM   429 C  C   . TYR A 1 52 ? -14.929 -1.027  7.860   1.00   22.26 ? 51   TYR A C   1 
ATOM   430 O  O   . TYR A 1 52 ? -14.425 -0.038  7.327   1.00   22.72 ? 51   TYR A O   1 
ATOM   431 C  CB  . TYR A 1 52 ? -16.167 -1.194  10.033  1.00   22.50 ? 51   TYR A CB  1 
ATOM   432 C  CG  . TYR A 1 52 ? -15.396 -0.091  10.735  1.00   25.14 ? 51   TYR A CG  1 
ATOM   433 C  CD1 . TYR A 1 52 ? -15.916 1.198   10.833  1.00   23.56 ? 51   TYR A CD1 1 
ATOM   434 C  CD2 . TYR A 1 52 ? -14.112 -0.321  11.221  1.00   23.65 ? 51   TYR A CD2 1 
ATOM   435 C  CE1 . TYR A 1 52 ? -15.171 2.233   11.396  1.00   25.31 ? 51   TYR A CE1 1 
ATOM   436 C  CE2 . TYR A 1 52 ? -13.373 0.691   11.771  1.00   26.62 ? 51   TYR A CE2 1 
ATOM   437 C  CZ  . TYR A 1 52 ? -13.907 1.967   11.860  1.00   27.29 ? 51   TYR A CZ  1 
ATOM   438 O  OH  . TYR A 1 52 ? -13.164 2.959   12.457  1.00   31.12 ? 51   TYR A OH  1 
ATOM   439 N  N   . ILE A 1 53 ? -14.329 -2.202  7.876   1.00   22.94 ? 52   ILE A N   1 
ATOM   440 C  CA  . ILE A 1 53 ? -13.000 -2.338  7.303   1.00   26.49 ? 52   ILE A CA  1 
ATOM   441 C  C   . ILE A 1 53 ? -12.969 -2.087  5.811   1.00   26.09 ? 52   ILE A C   1 
ATOM   442 O  O   . ILE A 1 53 ? -12.115 -1.353  5.333   1.00   24.88 ? 52   ILE A O   1 
ATOM   443 C  CB  . ILE A 1 53 ? -12.390 -3.720  7.611   1.00   27.72 ? 52   ILE A CB  1 
ATOM   444 C  CG1 . ILE A 1 53 ? -12.278 -3.883  9.125   1.00   29.08 ? 52   ILE A CG1 1 
ATOM   445 C  CG2 . ILE A 1 53 ? -10.999 -3.848  6.979   1.00   28.94 ? 52   ILE A CG2 1 
ATOM   446 C  CD1 . ILE A 1 53 ? -11.667 -2.661  9.833   1.00   32.59 ? 52   ILE A CD1 1 
ATOM   447 N  N   . ASP A 1 54 ? -13.898 -2.693  5.079   1.00   27.28 ? 53   ASP A N   1 
ATOM   448 C  CA  . ASP A 1 54 ? -13.945 -2.481  3.644   1.00   28.58 ? 53   ASP A CA  1 
ATOM   449 C  C   . ASP A 1 54 ? -14.079 -0.988  3.379   1.00   29.11 ? 53   ASP A C   1 
ATOM   450 O  O   . ASP A 1 54 ? -13.466 -0.457  2.456   1.00   29.57 ? 53   ASP A O   1 
ATOM   451 C  CB  . ASP A 1 54 ? -15.117 -3.249  3.019   1.00   30.76 ? 53   ASP A CB  1 
ATOM   452 C  CG  . ASP A 1 54 ? -15.003 -4.757  3.230   1.00   34.98 ? 53   ASP A CG  1 
ATOM   453 O  OD1 . ASP A 1 54 ? -13.864 -5.265  3.389   1.00   36.66 ? 53   ASP A OD1 1 
ATOM   454 O  OD2 . ASP A 1 54 ? -16.046 -5.445  3.234   1.00   38.01 ? 53   ASP A OD2 1 
ATOM   455 N  N   . ARG A 1 55 ? -14.864 -0.295  4.197   1.00   27.32 ? 54   ARG A N   1 
ATOM   456 C  CA  . ARG A 1 55 ? -15.034 1.136   4.001   1.00   27.15 ? 54   ARG A CA  1 
ATOM   457 C  C   . ARG A 1 55 ? -13.748 1.903   4.297   1.00   26.48 ? 54   ARG A C   1 
ATOM   458 O  O   . ARG A 1 55 ? -13.406 2.859   3.589   1.00   26.08 ? 54   ARG A O   1 
ATOM   459 C  CB  . ARG A 1 55 ? -16.171 1.684   4.868   1.00   28.22 ? 54   ARG A CB  1 
ATOM   460 C  CG  . ARG A 1 55 ? -16.423 3.169   4.654   1.00   33.19 ? 54   ARG A CG  1 
ATOM   461 C  CD  . ARG A 1 55 ? -16.641 3.464   3.180   1.00   35.63 ? 54   ARG A CD  1 
ATOM   462 N  NE  . ARG A 1 55 ? -16.977 4.861   2.903   1.00   40.62 ? 54   ARG A NE  1 
ATOM   463 C  CZ  . ARG A 1 55 ? -18.212 5.298   2.647   1.00   42.93 ? 54   ARG A CZ  1 
ATOM   464 N  NH1 . ARG A 1 55 ? -19.229 4.452   2.634   1.00   44.82 ? 54   ARG A NH1 1 
ATOM   465 N  NH2 . ARG A 1 55 ? -18.435 6.580   2.403   1.00   44.33 ? 54   ARG A NH2 1 
ATOM   466 N  N   . LYS A 1 56 ? -13.040 1.500   5.344   1.00   25.42 ? 55   LYS A N   1 
ATOM   467 C  CA  . LYS A 1 56 ? -11.775 2.142   5.691   1.00   26.37 ? 55   LYS A CA  1 
ATOM   468 C  C   . LYS A 1 56 ? -10.769 1.984   4.570   1.00   24.10 ? 55   LYS A C   1 
ATOM   469 O  O   . LYS A 1 56 ? -9.974  2.871   4.327   1.00   22.73 ? 55   LYS A O   1 
ATOM   470 C  CB  . LYS A 1 56 ? -11.140 1.522   6.944   1.00   30.62 ? 55   LYS A CB  1 
ATOM   471 C  CG  . LYS A 1 56 ? -11.866 1.788   8.235   1.00   35.75 ? 55   LYS A CG  1 
ATOM   472 C  CD  . LYS A 1 56 ? -10.860 2.238   9.266   1.00   41.04 ? 55   LYS A CD  1 
ATOM   473 C  CE  . LYS A 1 56 ? -10.164 3.466   8.747   1.00   44.02 ? 55   LYS A CE  1 
ATOM   474 N  NZ  . LYS A 1 56 ? -11.196 4.484   8.368   1.00   46.73 ? 55   LYS A NZ  1 
ATOM   475 N  N   . LYS A 1 57 ? -10.778 0.815   3.935   1.00   24.50 ? 56   LYS A N   1 
ATOM   476 C  CA  . LYS A 1 57 ? -9.851  0.533   2.849   1.00   24.68 ? 56   LYS A CA  1 
ATOM   477 C  C   . LYS A 1 57 ? -10.218 1.425   1.679   1.00   24.72 ? 56   LYS A C   1 
ATOM   478 O  O   . LYS A 1 57 ? -9.352  2.031   1.046   1.00   24.15 ? 56   LYS A O   1 
ATOM   479 C  CB  . LYS A 1 57 ? -9.927  -0.955  2.470   1.00   23.76 ? 56   LYS A CB  1 
ATOM   480 C  CG  . LYS A 1 57 ? -9.316  -1.843  3.549   1.00   22.95 ? 56   LYS A CG  1 
ATOM   481 C  CD  . LYS A 1 57 ? -9.663  -3.310  3.367   1.00   27.60 ? 56   LYS A CD  1 
ATOM   482 C  CE  . LYS A 1 57 ? -9.066  -3.853  2.103   1.00   27.78 ? 56   LYS A CE  1 
ATOM   483 N  NZ  . LYS A 1 57 ? -9.263  -5.314  1.991   1.00   26.65 ? 56   LYS A NZ  1 
ATOM   484 N  N   . TYR A 1 58 ? -11.516 1.514   1.414   1.00   25.45 ? 57   TYR A N   1 
ATOM   485 C  CA  . TYR A 1 58 ? -11.997 2.364   0.343   1.00   25.68 ? 57   TYR A CA  1 
ATOM   486 C  C   . TYR A 1 58 ? -11.562 3.823   0.530   1.00   27.19 ? 57   TYR A C   1 
ATOM   487 O  O   . TYR A 1 58 ? -10.992 4.434   -0.378  1.00   26.91 ? 57   TYR A O   1 
ATOM   488 C  CB  . TYR A 1 58 ? -13.512 2.306   0.283   1.00   30.22 ? 57   TYR A CB  1 
ATOM   489 C  CG  . TYR A 1 58 ? -14.095 3.208   -0.754  1.00   32.37 ? 57   TYR A CG  1 
ATOM   490 C  CD1 . TYR A 1 58 ? -14.153 2.815   -2.097  1.00   32.58 ? 57   TYR A CD1 1 
ATOM   491 C  CD2 . TYR A 1 58 ? -14.595 4.454   -0.401  1.00   33.64 ? 57   TYR A CD2 1 
ATOM   492 C  CE1 . TYR A 1 58 ? -14.711 3.656   -3.056  1.00   35.50 ? 57   TYR A CE1 1 
ATOM   493 C  CE2 . TYR A 1 58 ? -15.151 5.296   -1.352  1.00   35.17 ? 57   TYR A CE2 1 
ATOM   494 C  CZ  . TYR A 1 58 ? -15.203 4.891   -2.674  1.00   34.19 ? 57   TYR A CZ  1 
ATOM   495 O  OH  . TYR A 1 58 ? -15.733 5.739   -3.609  1.00   38.68 ? 57   TYR A OH  1 
ATOM   496 N  N   . GLU A 1 59 ? -11.809 4.392   1.704   1.00   24.03 ? 58   GLU A N   1 
ATOM   497 C  CA  . GLU A 1 59 ? -11.444 5.784   1.912   1.00   25.99 ? 58   GLU A CA  1 
ATOM   498 C  C   . GLU A 1 59 ? -9.933  6.014   1.868   1.00   25.75 ? 58   GLU A C   1 
ATOM   499 O  O   . GLU A 1 59 ? -9.490  7.057   1.432   1.00   25.63 ? 58   GLU A O   1 
ATOM   500 C  CB  . GLU A 1 59 ? -12.023 6.295   3.245   1.00   27.91 ? 58   GLU A CB  1 
ATOM   501 C  CG  A GLU A 1 59 ? -13.504 5.942   3.413   0.50   28.53 ? 58   GLU A CG  1 
ATOM   502 C  CG  B GLU A 1 59 ? -13.555 6.219   3.362   0.50   29.96 ? 58   GLU A CG  1 
ATOM   503 C  CD  A GLU A 1 59 ? -14.101 6.454   4.715   0.50   29.44 ? 58   GLU A CD  1 
ATOM   504 C  CD  B GLU A 1 59 ? -14.288 7.251   2.518   0.50   30.92 ? 58   GLU A CD  1 
ATOM   505 O  OE1 A GLU A 1 59 ? -13.388 6.479   5.736   0.50   30.13 ? 58   GLU A OE1 1 
ATOM   506 O  OE1 B GLU A 1 59 ? -13.845 8.418   2.479   0.50   32.89 ? 58   GLU A OE1 1 
ATOM   507 O  OE2 A GLU A 1 59 ? -15.296 6.810   4.722   0.50   29.13 ? 58   GLU A OE2 1 
ATOM   508 O  OE2 B GLU A 1 59 ? -15.323 6.903   1.907   0.50   33.26 ? 58   GLU A OE2 1 
ATOM   509 N  N   . ALA A 1 60 ? -9.136  5.050   2.329   1.00   24.62 ? 59   ALA A N   1 
ATOM   510 C  CA  . ALA A 1 60 ? -7.674  5.207   2.307   1.00   22.88 ? 59   ALA A CA  1 
ATOM   511 C  C   . ALA A 1 60 ? -7.231  5.352   0.854   1.00   22.12 ? 59   ALA A C   1 
ATOM   512 O  O   . ALA A 1 60 ? -6.502  6.271   0.502   1.00   24.16 ? 59   ALA A O   1 
ATOM   513 C  CB  . ALA A 1 60 ? -6.994  3.982   2.956   1.00   21.70 ? 59   ALA A CB  1 
ATOM   514 N  N   . TRP A 1 61 ? -7.690  4.433   0.021   1.00   23.59 ? 60   TRP A N   1 
ATOM   515 C  CA  . TRP A 1 61 ? -7.388  4.441   -1.403  1.00   27.00 ? 60   TRP A CA  1 
ATOM   516 C  C   . TRP A 1 61 ? -7.882  5.753   -2.061  1.00   29.57 ? 60   TRP A C   1 
ATOM   517 O  O   . TRP A 1 61 ? -7.138  6.437   -2.781  1.00   28.10 ? 60   TRP A O   1 
ATOM   518 C  CB  . TRP A 1 61 ? -8.054  3.222   -2.058  1.00   26.46 ? 60   TRP A CB  1 
ATOM   519 C  CG  . TRP A 1 61 ? -7.629  2.990   -3.472  1.00   28.07 ? 60   TRP A CG  1 
ATOM   520 C  CD1 . TRP A 1 61 ? -6.685  3.686   -4.169  1.00   27.29 ? 60   TRP A CD1 1 
ATOM   521 C  CD2 . TRP A 1 61 ? -8.178  2.037   -4.382  1.00   28.17 ? 60   TRP A CD2 1 
ATOM   522 N  NE1 . TRP A 1 61 ? -6.620  3.237   -5.457  1.00   25.17 ? 60   TRP A NE1 1 
ATOM   523 C  CE2 . TRP A 1 61 ? -7.519  2.221   -5.622  1.00   28.31 ? 60   TRP A CE2 1 
ATOM   524 C  CE3 . TRP A 1 61 ? -9.168  1.045   -4.276  1.00   29.04 ? 60   TRP A CE3 1 
ATOM   525 C  CZ2 . TRP A 1 61 ? -7.819  1.447   -6.755  1.00   28.21 ? 60   TRP A CZ2 1 
ATOM   526 C  CZ3 . TRP A 1 61 ? -9.467  0.278   -5.401  1.00   29.02 ? 60   TRP A CZ3 1 
ATOM   527 C  CH2 . TRP A 1 61 ? -8.792  0.488   -6.624  1.00   28.59 ? 60   TRP A CH2 1 
ATOM   528 N  N   . LYS A 1 62 ? -9.140  6.099   -1.810  1.00   29.80 ? 61   LYS A N   1 
ATOM   529 C  CA  . LYS A 1 62 ? -9.716  7.327   -2.346  1.00   30.09 ? 61   LYS A CA  1 
ATOM   530 C  C   . LYS A 1 62 ? -8.871  8.522   -1.953  1.00   30.74 ? 61   LYS A C   1 
ATOM   531 O  O   . LYS A 1 62 ? -8.714  9.460   -2.729  1.00   30.56 ? 61   LYS A O   1 
ATOM   532 C  CB  . LYS A 1 62 ? -11.124 7.557   -1.768  1.00   33.10 ? 61   LYS A CB  1 
ATOM   533 C  CG  . LYS A 1 62 ? -12.277 7.156   -2.659  1.00   37.98 ? 61   LYS A CG  1 
ATOM   534 C  CD  . LYS A 1 62 ? -12.439 8.171   -3.790  1.00   40.32 ? 61   LYS A CD  1 
ATOM   535 C  CE  . LYS A 1 62 ? -13.736 7.949   -4.543  1.00   42.76 ? 61   LYS A CE  1 
ATOM   536 N  NZ  . LYS A 1 62 ? -13.785 8.747   -5.794  1.00   44.17 ? 61   LYS A NZ  1 
ATOM   537 N  N   . SER A 1 63 ? -8.325  8.501   -0.742  1.00   29.11 ? 62   SER A N   1 
ATOM   538 C  CA  . SER A 1 63 ? -7.563  9.647   -0.297  1.00   29.72 ? 62   SER A CA  1 
ATOM   539 C  C   . SER A 1 63 ? -6.281  9.896   -1.080  1.00   29.96 ? 62   SER A C   1 
ATOM   540 O  O   . SER A 1 63 ? -5.737  10.990  -0.997  1.00   29.75 ? 62   SER A O   1 
ATOM   541 C  CB  . SER A 1 63 ? -7.265  9.568   1.206   1.00   29.25 ? 62   SER A CB  1 
ATOM   542 O  OG  . SER A 1 63 ? -6.139  8.750   1.509   1.00   30.43 ? 62   SER A OG  1 
ATOM   543 N  N   . VAL A 1 64 ? -5.769  8.904   -1.806  1.00   29.69 ? 63   VAL A N   1 
ATOM   544 C  CA  . VAL A 1 64 ? -4.552  9.148   -2.593  1.00   29.56 ? 63   VAL A CA  1 
ATOM   545 C  C   . VAL A 1 64 ? -4.878  9.320   -4.073  1.00   31.31 ? 63   VAL A C   1 
ATOM   546 O  O   . VAL A 1 64 ? -4.018  9.169   -4.942  1.00   31.06 ? 63   VAL A O   1 
ATOM   547 C  CB  . VAL A 1 64 ? -3.483  8.043   -2.426  1.00   28.18 ? 63   VAL A CB  1 
ATOM   548 C  CG1 . VAL A 1 64 ? -2.896  8.130   -1.044  1.00   26.76 ? 63   VAL A CG1 1 
ATOM   549 C  CG2 . VAL A 1 64 ? -4.074  6.665   -2.670  1.00   27.08 ? 63   VAL A CG2 1 
ATOM   550 N  N   . GLU A 1 65 ? -6.136  9.654   -4.348  1.00   32.65 ? 64   GLU A N   1 
ATOM   551 C  CA  . GLU A 1 65 ? -6.598  9.867   -5.711  1.00   35.08 ? 64   GLU A CA  1 
ATOM   552 C  C   . GLU A 1 65 ? -5.687  10.885  -6.411  1.00   34.78 ? 64   GLU A C   1 
ATOM   553 O  O   . GLU A 1 65 ? -5.281  11.882  -5.799  1.00   33.75 ? 64   GLU A O   1 
ATOM   554 C  CB  . GLU A 1 65 ? -8.037  10.395  -5.666  1.00   37.22 ? 64   GLU A CB  1 
ATOM   555 C  CG  . GLU A 1 65 ? -8.782  10.313  -6.976  1.00   41.59 ? 64   GLU A CG  1 
ATOM   556 C  CD  . GLU A 1 65 ? -10.280 10.183  -6.780  1.00   43.63 ? 64   GLU A CD  1 
ATOM   557 O  OE1 . GLU A 1 65 ? -10.883 11.101  -6.183  1.00   43.96 ? 64   GLU A OE1 1 
ATOM   558 O  OE2 . GLU A 1 65 ? -10.847 9.154   -7.218  1.00   46.42 ? 64   GLU A OE2 1 
ATOM   559 N  N   . ASN A 1 66 ? -5.363  10.626  -7.681  1.00   34.85 ? 65   ASN A N   1 
ATOM   560 C  CA  . ASN A 1 66 ? -4.519  11.530  -8.495  1.00   35.49 ? 65   ASN A CA  1 
ATOM   561 C  C   . ASN A 1 66 ? -3.012  11.586  -8.207  1.00   35.14 ? 65   ASN A C   1 
ATOM   562 O  O   . ASN A 1 66 ? -2.311  12.504  -8.667  1.00   33.69 ? 65   ASN A O   1 
ATOM   563 C  CB  . ASN A 1 66 ? -5.071  12.961  -8.464  1.00   35.73 ? 65   ASN A CB  1 
ATOM   564 C  CG  . ASN A 1 66 ? -6.500  13.031  -8.933  1.00   37.69 ? 65   ASN A CG  1 
ATOM   565 O  OD1 . ASN A 1 66 ? -6.912  12.272  -9.830  1.00   36.18 ? 65   ASN A OD1 1 
ATOM   566 N  ND2 . ASN A 1 66 ? -7.274  13.950  -8.344  1.00   38.80 ? 65   ASN A ND2 1 
ATOM   567 N  N   . LEU A 1 67 ? -2.516  10.630  -7.429  1.00   32.95 ? 66   LEU A N   1 
ATOM   568 C  CA  . LEU A 1 67 ? -1.084  10.546  -7.161  1.00   32.13 ? 66   LEU A CA  1 
ATOM   569 C  C   . LEU A 1 67 ? -0.622  9.664   -8.319  1.00   30.83 ? 66   LEU A C   1 
ATOM   570 O  O   . LEU A 1 67 ? -1.252  8.622   -8.576  1.00   27.67 ? 66   LEU A O   1 
ATOM   571 C  CB  . LEU A 1 67 ? -0.840  9.820   -5.824  1.00   33.44 ? 66   LEU A CB  1 
ATOM   572 C  CG  . LEU A 1 67 ? 0.581   9.734   -5.285  1.00   33.71 ? 66   LEU A CG  1 
ATOM   573 C  CD1 . LEU A 1 67 ? 1.191   11.145  -5.249  1.00   35.65 ? 66   LEU A CD1 1 
ATOM   574 C  CD2 . LEU A 1 67 ? 0.562   9.099   -3.870  1.00   31.77 ? 66   LEU A CD2 1 
ATOM   575 N  N   . ASN A 1 68 ? 0.435   10.036  -9.040  1.00   29.94 ? 67   ASN A N   1 
ATOM   576 C  CA  . ASN A 1 68 ? 0.819   9.129   -10.120 1.00   31.78 ? 67   ASN A CA  1 
ATOM   577 C  C   . ASN A 1 68 ? 1.485   7.841   -9.607  1.00   32.58 ? 67   ASN A C   1 
ATOM   578 O  O   . ASN A 1 68 ? 1.914   7.758   -8.451  1.00   28.81 ? 67   ASN A O   1 
ATOM   579 C  CB  . ASN A 1 68 ? 1.700   9.813   -11.183 1.00   33.92 ? 67   ASN A CB  1 
ATOM   580 C  CG  . ASN A 1 68 ? 3.064   10.201  -10.682 1.00   36.92 ? 67   ASN A CG  1 
ATOM   581 O  OD1 . ASN A 1 68 ? 3.675   9.510   -9.878  1.00   38.28 ? 67   ASN A OD1 1 
ATOM   582 N  ND2 . ASN A 1 68 ? 3.572   11.311  -11.197 1.00   39.70 ? 67   ASN A ND2 1 
ATOM   583 N  N   . ARG A 1 69 ? 1.559   6.839   -10.480 1.00   34.60 ? 68   ARG A N   1 
ATOM   584 C  CA  . ARG A 1 69 ? 2.128   5.547   -10.130 1.00   35.59 ? 68   ARG A CA  1 
ATOM   585 C  C   . ARG A 1 69 ? 3.517   5.612   -9.494  1.00   36.03 ? 68   ARG A C   1 
ATOM   586 O  O   . ARG A 1 69 ? 3.774   4.912   -8.517  1.00   35.00 ? 68   ARG A O   1 
ATOM   587 C  CB  . ARG A 1 69 ? 2.170   4.641   -11.362 1.00   37.41 ? 68   ARG A CB  1 
ATOM   588 C  CG  . ARG A 1 69 ? 2.784   3.261   -11.113 1.00   40.79 ? 68   ARG A CG  1 
ATOM   589 C  CD  . ARG A 1 69 ? 3.585   2.776   -12.337 1.00   44.39 ? 68   ARG A CD  1 
ATOM   590 N  NE  . ARG A 1 69 ? 4.452   3.859   -12.804 1.00   47.68 ? 68   ARG A NE  1 
ATOM   591 C  CZ  . ARG A 1 69 ? 5.785   3.843   -12.779 1.00   51.21 ? 68   ARG A CZ  1 
ATOM   592 N  NH1 . ARG A 1 69 ? 6.453   2.781   -12.318 1.00   50.51 ? 68   ARG A NH1 1 
ATOM   593 N  NH2 . ARG A 1 69 ? 6.457   4.920   -13.187 1.00   54.10 ? 68   ARG A NH2 1 
ATOM   594 N  N   . GLU A 1 70 ? 4.408   6.437   -10.035 1.00   33.63 ? 69   GLU A N   1 
ATOM   595 C  CA  . GLU A 1 70 ? 5.755   6.528   -9.474  1.00   34.15 ? 69   GLU A CA  1 
ATOM   596 C  C   . GLU A 1 70 ? 5.820   7.114   -8.054  1.00   30.83 ? 69   GLU A C   1 
ATOM   597 O  O   . GLU A 1 70 ? 6.611   6.649   -7.234  1.00   27.88 ? 69   GLU A O   1 
ATOM   598 C  CB  . GLU A 1 70 ? 6.694   7.341   -10.385 1.00   35.07 ? 69   GLU A CB  1 
ATOM   599 C  CG  . GLU A 1 70 ? 7.714   8.112   -9.556  1.00   39.34 ? 69   GLU A CG  1 
ATOM   600 C  CD  . GLU A 1 70 ? 8.918   8.573   -10.320 1.00   41.67 ? 69   GLU A CD  1 
ATOM   601 O  OE1 . GLU A 1 70 ? 8.885   9.713   -10.834 1.00   45.22 ? 69   GLU A OE1 1 
ATOM   602 O  OE2 . GLU A 1 70 ? 9.898   7.792   -10.399 1.00   42.82 ? 69   GLU A OE2 1 
ATOM   603 N  N   . ASP A 1 71 ? 5.030   8.148   -7.772  1.00   28.72 ? 70   ASP A N   1 
ATOM   604 C  CA  . ASP A 1 71 ? 5.044   8.736   -6.435  1.00   27.11 ? 70   ASP A CA  1 
ATOM   605 C  C   . ASP A 1 71 ? 4.421   7.761   -5.415  1.00   25.59 ? 70   ASP A C   1 
ATOM   606 O  O   . ASP A 1 71 ? 4.805   7.737   -4.240  1.00   24.59 ? 70   ASP A O   1 
ATOM   607 C  CB  . ASP A 1 71 ? 4.256   10.052  -6.390  1.00   29.89 ? 70   ASP A CB  1 
ATOM   608 C  CG  . ASP A 1 71 ? 4.951   11.202  -7.124  1.00   33.57 ? 70   ASP A CG  1 
ATOM   609 O  OD1 . ASP A 1 71 ? 6.190   11.180  -7.297  1.00   34.35 ? 70   ASP A OD1 1 
ATOM   610 O  OD2 . ASP A 1 71 ? 4.241   12.149  -7.505  1.00   35.15 ? 70   ASP A OD2 1 
ATOM   611 N  N   . ALA A 1 72 ? 3.445   6.980   -5.867  1.00   23.79 ? 71   ALA A N   1 
ATOM   612 C  CA  . ALA A 1 72 ? 2.772   6.021   -4.998  1.00   23.62 ? 71   ALA A CA  1 
ATOM   613 C  C   . ALA A 1 72 ? 3.719   4.869   -4.676  1.00   22.39 ? 71   ALA A C   1 
ATOM   614 O  O   . ALA A 1 72 ? 3.739   4.353   -3.550  1.00   22.49 ? 71   ALA A O   1 
ATOM   615 C  CB  . ALA A 1 72 ? 1.487   5.494   -5.676  1.00   20.02 ? 71   ALA A CB  1 
ATOM   616 N  N   . GLN A 1 73 ? 4.499   4.448   -5.665  1.00   21.71 ? 72   GLN A N   1 
ATOM   617 C  CA  . GLN A 1 73 ? 5.457   3.369   -5.427  1.00   22.27 ? 72   GLN A CA  1 
ATOM   618 C  C   . GLN A 1 73 ? 6.559   3.867   -4.463  1.00   23.08 ? 72   GLN A C   1 
ATOM   619 O  O   . GLN A 1 73 ? 6.991   3.149   -3.542  1.00   21.25 ? 72   GLN A O   1 
ATOM   620 C  CB  . GLN A 1 73 ? 6.064   2.913   -6.756  1.00   22.08 ? 72   GLN A CB  1 
ATOM   621 C  CG  . GLN A 1 73 ? 5.024   2.286   -7.674  1.00   24.00 ? 72   GLN A CG  1 
ATOM   622 C  CD  . GLN A 1 73 ? 5.508   2.039   -9.106  1.00   27.93 ? 72   GLN A CD  1 
ATOM   623 O  OE1 . GLN A 1 73 ? 4.912   1.240   -9.831  1.00   30.72 ? 72   GLN A OE1 1 
ATOM   624 N  NE2 . GLN A 1 73 ? 6.558   2.735   -9.526  1.00   23.33 ? 72   GLN A NE2 1 
ATOM   625 N  N   . LYS A 1 74 ? 7.009   5.098   -4.673  1.00   21.62 ? 73   LYS A N   1 
ATOM   626 C  CA  . LYS A 1 74 ? 8.031   5.631   -3.819  1.00   23.24 ? 73   LYS A CA  1 
ATOM   627 C  C   . LYS A 1 74 ? 7.567   5.719   -2.390  1.00   21.93 ? 73   LYS A C   1 
ATOM   628 O  O   . LYS A 1 74 ? 8.332   5.414   -1.477  1.00   24.22 ? 73   LYS A O   1 
ATOM   629 C  CB  . LYS A 1 74 ? 8.488   6.997   -4.286  1.00   25.36 ? 73   LYS A CB  1 
ATOM   630 C  CG  . LYS A 1 74 ? 9.706   7.448   -3.509  1.00   32.14 ? 73   LYS A CG  1 
ATOM   631 C  CD  . LYS A 1 74 ? 10.205  8.835   -3.909  1.00   34.91 ? 73   LYS A CD  1 
ATOM   632 C  CE  A LYS A 1 74 ? 11.421  9.227   -3.065  0.50   35.29 ? 73   LYS A CE  1 
ATOM   633 C  CE  B LYS A 1 74 ? 11.473  9.175   -3.133  0.50   34.66 ? 73   LYS A CE  1 
ATOM   634 N  NZ  A LYS A 1 74 ? 11.137  9.210   -1.600  0.50   33.05 ? 73   LYS A NZ  1 
ATOM   635 N  NZ  B LYS A 1 74 ? 12.531  8.148   -3.347  0.50   31.49 ? 73   LYS A NZ  1 
ATOM   636 N  N   . ARG A 1 75 ? 6.327   6.156   -2.178  1.00   22.92 ? 74   ARG A N   1 
ATOM   637 C  CA  . ARG A 1 75 ? 5.812   6.256   -0.815  1.00   22.57 ? 74   ARG A CA  1 
ATOM   638 C  C   . ARG A 1 75 ? 5.678   4.866   -0.179  1.00   19.41 ? 74   ARG A C   1 
ATOM   639 O  O   . ARG A 1 75 ? 5.981   4.692   0.989   1.00   17.27 ? 74   ARG A O   1 
ATOM   640 C  CB  . ARG A 1 75 ? 4.472   6.992   -0.806  1.00   25.47 ? 74   ARG A CB  1 
ATOM   641 C  CG  . ARG A 1 75 ? 4.617   8.435   -1.271  1.00   32.69 ? 74   ARG A CG  1 
ATOM   642 C  CD  . ARG A 1 75 ? 3.361   9.223   -0.991  1.00   37.78 ? 74   ARG A CD  1 
ATOM   643 N  NE  . ARG A 1 75 ? 3.409   10.606  -1.473  1.00   42.31 ? 74   ARG A NE  1 
ATOM   644 C  CZ  . ARG A 1 75 ? 2.432   11.498  -1.281  1.00   45.89 ? 74   ARG A CZ  1 
ATOM   645 N  NH1 . ARG A 1 75 ? 1.327   11.163  -0.607  1.00   43.76 ? 74   ARG A NH1 1 
ATOM   646 N  NH2 . ARG A 1 75 ? 2.545   12.725  -1.784  1.00   47.17 ? 74   ARG A NH2 1 
ATOM   647 N  N   . TYR A 1 76 ? 5.243   3.879   -0.953  1.00   17.35 ? 75   TYR A N   1 
ATOM   648 C  CA  . TYR A 1 76 ? 5.125   2.512   -0.447  1.00   15.20 ? 75   TYR A CA  1 
ATOM   649 C  C   . TYR A 1 76 ? 6.516   2.045   0.011   1.00   19.36 ? 75   TYR A C   1 
ATOM   650 O  O   . TYR A 1 76 ? 6.709   1.592   1.161   1.00   19.29 ? 75   TYR A O   1 
ATOM   651 C  CB  . TYR A 1 76 ? 4.618   1.588   -1.566  1.00   17.47 ? 75   TYR A CB  1 
ATOM   652 C  CG  . TYR A 1 76 ? 4.337   0.154   -1.141  1.00   16.66 ? 75   TYR A CG  1 
ATOM   653 C  CD1 . TYR A 1 76 ? 5.353   -0.793  -1.086  1.00   19.19 ? 75   TYR A CD1 1 
ATOM   654 C  CD2 . TYR A 1 76 ? 3.046   -0.245  -0.752  1.00   19.63 ? 75   TYR A CD2 1 
ATOM   655 C  CE1 . TYR A 1 76 ? 5.101   -2.111  -0.640  1.00   19.43 ? 75   TYR A CE1 1 
ATOM   656 C  CE2 . TYR A 1 76 ? 2.781   -1.571  -0.316  1.00   20.01 ? 75   TYR A CE2 1 
ATOM   657 C  CZ  . TYR A 1 76 ? 3.815   -2.488  -0.257  1.00   20.58 ? 75   TYR A CZ  1 
ATOM   658 O  OH  . TYR A 1 76 ? 3.583   -3.759  0.242   1.00   23.16 ? 75   TYR A OH  1 
ATOM   659 N  N   . VAL A 1 77 ? 7.482   2.154   -0.896  1.00   18.23 ? 76   VAL A N   1 
ATOM   660 C  CA  . VAL A 1 77 ? 8.857   1.736   -0.616  1.00   20.23 ? 76   VAL A CA  1 
ATOM   661 C  C   . VAL A 1 77 ? 9.495   2.496   0.565   1.00   20.98 ? 76   VAL A C   1 
ATOM   662 O  O   . VAL A 1 77 ? 10.217  1.903   1.363   1.00   21.29 ? 76   VAL A O   1 
ATOM   663 C  CB  . VAL A 1 77 ? 9.729   1.886   -1.901  1.00   19.03 ? 76   VAL A CB  1 
ATOM   664 C  CG1 . VAL A 1 77 ? 11.140  1.434   -1.625  1.00   18.73 ? 76   VAL A CG1 1 
ATOM   665 C  CG2 . VAL A 1 77 ? 9.116   1.061   -3.042  1.00   18.63 ? 76   VAL A CG2 1 
ATOM   666 N  N   . ASP A 1 78 ? 9.216   3.795   0.682   1.00   21.81 ? 77   ASP A N   1 
ATOM   667 C  CA  . ASP A 1 78 ? 9.743   4.583   1.783   1.00   22.11 ? 77   ASP A CA  1 
ATOM   668 C  C   . ASP A 1 78 ? 9.167   4.094   3.120   1.00   23.40 ? 77   ASP A C   1 
ATOM   669 O  O   . ASP A 1 78 ? 9.899   4.005   4.108   1.00   23.21 ? 77   ASP A O   1 
ATOM   670 C  CB  . ASP A 1 78 ? 9.428   6.085   1.612   1.00   23.07 ? 77   ASP A CB  1 
ATOM   671 C  CG  . ASP A 1 78 ? 10.246  6.746   0.496   1.00   24.87 ? 77   ASP A CG  1 
ATOM   672 O  OD1 . ASP A 1 78 ? 11.292  6.194   0.067   1.00   26.97 ? 77   ASP A OD1 1 
ATOM   673 O  OD2 . ASP A 1 78 ? 9.841   7.838   0.043   1.00   26.14 ? 77   ASP A OD2 1 
ATOM   674 N  N   . ILE A 1 79 ? 7.865   3.804   3.176   1.00   21.72 ? 78   ILE A N   1 
ATOM   675 C  CA  . ILE A 1 79 ? 7.286   3.301   4.415   1.00   22.08 ? 78   ILE A CA  1 
ATOM   676 C  C   . ILE A 1 79 ? 7.976   1.966   4.774   1.00   22.42 ? 78   ILE A C   1 
ATOM   677 O  O   . ILE A 1 79 ? 8.464   1.791   5.886   1.00   23.87 ? 78   ILE A O   1 
ATOM   678 C  CB  . ILE A 1 79 ? 5.743   3.137   4.300   1.00   23.27 ? 78   ILE A CB  1 
ATOM   679 C  CG1 . ILE A 1 79 ? 5.068   4.510   4.334   1.00   24.34 ? 78   ILE A CG1 1 
ATOM   680 C  CG2 . ILE A 1 79 ? 5.186   2.324   5.490   1.00   21.33 ? 78   ILE A CG2 1 
ATOM   681 C  CD1 . ILE A 1 79 ? 3.596   4.496   3.854   1.00   24.63 ? 78   ILE A CD1 1 
ATOM   682 N  N   . VAL A 1 80 ? 8.070   1.037   3.833   1.00   22.12 ? 79   VAL A N   1 
ATOM   683 C  CA  . VAL A 1 80 ? 8.731   -0.232  4.131   1.00   23.25 ? 79   VAL A CA  1 
ATOM   684 C  C   . VAL A 1 80 ? 10.184  -0.023  4.603   1.00   25.36 ? 79   VAL A C   1 
ATOM   685 O  O   . VAL A 1 80 ? 10.610  -0.607  5.609   1.00   26.94 ? 79   VAL A O   1 
ATOM   686 C  CB  . VAL A 1 80 ? 8.684   -1.161  2.896   1.00   21.05 ? 79   VAL A CB  1 
ATOM   687 C  CG1 . VAL A 1 80 ? 9.356   -2.520  3.193   1.00   20.70 ? 79   VAL A CG1 1 
ATOM   688 C  CG2 . VAL A 1 80 ? 7.232   -1.371  2.499   1.00   21.66 ? 79   VAL A CG2 1 
ATOM   689 N  N   . SER A 1 81 ? 10.937  0.815   3.894   1.00   25.29 ? 80   SER A N   1 
ATOM   690 C  CA  . SER A 1 81 ? 12.338  1.094   4.241   1.00   25.33 ? 80   SER A CA  1 
ATOM   691 C  C   . SER A 1 81 ? 12.480  1.646   5.640   1.00   26.78 ? 80   SER A C   1 
ATOM   692 O  O   . SER A 1 81 ? 13.499  1.444   6.291   1.00   25.50 ? 80   SER A O   1 
ATOM   693 C  CB  . SER A 1 81 ? 12.942  2.093   3.258   1.00   24.37 ? 80   SER A CB  1 
ATOM   694 O  OG  . SER A 1 81 ? 12.871  1.583   1.951   1.00   22.11 ? 80   SER A OG  1 
ATOM   695 N  N   . GLU A 1 82 ? 11.455  2.362   6.080   1.00   27.99 ? 81   GLU A N   1 
ATOM   696 C  CA  . GLU A 1 82 ? 11.413  2.961   7.399   1.00   32.04 ? 81   GLU A CA  1 
ATOM   697 C  C   . GLU A 1 82 ? 11.416  1.849   8.473   1.00   33.95 ? 81   GLU A C   1 
ATOM   698 O  O   . GLU A 1 82 ? 12.100  1.945   9.497   1.00   33.41 ? 81   GLU A O   1 
ATOM   699 C  CB  . GLU A 1 82 ? 10.139  3.814   7.497   1.00   35.13 ? 81   GLU A CB  1 
ATOM   700 C  CG  . GLU A 1 82 ? 10.070  4.754   8.687   1.00   39.61 ? 81   GLU A CG  1 
ATOM   701 C  CD  . GLU A 1 82 ? 11.060  5.905   8.596   1.00   41.11 ? 81   GLU A CD  1 
ATOM   702 O  OE1 . GLU A 1 82 ? 10.876  6.817   7.755   1.00   43.04 ? 81   GLU A OE1 1 
ATOM   703 O  OE2 . GLU A 1 82 ? 12.028  5.889   9.376   1.00   42.62 ? 81   GLU A OE2 1 
ATOM   704 N  N   . ILE A 1 83 ? 10.670  0.782   8.207   1.00   34.05 ? 82   ILE A N   1 
ATOM   705 C  CA  . ILE A 1 83 ? 10.562  -0.339  9.132   1.00   33.97 ? 82   ILE A CA  1 
ATOM   706 C  C   . ILE A 1 83 ? 11.561  -1.473  8.869   1.00   34.70 ? 82   ILE A C   1 
ATOM   707 O  O   . ILE A 1 83 ? 12.067  -2.088  9.816   1.00   35.82 ? 82   ILE A O   1 
ATOM   708 C  CB  . ILE A 1 83 ? 9.120   -0.875  9.088   1.00   35.20 ? 82   ILE A CB  1 
ATOM   709 C  CG1 . ILE A 1 83 ? 8.172   0.277   9.443   1.00   34.67 ? 82   ILE A CG1 1 
ATOM   710 C  CG2 . ILE A 1 83 ? 8.935   -2.047  10.047  1.00   33.88 ? 82   ILE A CG2 1 
ATOM   711 C  CD1 . ILE A 1 83 ? 6.820   0.156   8.803   1.00   39.87 ? 82   ILE A CD1 1 
ATOM   712 N  N   . PHE A 1 84 ? 11.851  -1.741  7.597   1.00   33.18 ? 83   PHE A N   1 
ATOM   713 C  CA  . PHE A 1 84 ? 12.775  -2.803  7.211   1.00   33.17 ? 83   PHE A CA  1 
ATOM   714 C  C   . PHE A 1 84 ? 13.830  -2.246  6.263   1.00   32.45 ? 83   PHE A C   1 
ATOM   715 O  O   . PHE A 1 84 ? 13.782  -2.508  5.063   1.00   31.34 ? 83   PHE A O   1 
ATOM   716 C  CB  . PHE A 1 84 ? 12.034  -3.935  6.487   1.00   34.16 ? 83   PHE A CB  1 
ATOM   717 C  CG  . PHE A 1 84 ? 10.870  -4.508  7.255   1.00   36.25 ? 83   PHE A CG  1 
ATOM   718 C  CD1 . PHE A 1 84 ? 11.077  -5.384  8.317   1.00   37.19 ? 83   PHE A CD1 1 
ATOM   719 C  CD2 . PHE A 1 84 ? 9.560   -4.168  6.912   1.00   37.23 ? 83   PHE A CD2 1 
ATOM   720 C  CE1 . PHE A 1 84 ? 9.999   -5.915  9.027   1.00   37.16 ? 83   PHE A CE1 1 
ATOM   721 C  CE2 . PHE A 1 84 ? 8.466   -4.694  7.619   1.00   38.46 ? 83   PHE A CE2 1 
ATOM   722 C  CZ  . PHE A 1 84 ? 8.691   -5.574  8.683   1.00   38.23 ? 83   PHE A CZ  1 
ATOM   723 N  N   . PRO A 1 85 ? 14.817  -1.497  6.786   1.00   33.08 ? 84   PRO A N   1 
ATOM   724 C  CA  . PRO A 1 85 ? 15.879  -0.912  5.948   1.00   33.45 ? 84   PRO A CA  1 
ATOM   725 C  C   . PRO A 1 85 ? 16.615  -1.898  5.024   1.00   32.89 ? 84   PRO A C   1 
ATOM   726 O  O   . PRO A 1 85 ? 17.005  -1.548  3.908   1.00   33.81 ? 84   PRO A O   1 
ATOM   727 C  CB  . PRO A 1 85 ? 16.814  -0.278  6.975   1.00   32.71 ? 84   PRO A CB  1 
ATOM   728 C  CG  . PRO A 1 85 ? 15.908  0.063   8.099   1.00   33.68 ? 84   PRO A CG  1 
ATOM   729 C  CD  . PRO A 1 85 ? 15.018  -1.143  8.206   1.00   33.16 ? 84   PRO A CD  1 
ATOM   730 N  N   . TYR A 1 86 ? 16.773  -3.127  5.494   1.00   34.96 ? 85   TYR A N   1 
ATOM   731 C  CA  . TYR A 1 86 ? 17.468  -4.207  4.781   1.00   36.20 ? 85   TYR A CA  1 
ATOM   732 C  C   . TYR A 1 86 ? 16.596  -4.993  3.803   1.00   36.52 ? 85   TYR A C   1 
ATOM   733 O  O   . TYR A 1 86 ? 17.074  -5.929  3.158   1.00   38.70 ? 85   TYR A O   1 
ATOM   734 C  CB  . TYR A 1 86 ? 18.030  -5.173  5.822   1.00   39.48 ? 85   TYR A CB  1 
ATOM   735 C  CG  . TYR A 1 86 ? 16.974  -5.563  6.856   1.00   42.86 ? 85   TYR A CG  1 
ATOM   736 C  CD1 . TYR A 1 86 ? 16.071  -6.594  6.605   1.00   44.47 ? 85   TYR A CD1 1 
ATOM   737 C  CD2 . TYR A 1 86 ? 16.844  -4.859  8.053   1.00   44.20 ? 85   TYR A CD2 1 
ATOM   738 C  CE1 . TYR A 1 86 ? 15.063  -6.916  7.518   1.00   45.67 ? 85   TYR A CE1 1 
ATOM   739 C  CE2 . TYR A 1 86 ? 15.835  -5.171  8.976   1.00   44.72 ? 85   TYR A CE2 1 
ATOM   740 C  CZ  . TYR A 1 86 ? 14.952  -6.197  8.701   1.00   46.31 ? 85   TYR A CZ  1 
ATOM   741 O  OH  . TYR A 1 86 ? 13.943  -6.508  9.598   1.00   48.61 ? 85   TYR A OH  1 
ATOM   742 N  N   . TRP A 1 87 ? 15.329  -4.613  3.669   1.00   35.54 ? 86   TRP A N   1 
ATOM   743 C  CA  . TRP A 1 87 ? 14.417  -5.346  2.800   1.00   32.82 ? 86   TRP A CA  1 
ATOM   744 C  C   . TRP A 1 87 ? 14.918  -5.740  1.418   1.00   32.51 ? 86   TRP A C   1 
ATOM   745 O  O   . TRP A 1 87 ? 14.565  -6.806  0.920   1.00   30.77 ? 86   TRP A O   1 
ATOM   746 C  CB  . TRP A 1 87 ? 13.083  -4.588  2.636   1.00   29.94 ? 86   TRP A CB  1 
ATOM   747 C  CG  . TRP A 1 87 ? 13.150  -3.398  1.707   1.00   27.83 ? 86   TRP A CG  1 
ATOM   748 C  CD1 . TRP A 1 87 ? 13.380  -2.079  2.047   1.00   25.48 ? 86   TRP A CD1 1 
ATOM   749 C  CD2 . TRP A 1 87 ? 13.010  -3.423  0.286   1.00   25.13 ? 86   TRP A CD2 1 
ATOM   750 N  NE1 . TRP A 1 87 ? 13.390  -1.294  0.922   1.00   25.03 ? 86   TRP A NE1 1 
ATOM   751 C  CE2 . TRP A 1 87 ? 13.173  -2.087  -0.175  1.00   25.12 ? 86   TRP A CE2 1 
ATOM   752 C  CE3 . TRP A 1 87 ? 12.762  -4.440  -0.651  1.00   24.97 ? 86   TRP A CE3 1 
ATOM   753 C  CZ2 . TRP A 1 87 ? 13.100  -1.747  -1.535  1.00   25.67 ? 86   TRP A CZ2 1 
ATOM   754 C  CZ3 . TRP A 1 87 ? 12.685  -4.099  -2.006  1.00   26.10 ? 86   TRP A CZ3 1 
ATOM   755 C  CH2 . TRP A 1 87 ? 12.856  -2.763  -2.435  1.00   25.79 ? 86   TRP A CH2 1 
ATOM   756 N  N   . GLN A 1 88 ? 15.727  -4.902  0.780   1.00   32.21 ? 87   GLN A N   1 
ATOM   757 C  CA  . GLN A 1 88 ? 16.168  -5.240  -0.561  1.00   33.19 ? 87   GLN A CA  1 
ATOM   758 C  C   . GLN A 1 88 ? 17.506  -5.950  -0.638  1.00   35.14 ? 87   GLN A C   1 
ATOM   759 O  O   . GLN A 1 88 ? 18.033  -6.165  -1.725  1.00   38.24 ? 87   GLN A O   1 
ATOM   760 C  CB  . GLN A 1 88 ? 16.214  -3.989  -1.439  1.00   30.67 ? 87   GLN A CB  1 
ATOM   761 C  CG  . GLN A 1 88 ? 15.920  -4.280  -2.897  1.00   27.62 ? 87   GLN A CG  1 
ATOM   762 C  CD  . GLN A 1 88 ? 16.095  -3.072  -3.783  1.00   29.46 ? 87   GLN A CD  1 
ATOM   763 O  OE1 . GLN A 1 88 ? 16.710  -2.077  -3.386  1.00   29.21 ? 87   GLN A OE1 1 
ATOM   764 N  NE2 . GLN A 1 88 ? 15.573  -3.152  -5.007  1.00   27.03 ? 87   GLN A NE2 1 
ATOM   765 N  N   . ASP A 1 89 ? 18.055  -6.331  0.503   1.00   38.09 ? 88   ASP A N   1 
ATOM   766 C  CA  . ASP A 1 89 ? 19.354  -6.999  0.508   1.00   40.52 ? 88   ASP A CA  1 
ATOM   767 C  C   . ASP A 1 89 ? 19.301  -8.466  0.085   1.00   41.58 ? 88   ASP A C   1 
ATOM   768 O  O   . ASP A 1 89 ? 20.256  -8.899  -0.590  1.00   43.54 ? 88   ASP A O   1 
ATOM   769 C  CB  . ASP A 1 89 ? 19.990  -6.862  1.882   1.00   40.67 ? 88   ASP A CB  1 
ATOM   770 C  CG  . ASP A 1 89 ? 20.115  -5.413  2.316   1.00   44.38 ? 88   ASP A CG  1 
ATOM   771 O  OD1 . ASP A 1 89 ? 19.639  -4.515  1.574   1.00   45.73 ? 88   ASP A OD1 1 
ATOM   772 O  OD2 . ASP A 1 89 ? 20.685  -5.157  3.396   1.00   43.78 ? 88   ASP A OD2 1 
ATOM   773 O  OXT . ASP A 1 89 ? 18.326  -9.174  0.431   1.00   44.90 ? 88   ASP A OXT 1 
HETATM 774 N  N1A . COA B 2 .  ? 0.969   -4.495  0.040   1.00   26.89 ? 1089 COA A N1A 1 
HETATM 775 C  C2A . COA B 2 .  ? -0.219  -3.895  0.163   1.00   27.76 ? 1089 COA A C2A 1 
HETATM 776 N  N3A . COA B 2 .  ? -1.426  -4.332  -0.216  1.00   28.29 ? 1089 COA A N3A 1 
HETATM 777 C  C4A . COA B 2 .  ? -1.337  -5.553  -0.784  1.00   30.20 ? 1089 COA A C4A 1 
HETATM 778 C  C5A . COA B 2 .  ? -0.188  -6.291  -0.980  1.00   29.26 ? 1089 COA A C5A 1 
HETATM 779 C  C6A . COA B 2 .  ? 1.020   -5.719  -0.539  1.00   28.04 ? 1089 COA A C6A 1 
HETATM 780 N  N6A . COA B 2 .  ? 2.210   -6.329  -0.659  1.00   26.60 ? 1089 COA A N6A 1 
HETATM 781 N  N7A . COA B 2 .  ? -0.485  -7.506  -1.590  1.00   30.39 ? 1089 COA A N7A 1 
HETATM 782 C  C8A . COA B 2 .  ? -1.786  -7.474  -1.745  1.00   30.33 ? 1089 COA A C8A 1 
HETATM 783 N  N9A . COA B 2 .  ? -2.367  -6.333  -1.266  1.00   30.78 ? 1089 COA A N9A 1 
HETATM 784 C  C1B . COA B 2 .  ? -3.767  -5.953  -1.207  1.00   30.90 ? 1089 COA A C1B 1 
HETATM 785 C  C2B . COA B 2 .  ? -4.795  -6.641  -2.118  1.00   33.05 ? 1089 COA A C2B 1 
HETATM 786 O  O2B . COA B 2 .  ? -4.913  -5.942  -3.338  1.00   32.32 ? 1089 COA A O2B 1 
HETATM 787 C  C3B . COA B 2 .  ? -6.077  -6.619  -1.251  1.00   34.69 ? 1089 COA A C3B 1 
HETATM 788 O  O3B . COA B 2 .  ? -6.780  -5.441  -1.654  1.00   34.83 ? 1089 COA A O3B 1 
HETATM 789 P  P3B . COA B 2 .  ? -8.330  -5.461  -2.048  1.00   34.81 ? 1089 COA A P3B 1 
HETATM 790 O  O7A . COA B 2 .  ? -8.643  -4.025  -2.183  1.00   35.42 ? 1089 COA A O7A 1 
HETATM 791 O  O8A . COA B 2 .  ? -9.073  -6.290  -1.080  1.00   37.74 ? 1089 COA A O8A 1 
HETATM 792 O  O9A . COA B 2 .  ? -8.365  -6.079  -3.510  1.00   39.90 ? 1089 COA A O9A 1 
HETATM 793 C  C4B . COA B 2 .  ? -5.602  -6.260  0.155   1.00   37.82 ? 1089 COA A C4B 1 
HETATM 794 O  O4B . COA B 2 .  ? -4.182  -6.109  0.120   1.00   34.37 ? 1089 COA A O4B 1 
HETATM 795 C  C5B . COA B 2 .  ? -5.973  -7.235  1.251   1.00   42.42 ? 1089 COA A C5B 1 
HETATM 796 O  O5B . COA B 2 .  ? -7.386  -7.301  1.411   1.00   52.76 ? 1089 COA A O5B 1 
HETATM 797 P  P1A . COA B 2 .  ? -8.085  -8.643  1.908   1.00   55.26 ? 1089 COA A P1A 1 
HETATM 798 O  O1A . COA B 2 .  ? -9.223  -8.290  2.788   1.00   57.92 ? 1089 COA A O1A 1 
HETATM 799 O  O2A . COA B 2 .  ? -8.339  -9.461  0.705   1.00   57.60 ? 1089 COA A O2A 1 
HETATM 800 O  O3A . COA B 2 .  ? -7.009  -9.397  2.799   1.00   57.85 ? 1089 COA A O3A 1 
HETATM 801 P  P2A . COA B 2 .  ? -7.103  -9.327  4.378   1.00   60.25 ? 1089 COA A P2A 1 
HETATM 802 O  O4A . COA B 2 .  ? -7.649  -7.978  4.656   1.00   60.02 ? 1089 COA A O4A 1 
HETATM 803 O  O5A . COA B 2 .  ? -5.790  -9.719  4.960   1.00   60.55 ? 1089 COA A O5A 1 
HETATM 804 O  O6A . COA B 2 .  ? -8.180  -10.422 4.804   1.00   59.87 ? 1089 COA A O6A 1 
HETATM 805 C  C1  . MYR C 3 .  ? 1.160   -4.961  5.817   1.00   53.81 ? 1090 MYR A C1  1 
HETATM 806 C  C2  . MYR C 3 .  ? 0.352   -6.077  5.177   1.00   53.69 ? 1090 MYR A C2  1 
HETATM 807 C  C3  . MYR C 3 .  ? 0.050   -5.766  3.725   1.00   53.64 ? 1090 MYR A C3  1 
HETATM 808 C  C4  . MYR C 3 .  ? -1.005  -4.687  3.568   1.00   51.45 ? 1090 MYR A C4  1 
HETATM 809 C  C5  . MYR C 3 .  ? -2.385  -5.231  3.878   1.00   51.03 ? 1090 MYR A C5  1 
HETATM 810 C  C6  . MYR C 3 .  ? -3.456  -4.501  3.072   1.00   51.30 ? 1090 MYR A C6  1 
HETATM 811 C  C7  . MYR C 3 .  ? -4.870  -5.014  3.379   1.00   50.22 ? 1090 MYR A C7  1 
HETATM 812 C  C8  . MYR C 3 .  ? -5.320  -4.652  4.783   1.00   48.92 ? 1090 MYR A C8  1 
HETATM 813 C  C9  . MYR C 3 .  ? -5.481  -3.157  4.912   1.00   48.57 ? 1090 MYR A C9  1 
HETATM 814 C  C10 . MYR C 3 .  ? -5.608  -2.722  6.357   1.00   48.26 ? 1090 MYR A C10 1 
HETATM 815 C  C11 . MYR C 3 .  ? -6.886  -3.196  6.994   1.00   48.18 ? 1090 MYR A C11 1 
HETATM 816 C  C12 . MYR C 3 .  ? -6.988  -2.685  8.423   1.00   46.96 ? 1090 MYR A C12 1 
HETATM 817 NI NI  . NI  D 4 .  ? -24.774 -5.532  9.908   1.00   38.95 ? 1091 NI  A NI  1 
HETATM 818 NI NI  . NI  E 4 .  ? 14.372  4.502   -14.209 1.00   45.09 ? 1092 NI  A NI  1 
HETATM 819 O  O   . HOH F 5 .  ? 14.781  -0.692  -10.805 1.00   31.31 ? 2001 HOH A O   1 
HETATM 820 O  O   . HOH F 5 .  ? 14.140  6.119   -13.502 1.00   57.10 ? 2002 HOH A O   1 
HETATM 821 O  O   . HOH F 5 .  ? -8.935  -11.794 8.592   1.00   50.76 ? 2003 HOH A O   1 
HETATM 822 O  O   . HOH F 5 .  ? -13.739 -5.935  -0.598  1.00   54.08 ? 2004 HOH A O   1 
HETATM 823 O  O   . HOH F 5 .  ? 12.444  -11.320 6.012   1.00   41.42 ? 2005 HOH A O   1 
HETATM 824 O  O   . HOH F 5 .  ? 9.028   -10.929 -9.576  1.00   58.08 ? 2006 HOH A O   1 
HETATM 825 O  O   . HOH F 5 .  ? 12.293  -9.327  -2.530  1.00   55.87 ? 2007 HOH A O   1 
HETATM 826 O  O   . HOH F 5 .  ? 17.021  -8.065  -7.330  1.00   31.90 ? 2008 HOH A O   1 
HETATM 827 O  O   . HOH F 5 .  ? 17.386  -6.238  -6.150  1.00   26.87 ? 2009 HOH A O   1 
HETATM 828 O  O   . HOH F 5 .  ? -1.065  9.254   10.262  1.00   58.69 ? 2010 HOH A O   1 
HETATM 829 O  O   . HOH F 5 .  ? 3.915   8.367   3.305   1.00   49.50 ? 2011 HOH A O   1 
HETATM 830 O  O   . HOH F 5 .  ? 9.992   -10.933 3.304   1.00   44.07 ? 2012 HOH A O   1 
HETATM 831 O  O   . HOH F 5 .  ? -6.198  -2.681  -13.165 1.00   56.02 ? 2013 HOH A O   1 
HETATM 832 O  O   . HOH F 5 .  ? 0.628   -8.945  -3.720  1.00   33.50 ? 2014 HOH A O   1 
HETATM 833 O  O   . HOH F 5 .  ? -8.866  -5.401  -9.909  1.00   49.41 ? 2015 HOH A O   1 
HETATM 834 O  O   . HOH F 5 .  ? 9.825   -14.638 5.112   1.00   47.26 ? 2016 HOH A O   1 
HETATM 835 O  O   . HOH F 5 .  ? -15.109 -2.651  -1.292  1.00   44.83 ? 2017 HOH A O   1 
HETATM 836 O  O   . HOH F 5 .  ? -26.141 -4.203  6.122   1.00   53.07 ? 2018 HOH A O   1 
HETATM 837 O  O   . HOH F 5 .  ? -10.271 11.838  0.020   1.00   52.44 ? 2019 HOH A O   1 
HETATM 838 O  O   . HOH F 5 .  ? 5.869   -0.810  -18.448 1.00   49.00 ? 2020 HOH A O   1 
HETATM 839 O  O   . HOH F 5 .  ? 1.684   16.661  1.738   1.00   60.14 ? 2021 HOH A O   1 
HETATM 840 O  O   . HOH F 5 .  ? -0.976  8.281   7.796   1.00   59.25 ? 2022 HOH A O   1 
HETATM 841 O  O   . HOH F 5 .  ? -10.861 -0.854  -1.556  1.00   30.77 ? 2023 HOH A O   1 
HETATM 842 O  O   . HOH F 5 .  ? 0.775   8.676   3.829   1.00   41.24 ? 2024 HOH A O   1 
HETATM 843 O  O   . HOH F 5 .  ? -9.781  -3.253  -6.454  1.00   40.99 ? 2025 HOH A O   1 
HETATM 844 O  O   . HOH F 5 .  ? -3.521  -4.490  -7.478  1.00   36.83 ? 2026 HOH A O   1 
HETATM 845 O  O   . HOH F 5 .  ? -6.014  0.080   -13.922 1.00   40.87 ? 2027 HOH A O   1 
HETATM 846 O  O   . HOH F 5 .  ? -7.923  3.461   -12.170 1.00   34.46 ? 2028 HOH A O   1 
HETATM 847 O  O   . HOH F 5 .  ? -7.410  6.719   -5.661  1.00   24.77 ? 2029 HOH A O   1 
HETATM 848 O  O   . HOH F 5 .  ? -8.861  -2.608  -12.114 1.00   47.42 ? 2030 HOH A O   1 
HETATM 849 O  O   . HOH F 5 .  ? -16.000 4.774   -6.162  1.00   49.75 ? 2031 HOH A O   1 
HETATM 850 O  O   . HOH F 5 .  ? -17.216 -1.757  -3.052  1.00   49.76 ? 2032 HOH A O   1 
HETATM 851 O  O   . HOH F 5 .  ? -19.877 4.905   -5.549  1.00   56.65 ? 2033 HOH A O   1 
HETATM 852 O  O   . HOH F 5 .  ? -16.016 8.741   -1.854  1.00   65.61 ? 2034 HOH A O   1 
HETATM 853 O  O   . HOH F 5 .  ? -24.881 2.421   3.839   1.00   49.47 ? 2035 HOH A O   1 
HETATM 854 O  O   . HOH F 5 .  ? -22.514 4.479   3.156   1.00   47.28 ? 2036 HOH A O   1 
HETATM 855 O  O   . HOH F 5 .  ? -17.948 3.307   8.799   1.00   49.32 ? 2037 HOH A O   1 
HETATM 856 O  O   . HOH F 5 .  ? -25.103 -5.990  7.742   1.00   43.28 ? 2038 HOH A O   1 
HETATM 857 O  O   . HOH F 5 .  ? -21.152 -4.938  7.827   1.00   48.73 ? 2039 HOH A O   1 
HETATM 858 O  O   . HOH F 5 .  ? -15.037 2.687   7.874   1.00   36.97 ? 2040 HOH A O   1 
HETATM 859 O  O   . HOH F 5 .  ? -15.765 -4.795  6.472   1.00   40.93 ? 2041 HOH A O   1 
HETATM 860 O  O   . HOH F 5 .  ? -12.833 -1.796  0.162   1.00   24.59 ? 2042 HOH A O   1 
HETATM 861 O  O   . HOH F 5 .  ? -13.016 -7.546  5.575   1.00   38.56 ? 2043 HOH A O   1 
HETATM 862 O  O   . HOH F 5 .  ? -9.386  5.091   5.857   1.00   27.44 ? 2044 HOH A O   1 
HETATM 863 O  O   . HOH F 5 .  ? -11.595 6.469   7.102   1.00   45.57 ? 2045 HOH A O   1 
HETATM 864 O  O   . HOH F 5 .  ? -16.454 9.152   1.079   1.00   55.43 ? 2046 HOH A O   1 
HETATM 865 O  O   . HOH F 5 .  ? -14.041 9.914   0.284   1.00   59.19 ? 2047 HOH A O   1 
HETATM 866 O  O   . HOH F 5 .  ? -13.988 5.033   7.987   1.00   62.85 ? 2048 HOH A O   1 
HETATM 867 O  O   . HOH F 5 .  ? -11.586 9.203   1.461   1.00   52.32 ? 2049 HOH A O   1 
HETATM 868 O  O   . HOH F 5 .  ? -14.163 6.301   -6.852  1.00   50.81 ? 2050 HOH A O   1 
HETATM 869 O  O   . HOH F 5 .  ? -5.832  13.244  1.140   1.00   44.02 ? 2051 HOH A O   1 
HETATM 870 O  O   . HOH F 5 .  ? -5.790  12.915  -3.364  1.00   48.66 ? 2052 HOH A O   1 
HETATM 871 O  O   . HOH F 5 .  ? -11.748 7.192   -8.129  1.00   54.89 ? 2053 HOH A O   1 
HETATM 872 O  O   . HOH F 5 .  ? 1.683   12.308  -8.513  1.00   32.20 ? 2054 HOH A O   1 
HETATM 873 O  O   . HOH F 5 .  ? 6.510   11.683  -10.473 1.00   37.01 ? 2055 HOH A O   1 
HETATM 874 O  O   . HOH F 5 .  ? 5.329   -0.426  -15.200 1.00   49.12 ? 2056 HOH A O   1 
HETATM 875 O  O   . HOH F 5 .  ? 10.747  5.522   -11.810 1.00   42.75 ? 2057 HOH A O   1 
HETATM 876 O  O   . HOH F 5 .  ? 6.472   10.359  -3.311  1.00   50.25 ? 2058 HOH A O   1 
HETATM 877 O  O   . HOH F 5 .  ? -1.752  12.980  -0.579  1.00   50.14 ? 2059 HOH A O   1 
HETATM 878 O  O   . HOH F 5 .  ? 2.570   15.974  -1.201  1.00   55.44 ? 2060 HOH A O   1 
HETATM 879 O  O   . HOH F 5 .  ? 12.055  5.636   4.581   1.00   38.65 ? 2061 HOH A O   1 
HETATM 880 O  O   . HOH F 5 .  ? 7.912   9.138   0.690   1.00   41.52 ? 2062 HOH A O   1 
HETATM 881 O  O   . HOH F 5 .  ? 11.451  9.324   7.648   1.00   42.47 ? 2063 HOH A O   1 
HETATM 882 O  O   . HOH F 5 .  ? 13.711  4.258   10.395  1.00   51.29 ? 2064 HOH A O   1 
HETATM 883 O  O   . HOH F 5 .  ? 17.260  -2.457  1.325   1.00   29.22 ? 2065 HOH A O   1 
HETATM 884 O  O   . HOH F 5 .  ? 12.238  -10.134 8.431   1.00   55.97 ? 2066 HOH A O   1 
HETATM 885 O  O   . HOH F 5 .  ? 15.030  -9.347  0.465   1.00   56.19 ? 2067 HOH A O   1 
HETATM 886 O  O   . HOH F 5 .  ? 17.435  -0.875  -0.879  1.00   33.91 ? 2068 HOH A O   1 
HETATM 887 O  O   . HOH F 5 .  ? 17.934  -7.746  -4.217  1.00   49.35 ? 2069 HOH A O   1 
HETATM 888 O  O   . HOH F 5 .  ? 19.671  -4.599  -3.168  1.00   44.17 ? 2070 HOH A O   1 
HETATM 889 O  O   . HOH F 5 .  ? 21.127  -2.239  4.220   1.00   45.93 ? 2071 HOH A O   1 
HETATM 890 O  O   . HOH F 5 .  ? 21.150  -7.094  4.693   1.00   46.61 ? 2072 HOH A O   1 
HETATM 891 O  O   . HOH F 5 .  ? 20.603  -3.311  -0.926  1.00   51.23 ? 2073 HOH A O   1 
HETATM 892 O  O   . HOH F 5 .  ? -10.765 -2.912  -3.481  1.00   36.12 ? 2074 HOH A O   1 
HETATM 893 O  O   . HOH F 5 .  ? -9.537  -12.602 5.912   1.00   46.21 ? 2075 HOH A O   1 
HETATM 894 O  O   . HOH F 5 .  ? -10.666 -8.730  4.864   1.00   36.65 ? 2076 HOH A O   1 
# 
